data_6D8P
#
_entry.id   6D8P
#
_cell.length_a   68.234
_cell.length_b   119.216
_cell.length_c   117.648
_cell.angle_alpha   90.000
_cell.angle_beta   95.620
_cell.angle_gamma   90.000
#
_symmetry.space_group_name_H-M   'P 1 21 1'
#
loop_
_entity.id
_entity.type
_entity.pdbx_description
1 polymer 'Uncharacterized protein'
2 polymer "RNA (5'-R(P*UP*UP*AP*CP*UP*GP*CP*AP*CP*AP*GP*GP*UP*GP*AP*CP*GP*A)-3')"
3 polymer "DNA (5'-D(P*TP*CP*GP*TP*CP*AP*CP*CP*TP*GP*TP*GP*CP*AP*GP*TP*AP*AP*C)-3')"
4 non-polymer 'MAGNESIUM ION'
5 non-polymer 'ACETATE ION'
6 non-polymer 'CACODYLATE ION'
7 non-polymer (4S)-2-METHYL-2,4-PENTANEDIOL
8 water water
#
loop_
_entity_poly.entity_id
_entity_poly.type
_entity_poly.pdbx_seq_one_letter_code
_entity_poly.pdbx_strand_id
1 'polypeptide(L)'
;MHHHHHHDYKDDDDKAPVQAADEMYDSNPHPDRRQLVSNGFEVNLPDQVEVIVRDLPDPSKVKEERTRLMGYWFVHWFDG
KLFHLRIKAGGPNVDGEHRAIRTAEHPWLLRARLDDALEEALPKYAAVKKRPFTFLAQKDELIDAAATAAGLSHRLLNSF
KVIPRFALSPKIYEPVDGTTRVGVFVTIGMRYDIEASLRDLLEAGIDLRGMYVVRRKRQPGERGLLGRVRAISDDMVQLF
EETDLASVNVNDAKLEGSKENFTRCLSALLGHNYKKLLNALDDQEAGYRTGPRFDDAVRRMGEFLAKKPIRLADNINAQV
GDRIVFSNEGQARNVRLAPKVEYVFDRTGAKSAEYAWRGLSQFGPFDRPSFANRSPRILVVYPSSTQGKVENFLSAFRDG
MGSNYSGFSKGFVDLMGLTKVEFVMCPVEVSSADRNGAHTKYNSAIEDKLAGAGEVHAGIVVLFEDHARLPDDRNPYIHT
KSLLLTLGVPTQQVRMPTVLLEPKSLQYTLQNFSIATYAKLNGTPWTVNHDKAINDELVVGMGLAELSGSRTEKRQRFVG
ITTVFAGDGSYLLGNVSKECEYEGYSDAIRESMTGILRELKKRNNWRPGDTVRVVFHAHRPLKRVDVASIVFECTREIGS
DQNIQMAFVTVSHDHPFVLIDRSERGLEAYKGSTARKGVFAPPRGAISRVGRLTRLLAVNSPQLIKRANTPLPTPLLVSL
HPDSTFKDVDYLAEQALKFTSLSWRSTLPAATPVTIFYSERIAELLGRLKSIPNWSSANLNIKLKWSRWFL
;
A,B
2 'polyribonucleotide' UUACUGCACAGGUGACGA E,C
3 'polydeoxyribonucleotide'
;(DC)(DT)(DG)(DT)(DC)(DG)(DT)(DC)(DA)(DC)(DC)(DT)(DG)(DT)(DG)(DC)(DA)(DG)(DT)(DA)
(DA)(DC)(DT)(DG)
;
J,G
#
loop_
_chem_comp.id
_chem_comp.type
_chem_comp.name
_chem_comp.formula
A RNA linking ADENOSINE-5'-MONOPHOSPHATE 'C10 H14 N5 O7 P'
ACT non-polymer 'ACETATE ION' 'C2 H3 O2 -1'
C RNA linking CYTIDINE-5'-MONOPHOSPHATE 'C9 H14 N3 O8 P'
CAC non-polymer 'CACODYLATE ION' 'C2 H6 As O2 -1'
DA DNA linking 2'-DEOXYADENOSINE-5'-MONOPHOSPHATE 'C10 H14 N5 O6 P'
DC DNA linking 2'-DEOXYCYTIDINE-5'-MONOPHOSPHATE 'C9 H14 N3 O7 P'
DG DNA linking 2'-DEOXYGUANOSINE-5'-MONOPHOSPHATE 'C10 H14 N5 O7 P'
DT DNA linking THYMIDINE-5'-MONOPHOSPHATE 'C10 H15 N2 O8 P'
G RNA linking GUANOSINE-5'-MONOPHOSPHATE 'C10 H14 N5 O8 P'
MG non-polymer 'MAGNESIUM ION' 'Mg 2'
MPD non-polymer (4S)-2-METHYL-2,4-PENTANEDIOL 'C6 H14 O2'
U RNA linking URIDINE-5'-MONOPHOSPHATE 'C9 H13 N2 O9 P'
#
# COMPACT_ATOMS: atom_id res chain seq x y z
N ARG A 34 -51.71 -10.17 7.27
CA ARG A 34 -51.37 -9.32 8.40
C ARG A 34 -49.85 -9.27 8.69
N GLN A 35 -49.13 -10.33 8.31
CA GLN A 35 -47.79 -10.53 8.83
C GLN A 35 -46.72 -11.03 7.82
N LEU A 36 -45.54 -10.42 7.87
CA LEU A 36 -44.36 -10.95 7.18
C LEU A 36 -43.30 -11.35 8.19
N VAL A 37 -42.89 -12.62 8.13
CA VAL A 37 -41.90 -13.16 9.06
C VAL A 37 -40.49 -12.93 8.49
N SER A 38 -39.53 -12.56 9.34
CA SER A 38 -38.17 -12.35 8.88
C SER A 38 -37.32 -13.58 9.13
N ASN A 39 -36.06 -13.51 8.68
CA ASN A 39 -35.07 -14.55 8.96
C ASN A 39 -34.25 -14.21 10.21
N GLY A 40 -34.82 -13.39 11.11
CA GLY A 40 -34.10 -12.95 12.29
C GLY A 40 -34.80 -13.23 13.63
N PHE A 41 -34.01 -13.31 14.70
CA PHE A 41 -34.52 -13.56 16.05
C PHE A 41 -34.21 -12.41 16.99
N GLU A 42 -35.15 -12.10 17.89
CA GLU A 42 -34.89 -11.17 18.96
C GLU A 42 -33.72 -11.59 19.83
N VAL A 43 -32.91 -10.63 20.24
CA VAL A 43 -31.87 -10.87 21.24
C VAL A 43 -32.19 -10.08 22.53
N ASN A 44 -32.67 -10.79 23.53
CA ASN A 44 -32.88 -10.22 24.86
C ASN A 44 -31.53 -9.84 25.45
N LEU A 45 -31.29 -8.54 25.57
CA LEU A 45 -30.03 -8.02 26.08
C LEU A 45 -30.21 -7.40 27.48
N PRO A 46 -29.12 -7.28 28.26
CA PRO A 46 -29.23 -6.52 29.50
C PRO A 46 -29.62 -5.07 29.21
N ASP A 47 -30.37 -4.44 30.11
CA ASP A 47 -30.79 -3.04 29.93
C ASP A 47 -29.56 -2.16 29.85
N GLN A 48 -28.54 -2.57 30.57
CA GLN A 48 -27.40 -1.70 30.83
C GLN A 48 -26.15 -2.54 30.92
N VAL A 49 -25.04 -1.99 30.44
CA VAL A 49 -23.75 -2.65 30.63
C VAL A 49 -22.75 -1.62 31.15
N GLU A 50 -21.84 -2.09 32.00
CA GLU A 50 -20.88 -1.22 32.64
C GLU A 50 -19.52 -1.28 31.93
N VAL A 51 -19.00 -0.12 31.59
CA VAL A 51 -17.92 -0.04 30.62
C VAL A 51 -16.81 0.87 31.14
N ILE A 52 -15.66 0.90 30.48
CA ILE A 52 -14.65 1.91 30.81
C ILE A 52 -14.11 2.64 29.57
N VAL A 53 -14.03 3.97 29.66
CA VAL A 53 -13.71 4.78 28.48
C VAL A 53 -12.40 5.55 28.56
N ARG A 54 -11.59 5.40 27.52
CA ARG A 54 -10.41 6.22 27.32
C ARG A 54 -10.63 7.10 26.11
N ASP A 55 -10.23 8.37 26.20
CA ASP A 55 -10.15 9.18 24.99
C ASP A 55 -9.04 8.57 24.16
N LEU A 56 -9.26 8.45 22.86
CA LEU A 56 -8.27 7.84 21.98
C LEU A 56 -8.45 8.42 20.59
N PRO A 57 -7.82 9.58 20.32
CA PRO A 57 -8.02 10.31 19.07
C PRO A 57 -7.40 9.57 17.88
N ASP A 58 -6.20 9.01 18.05
CA ASP A 58 -5.58 8.25 16.97
C ASP A 58 -5.98 6.78 17.07
N PRO A 59 -6.79 6.32 16.11
CA PRO A 59 -7.37 4.97 16.16
C PRO A 59 -6.33 3.89 15.84
N SER A 60 -5.10 4.26 15.53
CA SER A 60 -4.12 3.25 15.16
C SER A 60 -3.61 2.44 16.36
N LYS A 61 -3.78 3.00 17.56
CA LYS A 61 -3.37 2.31 18.77
C LYS A 61 -4.30 1.14 19.12
N VAL A 62 -5.48 1.15 18.50
CA VAL A 62 -6.54 0.19 18.81
C VAL A 62 -6.15 -1.29 18.63
N LYS A 63 -5.53 -1.61 17.51
CA LYS A 63 -5.19 -3.00 17.20
C LYS A 63 -4.31 -3.66 18.24
N GLU A 64 -3.28 -2.94 18.69
CA GLU A 64 -2.34 -3.48 19.67
C GLU A 64 -2.99 -3.57 21.05
N GLU A 65 -3.90 -2.64 21.32
CA GLU A 65 -4.56 -2.56 22.62
C GLU A 65 -5.60 -3.67 22.76
N ARG A 66 -6.26 -3.99 21.66
CA ARG A 66 -7.19 -5.11 21.65
C ARG A 66 -6.42 -6.38 21.98
N THR A 67 -5.21 -6.47 21.42
CA THR A 67 -4.33 -7.63 21.61
C THR A 67 -3.84 -7.79 23.06
N ARG A 68 -3.44 -6.69 23.69
CA ARG A 68 -3.01 -6.70 25.09
C ARG A 68 -4.11 -7.13 26.07
N LEU A 69 -5.31 -6.60 25.88
CA LEU A 69 -6.42 -6.86 26.80
C LEU A 69 -7.20 -8.09 26.36
N MET A 70 -6.72 -8.73 25.30
CA MET A 70 -7.36 -9.91 24.73
C MET A 70 -7.77 -10.95 25.77
N GLY A 71 -8.95 -11.54 25.59
CA GLY A 71 -9.45 -12.57 26.48
C GLY A 71 -10.12 -12.04 27.72
N TYR A 72 -9.70 -10.87 28.19
CA TYR A 72 -10.20 -10.31 29.44
C TYR A 72 -11.16 -9.12 29.23
N TRP A 73 -10.98 -8.41 28.12
CA TRP A 73 -11.80 -7.25 27.80
C TRP A 73 -12.27 -7.28 26.35
N PHE A 74 -13.53 -6.93 26.12
CA PHE A 74 -13.97 -6.59 24.77
C PHE A 74 -13.69 -5.10 24.58
N VAL A 75 -13.08 -4.77 23.44
CA VAL A 75 -12.66 -3.40 23.18
C VAL A 75 -13.30 -2.86 21.89
N HIS A 76 -13.75 -1.61 21.91
CA HIS A 76 -14.46 -1.03 20.76
C HIS A 76 -14.21 0.47 20.57
N TRP A 77 -13.67 0.84 19.42
CA TRP A 77 -13.42 2.24 19.11
C TRP A 77 -14.62 2.89 18.42
N PHE A 78 -15.02 4.06 18.91
CA PHE A 78 -16.17 4.77 18.34
C PHE A 78 -16.16 6.23 18.76
N ASP A 79 -16.16 7.13 17.79
CA ASP A 79 -16.29 8.58 18.04
C ASP A 79 -15.15 9.14 18.90
N GLY A 80 -13.92 8.84 18.51
CA GLY A 80 -12.73 9.34 19.21
C GLY A 80 -12.50 8.80 20.61
N LYS A 81 -13.29 7.80 21.03
CA LYS A 81 -13.16 7.22 22.36
C LYS A 81 -13.02 5.69 22.27
N LEU A 82 -12.39 5.09 23.27
CA LEU A 82 -12.21 3.64 23.28
C LEU A 82 -13.00 3.05 24.43
N PHE A 83 -13.92 2.16 24.12
CA PHE A 83 -14.78 1.57 25.14
C PHE A 83 -14.28 0.18 25.53
N HIS A 84 -14.27 -0.12 26.82
CA HIS A 84 -13.85 -1.45 27.27
C HIS A 84 -14.93 -2.12 28.10
N LEU A 85 -15.29 -3.32 27.70
CA LEU A 85 -16.27 -4.10 28.44
C LEU A 85 -15.55 -5.32 29.01
N ARG A 86 -15.70 -5.58 30.30
CA ARG A 86 -14.92 -6.65 30.89
C ARG A 86 -15.58 -7.99 30.60
N ILE A 87 -14.81 -8.88 29.99
CA ILE A 87 -15.32 -10.19 29.62
C ILE A 87 -15.06 -11.20 30.74
N LYS A 88 -13.91 -11.05 31.38
CA LYS A 88 -13.42 -12.05 32.32
C LYS A 88 -12.61 -11.38 33.42
N ALA A 89 -12.90 -11.71 34.67
CA ALA A 89 -12.16 -11.18 35.81
C ALA A 89 -10.67 -11.56 35.71
N GLY A 90 -9.80 -10.67 36.18
CA GLY A 90 -8.37 -10.87 36.05
C GLY A 90 -7.72 -9.85 35.13
N GLY A 91 -6.46 -9.52 35.42
CA GLY A 91 -5.73 -8.52 34.66
C GLY A 91 -5.60 -8.82 33.18
N PRO A 92 -5.04 -7.88 32.40
CA PRO A 92 -4.54 -6.56 32.81
C PRO A 92 -5.63 -5.63 33.30
N ASN A 93 -5.23 -4.59 34.01
CA ASN A 93 -6.17 -3.56 34.44
C ASN A 93 -6.26 -2.48 33.38
N VAL A 94 -7.29 -1.64 33.49
CA VAL A 94 -7.50 -0.58 32.50
C VAL A 94 -7.84 0.74 33.18
N ASP A 95 -7.13 1.79 32.78
CA ASP A 95 -7.39 3.12 33.30
C ASP A 95 -8.42 3.81 32.43
N GLY A 96 -9.38 4.49 33.05
CA GLY A 96 -10.38 5.25 32.31
C GLY A 96 -11.54 5.69 33.17
N GLU A 97 -12.54 6.29 32.54
CA GLU A 97 -13.70 6.75 33.27
C GLU A 97 -14.82 5.71 33.20
N HIS A 98 -15.43 5.41 34.34
CA HIS A 98 -16.50 4.41 34.39
C HIS A 98 -17.85 5.00 33.99
N ARG A 99 -18.58 4.27 33.16
CA ARG A 99 -19.88 4.75 32.65
C ARG A 99 -20.83 3.58 32.40
N ALA A 100 -22.12 3.80 32.63
CA ALA A 100 -23.14 2.81 32.29
C ALA A 100 -23.63 3.06 30.87
N ILE A 101 -23.43 2.10 29.98
CA ILE A 101 -23.97 2.20 28.64
C ILE A 101 -25.30 1.45 28.56
N ARG A 102 -26.38 2.19 28.38
CA ARG A 102 -27.71 1.61 28.28
C ARG A 102 -27.99 1.15 26.85
N THR A 103 -28.52 -0.06 26.75
CA THR A 103 -28.69 -0.71 25.46
C THR A 103 -29.67 0.04 24.55
N ALA A 104 -30.81 0.43 25.09
CA ALA A 104 -31.82 1.18 24.32
C ALA A 104 -31.27 2.46 23.68
N GLU A 105 -30.30 3.09 24.34
CA GLU A 105 -29.69 4.33 23.84
C GLU A 105 -28.46 4.10 22.98
N HIS A 106 -27.63 3.11 23.31
CA HIS A 106 -26.41 2.90 22.54
C HIS A 106 -26.17 1.44 22.11
N PRO A 107 -27.07 0.91 21.26
CA PRO A 107 -27.05 -0.53 20.97
C PRO A 107 -25.86 -0.99 20.13
N TRP A 108 -25.05 -0.06 19.62
CA TRP A 108 -23.88 -0.42 18.81
C TRP A 108 -22.81 -1.17 19.61
N LEU A 109 -22.74 -0.94 20.91
CA LEU A 109 -21.72 -1.59 21.75
C LEU A 109 -21.98 -3.08 21.82
N LEU A 110 -23.14 -3.46 22.35
CA LEU A 110 -23.48 -4.87 22.48
C LEU A 110 -23.70 -5.56 21.13
N ARG A 111 -24.15 -4.82 20.12
CA ARG A 111 -24.23 -5.36 18.78
C ARG A 111 -22.85 -5.88 18.36
N ALA A 112 -21.82 -5.05 18.56
CA ALA A 112 -20.45 -5.40 18.23
C ALA A 112 -19.95 -6.58 19.06
N ARG A 113 -20.21 -6.57 20.36
CA ARG A 113 -19.80 -7.68 21.22
C ARG A 113 -20.51 -8.96 20.81
N LEU A 114 -21.76 -8.82 20.39
CA LEU A 114 -22.54 -9.96 19.93
C LEU A 114 -21.85 -10.67 18.74
N ASP A 115 -21.17 -9.92 17.87
CA ASP A 115 -20.42 -10.52 16.77
C ASP A 115 -19.41 -11.55 17.26
N ASP A 116 -18.65 -11.18 18.28
CA ASP A 116 -17.66 -12.09 18.86
C ASP A 116 -18.31 -13.19 19.71
N ALA A 117 -19.36 -12.85 20.45
CA ALA A 117 -20.00 -13.80 21.33
C ALA A 117 -20.69 -14.95 20.58
N LEU A 118 -21.17 -14.67 19.38
CA LEU A 118 -21.83 -15.70 18.57
C LEU A 118 -20.80 -16.75 18.17
N GLU A 119 -19.60 -16.29 17.84
CA GLU A 119 -18.51 -17.20 17.48
C GLU A 119 -18.15 -18.09 18.66
N GLU A 120 -18.01 -17.48 19.84
CA GLU A 120 -17.67 -18.21 21.05
C GLU A 120 -18.81 -19.13 21.48
N ALA A 121 -20.03 -18.80 21.08
CA ALA A 121 -21.17 -19.63 21.46
C ALA A 121 -21.26 -20.87 20.56
N LEU A 122 -20.58 -20.83 19.42
CA LEU A 122 -20.62 -21.96 18.49
C LEU A 122 -19.21 -22.54 18.25
N PRO A 123 -18.61 -23.10 19.31
CA PRO A 123 -17.18 -23.43 19.34
C PRO A 123 -16.82 -24.55 18.36
N LYS A 124 -17.76 -25.47 18.10
CA LYS A 124 -17.51 -26.58 17.19
C LYS A 124 -17.62 -26.16 15.72
N TYR A 125 -17.82 -24.87 15.48
CA TYR A 125 -17.96 -24.36 14.13
C TYR A 125 -16.92 -23.31 13.87
N ALA A 126 -15.94 -23.65 13.05
CA ALA A 126 -14.87 -22.71 12.71
C ALA A 126 -15.37 -21.59 11.80
N ALA A 127 -14.97 -20.36 12.13
CA ALA A 127 -15.36 -19.20 11.37
C ALA A 127 -14.61 -19.15 10.04
N VAL A 128 -15.31 -19.28 8.93
CA VAL A 128 -14.68 -19.05 7.63
C VAL A 128 -14.65 -17.54 7.35
N LYS A 129 -15.47 -16.81 8.09
CA LYS A 129 -15.46 -15.35 8.03
C LYS A 129 -16.07 -14.80 9.31
N LYS A 130 -15.66 -13.59 9.67
CA LYS A 130 -16.16 -12.93 10.87
C LYS A 130 -16.87 -11.66 10.48
N ARG A 131 -17.76 -11.18 11.36
CA ARG A 131 -18.47 -9.90 11.12
C ARG A 131 -19.13 -9.78 9.75
N PRO A 132 -20.17 -10.58 9.48
CA PRO A 132 -20.84 -11.51 10.39
C PRO A 132 -20.10 -12.85 10.48
N PHE A 133 -20.23 -13.48 11.64
CA PHE A 133 -19.76 -14.83 11.83
C PHE A 133 -20.36 -15.76 10.75
N THR A 134 -19.49 -16.42 9.98
CA THR A 134 -19.92 -17.30 8.90
C THR A 134 -19.26 -18.67 9.06
N PHE A 135 -20.03 -19.74 8.88
CA PHE A 135 -19.48 -21.07 9.12
C PHE A 135 -20.14 -22.13 8.24
N LEU A 136 -19.50 -23.29 8.16
CA LEU A 136 -19.99 -24.38 7.34
C LEU A 136 -20.73 -25.43 8.14
N ALA A 137 -21.76 -26.00 7.53
CA ALA A 137 -22.39 -27.21 8.04
C ALA A 137 -21.30 -28.25 8.30
N GLN A 138 -21.39 -28.96 9.42
CA GLN A 138 -20.32 -29.85 9.84
C GLN A 138 -20.34 -31.19 9.10
N LYS A 139 -21.49 -31.57 8.58
CA LYS A 139 -21.65 -32.88 7.97
C LYS A 139 -22.08 -32.80 6.52
N ASP A 140 -23.15 -32.06 6.26
CA ASP A 140 -23.76 -32.02 4.95
C ASP A 140 -22.77 -31.63 3.86
N GLU A 141 -22.92 -32.29 2.72
CA GLU A 141 -22.03 -32.09 1.57
C GLU A 141 -22.85 -32.56 0.37
N LEU A 142 -23.21 -31.63 -0.51
CA LEU A 142 -24.34 -31.88 -1.40
C LEU A 142 -23.99 -32.57 -2.70
N ILE A 143 -22.71 -32.54 -3.08
CA ILE A 143 -22.29 -33.23 -4.29
C ILE A 143 -22.36 -34.75 -4.05
N ASP A 144 -21.89 -35.21 -2.89
CA ASP A 144 -22.00 -36.62 -2.56
C ASP A 144 -23.46 -37.04 -2.51
N ALA A 145 -24.29 -36.23 -1.88
CA ALA A 145 -25.72 -36.55 -1.78
C ALA A 145 -26.40 -36.57 -3.16
N ALA A 146 -26.01 -35.61 -4.01
CA ALA A 146 -26.52 -35.52 -5.39
C ALA A 146 -26.11 -36.73 -6.23
N ALA A 147 -24.86 -37.16 -6.07
CA ALA A 147 -24.36 -38.33 -6.79
C ALA A 147 -25.12 -39.58 -6.39
N THR A 148 -25.49 -39.66 -5.11
CA THR A 148 -26.23 -40.81 -4.62
C THR A 148 -27.66 -40.84 -5.14
N ALA A 149 -28.33 -39.68 -5.12
CA ALA A 149 -29.71 -39.59 -5.59
C ALA A 149 -29.83 -39.83 -7.09
N ALA A 150 -28.78 -39.51 -7.83
CA ALA A 150 -28.77 -39.68 -9.28
C ALA A 150 -28.16 -41.01 -9.69
N GLY A 151 -27.51 -41.67 -8.74
CA GLY A 151 -26.82 -42.92 -9.03
C GLY A 151 -25.59 -42.73 -9.90
N LEU A 152 -24.83 -41.68 -9.62
CA LEU A 152 -23.55 -41.47 -10.28
C LEU A 152 -22.42 -41.76 -9.33
N SER A 153 -21.21 -41.72 -9.87
CA SER A 153 -19.99 -41.93 -9.09
C SER A 153 -18.78 -41.70 -10.00
N HIS A 154 -17.66 -41.36 -9.38
CA HIS A 154 -16.40 -41.19 -10.08
C HIS A 154 -15.36 -41.07 -8.98
N ARG A 155 -14.19 -41.63 -9.20
CA ARG A 155 -13.17 -41.67 -8.16
C ARG A 155 -12.72 -40.26 -7.74
N LEU A 156 -13.00 -39.26 -8.58
CA LEU A 156 -12.65 -37.87 -8.27
C LEU A 156 -13.81 -37.04 -7.69
N LEU A 157 -15.03 -37.57 -7.76
CA LEU A 157 -16.20 -36.84 -7.24
C LEU A 157 -16.05 -36.36 -5.79
N ASN A 158 -15.39 -37.16 -4.95
CA ASN A 158 -15.21 -36.80 -3.55
C ASN A 158 -14.37 -35.55 -3.37
N SER A 159 -13.66 -35.16 -4.41
CA SER A 159 -12.85 -33.94 -4.36
C SER A 159 -13.62 -32.67 -4.80
N PHE A 160 -14.88 -32.84 -5.22
CA PHE A 160 -15.76 -31.72 -5.53
C PHE A 160 -16.79 -31.56 -4.40
N LYS A 161 -16.83 -30.39 -3.79
CA LYS A 161 -17.68 -30.16 -2.60
C LYS A 161 -18.60 -28.95 -2.67
N VAL A 162 -19.83 -29.15 -2.22
CA VAL A 162 -20.79 -28.08 -2.05
C VAL A 162 -21.30 -28.21 -0.61
N ILE A 163 -20.95 -27.24 0.23
CA ILE A 163 -21.30 -27.32 1.64
C ILE A 163 -22.16 -26.12 2.03
N PRO A 164 -23.31 -26.37 2.68
CA PRO A 164 -24.13 -25.27 3.20
C PRO A 164 -23.28 -24.32 4.06
N ARG A 165 -23.49 -23.02 3.89
CA ARG A 165 -22.72 -21.97 4.56
C ARG A 165 -23.70 -21.02 5.28
N PHE A 166 -23.62 -20.91 6.59
CA PHE A 166 -24.56 -20.07 7.35
C PHE A 166 -23.85 -18.83 7.84
N ALA A 167 -24.55 -17.69 7.87
CA ALA A 167 -23.98 -16.49 8.50
C ALA A 167 -24.94 -15.97 9.57
N LEU A 168 -24.40 -15.38 10.63
CA LEU A 168 -25.26 -14.81 11.68
C LEU A 168 -24.92 -13.34 11.86
N SER A 169 -25.83 -12.47 11.43
CA SER A 169 -25.59 -11.03 11.41
C SER A 169 -26.38 -10.30 12.51
N PRO A 170 -25.70 -9.84 13.57
CA PRO A 170 -26.48 -9.06 14.53
C PRO A 170 -26.78 -7.68 13.95
N LYS A 171 -28.07 -7.30 13.92
CA LYS A 171 -28.46 -6.06 13.26
C LYS A 171 -29.35 -5.20 14.15
N ILE A 172 -29.17 -3.88 14.06
CA ILE A 172 -30.05 -2.97 14.77
C ILE A 172 -31.26 -2.68 13.92
N TYR A 173 -32.43 -2.75 14.53
CA TYR A 173 -33.67 -2.43 13.83
C TYR A 173 -34.59 -1.68 14.81
N GLU A 174 -35.70 -1.14 14.31
CA GLU A 174 -36.65 -0.39 15.14
C GLU A 174 -38.04 -1.00 15.12
N PRO A 175 -38.37 -1.80 16.14
CA PRO A 175 -39.71 -2.40 16.26
C PRO A 175 -40.82 -1.34 16.17
N VAL A 176 -40.53 -0.10 16.58
CA VAL A 176 -41.39 1.08 16.38
C VAL A 176 -40.48 2.32 16.37
N ASP A 177 -40.97 3.42 15.83
CA ASP A 177 -40.15 4.63 15.74
C ASP A 177 -39.63 5.10 17.11
N GLY A 178 -38.33 5.36 17.20
CA GLY A 178 -37.74 5.82 18.44
C GLY A 178 -37.27 4.71 19.36
N THR A 179 -37.64 3.47 19.09
CA THR A 179 -37.11 2.38 19.91
C THR A 179 -36.29 1.39 19.07
N THR A 180 -35.04 1.18 19.49
CA THR A 180 -34.14 0.25 18.83
C THR A 180 -34.03 -1.08 19.58
N ARG A 181 -33.65 -2.12 18.84
CA ARG A 181 -33.40 -3.44 19.40
C ARG A 181 -32.32 -4.11 18.57
N VAL A 182 -31.75 -5.19 19.09
CA VAL A 182 -30.76 -5.94 18.32
C VAL A 182 -31.36 -7.30 17.97
N GLY A 183 -31.24 -7.71 16.71
CA GLY A 183 -31.72 -9.03 16.31
C GLY A 183 -30.59 -9.78 15.64
N VAL A 184 -30.67 -11.11 15.60
CA VAL A 184 -29.68 -11.89 14.86
C VAL A 184 -30.31 -12.47 13.62
N PHE A 185 -29.75 -12.08 12.47
CA PHE A 185 -30.30 -12.49 11.19
C PHE A 185 -29.51 -13.63 10.55
N VAL A 186 -30.24 -14.69 10.18
CA VAL A 186 -29.64 -15.90 9.64
C VAL A 186 -29.69 -15.90 8.12
N THR A 187 -28.52 -16.10 7.50
CA THR A 187 -28.48 -16.29 6.05
C THR A 187 -27.76 -17.57 5.65
N ILE A 188 -28.12 -18.10 4.49
CA ILE A 188 -27.60 -19.38 4.01
C ILE A 188 -27.11 -19.24 2.58
N GLY A 189 -25.89 -19.69 2.33
CA GLY A 189 -25.38 -19.83 0.98
C GLY A 189 -24.73 -21.20 0.80
N MET A 190 -24.01 -21.37 -0.29
CA MET A 190 -23.31 -22.64 -0.53
C MET A 190 -21.85 -22.37 -0.86
N ARG A 191 -20.94 -23.07 -0.20
CA ARG A 191 -19.53 -22.96 -0.53
C ARG A 191 -19.24 -23.98 -1.62
N TYR A 192 -18.75 -23.52 -2.76
CA TYR A 192 -18.30 -24.42 -3.82
C TYR A 192 -16.79 -24.46 -3.77
N ASP A 193 -16.23 -25.67 -3.82
CA ASP A 193 -14.81 -25.84 -3.66
C ASP A 193 -14.32 -27.11 -4.39
N ILE A 194 -13.25 -26.98 -5.17
CA ILE A 194 -12.66 -28.12 -5.85
C ILE A 194 -11.30 -28.36 -5.23
N GLU A 195 -11.22 -29.25 -4.25
CA GLU A 195 -9.96 -29.42 -3.52
C GLU A 195 -8.96 -30.34 -4.21
N ALA A 196 -9.40 -30.99 -5.29
CA ALA A 196 -8.57 -31.89 -6.10
C ALA A 196 -7.24 -31.28 -6.49
N SER A 197 -6.18 -32.06 -6.34
CA SER A 197 -4.86 -31.60 -6.77
C SER A 197 -4.95 -31.40 -8.28
N LEU A 198 -4.26 -30.38 -8.78
CA LEU A 198 -4.25 -30.12 -10.23
C LEU A 198 -3.61 -31.30 -10.96
N ARG A 199 -2.71 -31.99 -10.27
CA ARG A 199 -2.04 -33.16 -10.82
C ARG A 199 -3.06 -34.24 -11.14
N ASP A 200 -3.97 -34.48 -10.19
CA ASP A 200 -4.99 -35.52 -10.34
C ASP A 200 -6.05 -35.16 -11.38
N LEU A 201 -6.18 -33.87 -11.67
CA LEU A 201 -7.20 -33.45 -12.62
C LEU A 201 -6.71 -33.59 -14.07
N LEU A 202 -5.44 -33.25 -14.30
CA LEU A 202 -4.81 -33.45 -15.61
C LEU A 202 -4.99 -34.88 -16.10
N GLU A 203 -4.73 -35.83 -15.20
CA GLU A 203 -4.96 -37.23 -15.49
C GLU A 203 -6.29 -37.68 -14.85
N ALA A 204 -7.37 -37.73 -15.62
CA ALA A 204 -7.40 -37.50 -17.06
C ALA A 204 -8.86 -37.27 -17.41
N GLY A 205 -9.13 -36.51 -18.46
CA GLY A 205 -8.11 -35.80 -19.20
C GLY A 205 -8.64 -34.40 -19.38
N ILE A 206 -8.85 -33.72 -18.26
CA ILE A 206 -9.41 -32.39 -18.26
C ILE A 206 -8.38 -31.38 -18.72
N ASP A 207 -8.73 -30.58 -19.72
CA ASP A 207 -7.84 -29.54 -20.15
C ASP A 207 -7.93 -28.37 -19.16
N LEU A 208 -6.89 -28.23 -18.34
CA LEU A 208 -6.83 -27.19 -17.33
C LEU A 208 -6.41 -25.84 -17.89
N ARG A 209 -6.03 -25.81 -19.16
CA ARG A 209 -5.53 -24.57 -19.76
C ARG A 209 -6.64 -23.53 -19.82
N GLY A 210 -6.32 -22.31 -19.39
CA GLY A 210 -7.28 -21.23 -19.38
C GLY A 210 -8.04 -21.11 -18.08
N MET A 211 -8.07 -22.19 -17.29
CA MET A 211 -8.81 -22.19 -16.03
C MET A 211 -8.15 -21.30 -15.01
N TYR A 212 -8.96 -20.57 -14.24
CA TYR A 212 -8.43 -19.70 -13.20
C TYR A 212 -8.05 -20.54 -11.98
N VAL A 213 -7.07 -20.06 -11.25
CA VAL A 213 -6.50 -20.83 -10.16
C VAL A 213 -6.22 -19.92 -8.98
N VAL A 214 -6.48 -20.45 -7.79
CA VAL A 214 -6.43 -19.64 -6.57
C VAL A 214 -5.49 -20.30 -5.54
N ARG A 215 -4.83 -19.47 -4.72
CA ARG A 215 -4.05 -19.99 -3.59
C ARG A 215 -4.83 -20.95 -2.69
N ARG A 216 -4.17 -22.01 -2.24
CA ARG A 216 -4.80 -23.00 -1.37
C ARG A 216 -4.83 -22.58 0.09
N LYS A 217 -3.86 -21.77 0.50
CA LYS A 217 -3.85 -21.24 1.86
C LYS A 217 -3.82 -19.70 1.82
N ARG A 218 -4.86 -19.08 2.34
CA ARG A 218 -4.96 -17.63 2.29
C ARG A 218 -4.26 -16.95 3.45
N GLN A 219 -3.00 -16.62 3.21
CA GLN A 219 -2.19 -15.79 4.08
C GLN A 219 -2.93 -14.50 4.41
N PRO A 220 -2.86 -14.06 5.68
CA PRO A 220 -3.66 -12.94 6.18
C PRO A 220 -3.46 -11.65 5.39
N GLY A 221 -4.48 -11.25 4.64
CA GLY A 221 -4.45 -10.01 3.90
C GLY A 221 -3.84 -10.13 2.52
N GLU A 222 -3.72 -11.36 2.02
CA GLU A 222 -3.17 -11.57 0.68
C GLU A 222 -4.21 -12.06 -0.33
N ARG A 223 -3.91 -11.82 -1.60
CA ARG A 223 -4.79 -12.14 -2.71
C ARG A 223 -4.94 -13.66 -2.84
N GLY A 224 -6.15 -14.10 -3.18
CA GLY A 224 -6.38 -15.49 -3.49
C GLY A 224 -6.07 -15.79 -4.94
N LEU A 225 -6.47 -14.89 -5.85
CA LEU A 225 -6.31 -15.14 -7.26
C LEU A 225 -4.82 -15.19 -7.66
N LEU A 226 -4.48 -16.15 -8.52
CA LEU A 226 -3.11 -16.32 -8.99
C LEU A 226 -3.00 -16.01 -10.47
N GLY A 227 -3.94 -16.53 -11.25
CA GLY A 227 -3.92 -16.36 -12.69
C GLY A 227 -4.60 -17.50 -13.41
N ARG A 228 -4.29 -17.66 -14.70
CA ARG A 228 -4.83 -18.76 -15.50
C ARG A 228 -3.75 -19.81 -15.77
N VAL A 229 -4.17 -21.06 -15.96
CA VAL A 229 -3.22 -22.13 -16.22
C VAL A 229 -2.79 -22.13 -17.68
N ARG A 230 -1.49 -21.96 -17.94
CA ARG A 230 -0.99 -22.11 -19.30
C ARG A 230 -0.50 -23.52 -19.56
N ALA A 231 0.29 -24.03 -18.62
CA ALA A 231 0.73 -25.41 -18.65
C ALA A 231 1.21 -25.83 -17.27
N ILE A 232 1.28 -27.14 -17.06
CA ILE A 232 1.89 -27.69 -15.86
C ILE A 232 3.03 -28.62 -16.29
N SER A 233 4.14 -28.58 -15.56
CA SER A 233 5.33 -29.36 -15.91
C SER A 233 5.67 -30.37 -14.83
N ASP A 234 6.62 -30.00 -13.98
CA ASP A 234 7.03 -30.87 -12.89
C ASP A 234 6.16 -30.60 -11.66
N ASP A 235 6.64 -29.70 -10.81
CA ASP A 235 5.91 -29.35 -9.60
C ASP A 235 5.36 -27.93 -9.70
N MET A 236 5.41 -27.35 -10.89
CA MET A 236 5.05 -25.95 -11.08
C MET A 236 3.95 -25.76 -12.11
N VAL A 237 3.06 -24.82 -11.85
CA VAL A 237 2.05 -24.42 -12.84
C VAL A 237 2.51 -23.18 -13.57
N GLN A 238 2.32 -23.17 -14.89
CA GLN A 238 2.63 -21.99 -15.70
C GLN A 238 1.40 -21.09 -15.81
N LEU A 239 1.52 -19.88 -15.29
CA LEU A 239 0.40 -18.96 -15.25
C LEU A 239 0.48 -17.88 -16.33
N PHE A 240 -0.65 -17.64 -17.00
CA PHE A 240 -0.83 -16.40 -17.76
C PHE A 240 -1.98 -15.57 -17.17
N GLU A 241 -1.92 -14.26 -17.37
CA GLU A 241 -2.73 -13.30 -16.62
C GLU A 241 -2.43 -13.46 -15.14
N GLU A 242 -1.17 -13.74 -14.84
CA GLU A 242 -0.74 -13.91 -13.46
C GLU A 242 -0.95 -12.64 -12.66
N THR A 243 -1.34 -12.79 -11.40
CA THR A 243 -1.58 -11.64 -10.53
C THR A 243 -0.30 -11.16 -9.89
N ASP A 244 0.63 -12.08 -9.66
CA ASP A 244 1.96 -11.75 -9.14
C ASP A 244 3.01 -12.55 -9.90
N LEU A 245 3.52 -13.59 -9.25
CA LEU A 245 4.54 -14.45 -9.88
C LEU A 245 3.95 -15.24 -11.05
N ALA A 246 4.78 -15.53 -12.04
CA ALA A 246 4.30 -16.14 -13.29
C ALA A 246 4.19 -17.66 -13.20
N SER A 247 4.45 -18.18 -12.01
CA SER A 247 4.37 -19.62 -11.75
C SER A 247 4.21 -19.86 -10.27
N VAL A 248 3.59 -20.99 -9.94
CA VAL A 248 3.30 -21.35 -8.56
C VAL A 248 3.41 -22.87 -8.44
N ASN A 249 3.78 -23.36 -7.25
CA ASN A 249 3.81 -24.79 -7.01
C ASN A 249 2.42 -25.40 -7.12
N VAL A 250 2.33 -26.56 -7.77
CA VAL A 250 1.07 -27.28 -7.92
C VAL A 250 0.40 -27.50 -6.57
N ASN A 251 1.22 -27.63 -5.52
CA ASN A 251 0.71 -27.89 -4.19
C ASN A 251 0.10 -26.66 -3.50
N ASP A 252 0.40 -25.47 -4.00
CA ASP A 252 -0.11 -24.28 -3.34
C ASP A 252 -1.31 -23.68 -4.08
N ALA A 253 -1.72 -24.33 -5.16
CA ALA A 253 -2.82 -23.82 -5.97
C ALA A 253 -3.95 -24.83 -6.16
N LYS A 254 -5.18 -24.35 -6.22
CA LYS A 254 -6.32 -25.16 -6.58
C LYS A 254 -7.15 -24.39 -7.60
N LEU A 255 -8.09 -25.06 -8.25
CA LEU A 255 -8.99 -24.36 -9.16
C LEU A 255 -9.91 -23.50 -8.30
N GLU A 256 -10.26 -22.30 -8.78
CA GLU A 256 -11.24 -21.50 -8.05
C GLU A 256 -12.58 -22.23 -8.16
N GLY A 257 -13.39 -22.17 -7.11
CA GLY A 257 -14.64 -22.91 -7.07
C GLY A 257 -15.78 -22.32 -7.86
N SER A 258 -15.50 -21.90 -9.10
CA SER A 258 -16.49 -21.26 -9.96
C SER A 258 -17.39 -22.30 -10.59
N LYS A 259 -18.59 -21.88 -11.00
CA LYS A 259 -19.48 -22.74 -11.75
C LYS A 259 -18.80 -23.21 -13.05
N GLU A 260 -18.00 -22.34 -13.65
CA GLU A 260 -17.30 -22.67 -14.88
C GLU A 260 -16.35 -23.84 -14.67
N ASN A 261 -15.48 -23.74 -13.69
CA ASN A 261 -14.57 -24.84 -13.39
C ASN A 261 -15.30 -26.11 -12.99
N PHE A 262 -16.37 -26.01 -12.22
CA PHE A 262 -17.15 -27.18 -11.85
C PHE A 262 -17.68 -27.87 -13.12
N THR A 263 -18.35 -27.12 -13.99
CA THR A 263 -18.95 -27.69 -15.19
C THR A 263 -17.90 -28.26 -16.15
N ARG A 264 -16.79 -27.57 -16.28
CA ARG A 264 -15.70 -28.01 -17.13
C ARG A 264 -15.14 -29.35 -16.67
N CYS A 265 -14.86 -29.44 -15.38
CA CYS A 265 -14.28 -30.64 -14.81
C CYS A 265 -15.24 -31.82 -14.86
N LEU A 266 -16.46 -31.61 -14.37
CA LEU A 266 -17.40 -32.71 -14.17
C LEU A 266 -17.99 -33.22 -15.49
N SER A 267 -18.20 -32.33 -16.46
CA SER A 267 -18.68 -32.76 -17.76
C SER A 267 -17.62 -33.61 -18.46
N ALA A 268 -16.35 -33.27 -18.22
CA ALA A 268 -15.25 -34.07 -18.75
C ALA A 268 -15.25 -35.44 -18.07
N LEU A 269 -15.48 -35.44 -16.77
CA LEU A 269 -15.45 -36.66 -15.98
C LEU A 269 -16.72 -37.48 -16.10
N LEU A 270 -17.86 -36.80 -16.13
CA LEU A 270 -19.16 -37.49 -16.08
C LEU A 270 -19.79 -37.69 -17.46
N GLY A 271 -19.36 -36.91 -18.45
CA GLY A 271 -19.91 -36.99 -19.79
C GLY A 271 -21.41 -36.78 -19.85
N HIS A 272 -22.12 -37.72 -20.47
CA HIS A 272 -23.56 -37.61 -20.66
C HIS A 272 -24.32 -37.49 -19.33
N ASN A 273 -23.70 -37.95 -18.25
CA ASN A 273 -24.37 -38.03 -16.96
C ASN A 273 -24.25 -36.77 -16.09
N TYR A 274 -23.39 -35.85 -16.49
CA TYR A 274 -23.13 -34.64 -15.71
C TYR A 274 -24.41 -33.83 -15.48
N LYS A 275 -25.27 -33.78 -16.49
CA LYS A 275 -26.57 -33.12 -16.37
C LYS A 275 -27.41 -33.75 -15.25
N LYS A 276 -27.33 -35.07 -15.13
CA LYS A 276 -28.05 -35.77 -14.07
C LYS A 276 -27.57 -35.27 -12.71
N LEU A 277 -26.28 -34.93 -12.63
CA LEU A 277 -25.68 -34.49 -11.38
C LEU A 277 -26.13 -33.08 -11.01
N LEU A 278 -26.09 -32.16 -11.98
CA LEU A 278 -26.48 -30.77 -11.73
C LEU A 278 -27.92 -30.66 -11.26
N ASN A 279 -28.82 -31.36 -11.93
CA ASN A 279 -30.22 -31.37 -11.54
C ASN A 279 -30.43 -31.97 -10.16
N ALA A 280 -29.64 -33.01 -9.85
CA ALA A 280 -29.64 -33.58 -8.51
C ALA A 280 -29.07 -32.57 -7.52
N LEU A 281 -27.97 -31.92 -7.89
CA LEU A 281 -27.41 -30.87 -7.04
C LEU A 281 -28.45 -29.75 -6.78
N ASP A 282 -29.14 -29.34 -7.83
CA ASP A 282 -30.22 -28.36 -7.75
C ASP A 282 -31.28 -28.76 -6.72
N ASP A 283 -31.80 -29.98 -6.83
CA ASP A 283 -32.73 -30.53 -5.84
C ASP A 283 -32.16 -30.47 -4.41
N GLN A 284 -30.90 -30.86 -4.24
CA GLN A 284 -30.23 -30.78 -2.95
C GLN A 284 -30.26 -29.36 -2.37
N GLU A 285 -29.76 -28.40 -3.12
CA GLU A 285 -29.67 -27.02 -2.65
C GLU A 285 -31.06 -26.44 -2.37
N ALA A 286 -32.03 -26.81 -3.20
CA ALA A 286 -33.40 -26.37 -2.99
C ALA A 286 -33.91 -26.81 -1.60
N GLY A 287 -33.34 -27.89 -1.08
CA GLY A 287 -33.67 -28.35 0.25
C GLY A 287 -33.16 -27.44 1.35
N TYR A 288 -32.54 -26.32 0.97
CA TYR A 288 -32.04 -25.35 1.93
C TYR A 288 -32.59 -23.97 1.62
N ARG A 289 -32.95 -23.74 0.37
CA ARG A 289 -33.07 -22.38 -0.14
C ARG A 289 -34.53 -22.03 -0.34
N THR A 290 -35.35 -23.04 -0.61
CA THR A 290 -36.75 -22.76 -0.91
C THR A 290 -37.48 -22.27 0.36
N GLY A 291 -38.58 -21.54 0.17
CA GLY A 291 -39.29 -20.89 1.27
C GLY A 291 -39.46 -21.67 2.56
N PRO A 292 -40.27 -22.73 2.52
CA PRO A 292 -40.49 -23.54 3.73
C PRO A 292 -39.20 -24.20 4.21
N ARG A 293 -38.32 -24.57 3.30
CA ARG A 293 -37.05 -25.18 3.70
C ARG A 293 -36.14 -24.14 4.37
N PHE A 294 -36.14 -22.91 3.88
CA PHE A 294 -35.33 -21.86 4.49
C PHE A 294 -35.92 -21.44 5.83
N ASP A 295 -37.24 -21.30 5.87
CA ASP A 295 -37.93 -20.96 7.12
C ASP A 295 -37.63 -22.05 8.18
N ASP A 296 -37.61 -23.30 7.76
CA ASP A 296 -37.34 -24.42 8.67
C ASP A 296 -35.89 -24.40 9.16
N ALA A 297 -34.99 -24.09 8.25
CA ALA A 297 -33.57 -24.02 8.59
C ALA A 297 -33.28 -22.87 9.54
N VAL A 298 -33.94 -21.73 9.33
CA VAL A 298 -33.80 -20.60 10.24
C VAL A 298 -34.39 -20.94 11.60
N ARG A 299 -35.56 -21.57 11.61
CA ARG A 299 -36.16 -22.06 12.84
C ARG A 299 -35.16 -22.88 13.62
N ARG A 300 -34.55 -23.85 12.93
CA ARG A 300 -33.64 -24.81 13.55
C ARG A 300 -32.39 -24.14 14.08
N MET A 301 -31.95 -23.09 13.42
CA MET A 301 -30.80 -22.31 13.86
C MET A 301 -31.12 -21.53 15.13
N GLY A 302 -32.32 -20.97 15.20
CA GLY A 302 -32.75 -20.24 16.38
C GLY A 302 -32.84 -21.15 17.60
N GLU A 303 -33.41 -22.33 17.41
CA GLU A 303 -33.51 -23.31 18.49
C GLU A 303 -32.12 -23.63 19.02
N PHE A 304 -31.18 -23.88 18.12
CA PHE A 304 -29.80 -24.15 18.51
C PHE A 304 -29.18 -23.00 19.31
N LEU A 305 -29.31 -21.79 18.80
CA LEU A 305 -28.74 -20.60 19.44
C LEU A 305 -29.41 -20.30 20.79
N ALA A 306 -30.68 -20.65 20.92
CA ALA A 306 -31.42 -20.30 22.11
C ALA A 306 -31.31 -21.38 23.19
N LYS A 307 -30.71 -22.52 22.85
CA LYS A 307 -30.55 -23.63 23.80
C LYS A 307 -29.83 -23.24 25.10
N LYS A 308 -28.88 -22.32 24.98
CA LYS A 308 -28.12 -21.85 26.14
C LYS A 308 -28.02 -20.34 26.08
N PRO A 309 -27.78 -19.69 27.22
CA PRO A 309 -27.50 -18.24 27.15
C PRO A 309 -26.25 -18.00 26.34
N ILE A 310 -26.18 -16.83 25.72
CA ILE A 310 -24.98 -16.41 25.00
C ILE A 310 -24.15 -15.50 25.91
N ARG A 311 -22.90 -15.89 26.15
CA ARG A 311 -22.06 -15.21 27.12
C ARG A 311 -21.47 -13.90 26.61
N LEU A 312 -22.03 -12.79 27.07
CA LEU A 312 -21.53 -11.47 26.69
C LEU A 312 -20.34 -11.11 27.54
N ALA A 313 -20.37 -11.57 28.78
CA ALA A 313 -19.27 -11.49 29.72
C ALA A 313 -19.54 -12.56 30.75
N ASP A 314 -18.63 -12.73 31.71
CA ASP A 314 -18.84 -13.70 32.79
C ASP A 314 -20.15 -13.43 33.52
N ASN A 315 -20.40 -12.17 33.83
CA ASN A 315 -21.59 -11.77 34.57
C ASN A 315 -22.82 -11.67 33.68
N ILE A 316 -22.59 -11.45 32.39
CA ILE A 316 -23.63 -10.94 31.51
C ILE A 316 -24.05 -11.91 30.40
N ASN A 317 -25.34 -12.20 30.35
CA ASN A 317 -25.90 -13.10 29.34
C ASN A 317 -26.85 -12.42 28.35
N ALA A 318 -26.81 -12.86 27.08
CA ALA A 318 -27.82 -12.51 26.10
C ALA A 318 -28.67 -13.76 25.83
N GLN A 319 -29.90 -13.55 25.35
CA GLN A 319 -30.78 -14.68 25.07
C GLN A 319 -31.49 -14.52 23.74
N VAL A 320 -31.30 -15.50 22.86
CA VAL A 320 -31.95 -15.49 21.57
C VAL A 320 -33.40 -15.86 21.78
N GLY A 321 -34.30 -15.00 21.33
CA GLY A 321 -35.72 -15.14 21.57
C GLY A 321 -36.47 -15.49 20.31
N ASP A 322 -37.68 -14.93 20.20
CA ASP A 322 -38.60 -15.31 19.13
C ASP A 322 -38.21 -14.70 17.79
N ARG A 323 -38.71 -15.31 16.72
CA ARG A 323 -38.50 -14.80 15.37
C ARG A 323 -39.08 -13.40 15.25
N ILE A 324 -38.32 -12.48 14.67
CA ILE A 324 -38.78 -11.11 14.49
C ILE A 324 -39.79 -11.05 13.35
N VAL A 325 -40.83 -10.26 13.55
CA VAL A 325 -41.90 -10.18 12.58
C VAL A 325 -42.08 -8.72 12.14
N PHE A 326 -42.62 -8.53 10.94
CA PHE A 326 -43.06 -7.20 10.52
C PHE A 326 -44.57 -7.23 10.42
N SER A 327 -45.23 -6.56 11.35
CA SER A 327 -46.69 -6.56 11.38
C SER A 327 -47.17 -5.19 11.79
N ASN A 328 -48.49 -5.06 11.85
CA ASN A 328 -49.14 -3.81 12.24
C ASN A 328 -49.86 -3.90 13.61
N GLU A 329 -49.26 -4.58 14.57
CA GLU A 329 -49.84 -4.73 15.91
C GLU A 329 -48.80 -4.52 17.02
N GLY A 330 -49.14 -3.74 18.04
CA GLY A 330 -50.36 -2.97 18.11
C GLY A 330 -49.95 -1.51 17.97
N GLN A 331 -48.88 -1.14 18.67
CA GLN A 331 -48.27 0.17 18.48
C GLN A 331 -47.30 0.22 17.27
N ALA A 332 -47.11 -0.92 16.59
CA ALA A 332 -46.19 -0.98 15.44
C ALA A 332 -46.91 -0.87 14.10
N ARG A 333 -46.30 -0.15 13.17
CA ARG A 333 -46.86 -0.04 11.82
C ARG A 333 -45.74 -0.40 10.85
N ASN A 334 -45.54 -1.70 10.64
CA ASN A 334 -44.30 -2.16 10.01
C ASN A 334 -44.48 -2.87 8.67
N VAL A 335 -45.70 -3.01 8.20
CA VAL A 335 -45.92 -3.73 6.95
C VAL A 335 -47.07 -3.14 6.15
N ARG A 336 -46.87 -3.03 4.85
CA ARG A 336 -47.93 -2.60 3.96
C ARG A 336 -47.73 -3.16 2.57
N LEU A 337 -48.80 -3.13 1.78
CA LEU A 337 -48.76 -3.70 0.45
C LEU A 337 -49.06 -2.64 -0.58
N ALA A 338 -48.06 -2.25 -1.34
CA ALA A 338 -48.26 -1.29 -2.41
C ALA A 338 -49.21 -1.90 -3.43
N PRO A 339 -50.04 -1.05 -4.04
CA PRO A 339 -50.93 -1.49 -5.13
C PRO A 339 -50.14 -2.00 -6.33
N LYS A 340 -50.78 -2.85 -7.13
CA LYS A 340 -50.21 -3.33 -8.38
C LYS A 340 -49.79 -2.16 -9.26
N VAL A 341 -48.58 -2.25 -9.82
CA VAL A 341 -48.14 -1.25 -10.79
C VAL A 341 -49.05 -1.39 -11.98
N GLU A 342 -49.40 -0.27 -12.61
CA GLU A 342 -50.15 -0.33 -13.85
C GLU A 342 -49.25 0.12 -14.98
N TYR A 343 -49.19 -0.71 -16.00
CA TYR A 343 -48.57 -0.33 -17.25
C TYR A 343 -49.59 0.49 -18.01
N VAL A 344 -49.21 1.69 -18.45
CA VAL A 344 -50.16 2.55 -19.13
C VAL A 344 -49.78 2.86 -20.58
N PHE A 345 -50.78 2.81 -21.45
CA PHE A 345 -50.58 2.91 -22.89
C PHE A 345 -51.33 4.07 -23.55
N ASP A 346 -51.82 5.00 -22.74
CA ASP A 346 -52.38 6.23 -23.30
C ASP A 346 -52.26 7.37 -22.30
N ARG A 347 -52.50 8.60 -22.75
CA ARG A 347 -52.34 9.77 -21.89
C ARG A 347 -53.57 9.99 -21.01
N THR A 348 -54.69 9.41 -21.43
CA THR A 348 -55.94 9.53 -20.69
C THR A 348 -56.00 8.54 -19.53
N GLY A 349 -55.06 7.60 -19.53
CA GLY A 349 -54.95 6.61 -18.47
C GLY A 349 -55.95 5.48 -18.60
N ALA A 350 -56.86 5.62 -19.56
CA ALA A 350 -57.92 4.64 -19.77
C ALA A 350 -57.34 3.30 -20.20
N LYS A 351 -56.29 3.32 -21.01
CA LYS A 351 -55.66 2.08 -21.45
C LYS A 351 -54.53 1.68 -20.51
N SER A 352 -54.82 0.76 -19.60
CA SER A 352 -53.79 0.25 -18.72
C SER A 352 -53.88 -1.25 -18.59
N ALA A 353 -52.82 -1.85 -18.08
CA ALA A 353 -52.77 -3.28 -17.92
C ALA A 353 -51.84 -3.65 -16.78
N GLU A 354 -52.07 -4.82 -16.19
CA GLU A 354 -51.27 -5.29 -15.08
C GLU A 354 -49.92 -5.81 -15.58
N TYR A 355 -49.88 -6.23 -16.84
CA TYR A 355 -48.70 -6.80 -17.46
C TYR A 355 -48.32 -6.02 -18.72
N ALA A 356 -47.01 -5.83 -18.93
CA ALA A 356 -46.52 -5.06 -20.07
C ALA A 356 -46.97 -5.65 -21.40
N TRP A 357 -46.75 -6.95 -21.60
CA TRP A 357 -47.03 -7.52 -22.92
C TRP A 357 -48.53 -7.61 -23.21
N ARG A 358 -49.32 -7.95 -22.20
CA ARG A 358 -50.76 -8.03 -22.36
C ARG A 358 -51.27 -6.66 -22.78
N GLY A 359 -50.78 -5.64 -22.10
CA GLY A 359 -51.13 -4.28 -22.46
C GLY A 359 -50.67 -3.87 -23.84
N LEU A 360 -49.43 -4.19 -24.20
CA LEU A 360 -48.89 -3.73 -25.49
C LEU A 360 -49.61 -4.44 -26.62
N SER A 361 -49.93 -5.71 -26.41
CA SER A 361 -50.69 -6.52 -27.36
C SER A 361 -52.04 -5.90 -27.72
N GLN A 362 -52.77 -5.46 -26.70
CA GLN A 362 -54.11 -4.90 -26.88
C GLN A 362 -54.09 -3.52 -27.49
N PHE A 363 -53.34 -2.61 -26.87
CA PHE A 363 -53.46 -1.19 -27.17
C PHE A 363 -52.43 -0.65 -28.15
N GLY A 364 -51.33 -1.39 -28.32
CA GLY A 364 -50.18 -0.81 -28.98
C GLY A 364 -49.44 0.12 -28.03
N PRO A 365 -48.41 0.82 -28.52
CA PRO A 365 -47.55 1.60 -27.61
C PRO A 365 -48.13 2.93 -27.18
N PHE A 366 -47.64 3.41 -26.04
CA PHE A 366 -48.01 4.70 -25.46
C PHE A 366 -47.99 5.87 -26.45
N ASP A 367 -46.98 5.92 -27.31
CA ASP A 367 -46.85 7.07 -28.23
C ASP A 367 -47.33 6.80 -29.66
N ARG A 368 -48.16 5.78 -29.83
CA ARG A 368 -48.68 5.42 -31.16
C ARG A 368 -49.25 6.58 -31.98
N PRO A 369 -50.07 7.46 -31.35
CA PRO A 369 -50.62 8.54 -32.17
C PRO A 369 -49.57 9.57 -32.66
N SER A 370 -48.46 9.70 -31.95
CA SER A 370 -47.48 10.73 -32.35
C SER A 370 -46.16 10.19 -32.93
N PHE A 371 -45.99 8.87 -32.97
CA PHE A 371 -44.75 8.29 -33.44
C PHE A 371 -44.47 8.70 -34.90
N ALA A 372 -43.41 9.46 -35.10
CA ALA A 372 -43.05 10.04 -36.41
C ALA A 372 -42.72 9.02 -37.49
N ASN A 373 -41.72 8.17 -37.23
CA ASN A 373 -41.19 7.28 -38.28
C ASN A 373 -42.03 6.01 -38.50
N ARG A 374 -43.08 6.13 -39.28
CA ARG A 374 -43.95 4.98 -39.52
C ARG A 374 -43.43 3.98 -40.56
N SER A 375 -42.37 4.35 -41.29
CA SER A 375 -41.72 3.41 -42.22
C SER A 375 -40.22 3.32 -41.98
N PRO A 376 -39.80 2.77 -40.83
CA PRO A 376 -38.37 2.70 -40.51
C PRO A 376 -37.61 1.85 -41.54
N ARG A 377 -36.42 2.31 -41.89
CA ARG A 377 -35.49 1.52 -42.70
C ARG A 377 -34.42 0.97 -41.77
N ILE A 378 -34.31 -0.35 -41.74
CA ILE A 378 -33.37 -0.99 -40.83
C ILE A 378 -32.26 -1.76 -41.57
N LEU A 379 -31.02 -1.39 -41.32
CA LEU A 379 -29.88 -2.07 -41.90
C LEU A 379 -29.77 -3.39 -41.16
N VAL A 380 -29.52 -4.48 -41.87
CA VAL A 380 -29.29 -5.77 -41.23
C VAL A 380 -27.91 -6.30 -41.63
N VAL A 381 -27.00 -6.35 -40.66
CA VAL A 381 -25.64 -6.76 -40.88
C VAL A 381 -25.44 -8.16 -40.33
N TYR A 382 -24.92 -9.08 -41.15
CA TYR A 382 -24.89 -10.49 -40.76
C TYR A 382 -23.86 -11.28 -41.58
N PRO A 383 -23.32 -12.37 -41.01
CA PRO A 383 -22.37 -13.20 -41.76
C PRO A 383 -23.08 -13.76 -42.97
N SER A 384 -22.48 -13.66 -44.16
CA SER A 384 -23.14 -14.11 -45.37
C SER A 384 -23.67 -15.55 -45.26
N SER A 385 -22.95 -16.42 -44.56
CA SER A 385 -23.34 -17.83 -44.46
C SER A 385 -24.63 -18.04 -43.68
N THR A 386 -25.09 -17.01 -42.97
CA THR A 386 -26.27 -17.19 -42.14
C THR A 386 -27.52 -16.68 -42.82
N GLN A 387 -27.40 -16.29 -44.09
CA GLN A 387 -28.51 -15.68 -44.82
C GLN A 387 -29.89 -16.26 -44.55
N GLY A 388 -30.01 -17.57 -44.73
CA GLY A 388 -31.28 -18.25 -44.58
C GLY A 388 -31.81 -18.07 -43.17
N LYS A 389 -30.98 -18.33 -42.17
CA LYS A 389 -31.40 -18.16 -40.76
C LYS A 389 -31.88 -16.74 -40.45
N VAL A 390 -31.19 -15.73 -40.99
CA VAL A 390 -31.52 -14.33 -40.70
C VAL A 390 -32.85 -13.91 -41.33
N GLU A 391 -33.07 -14.34 -42.57
CA GLU A 391 -34.35 -14.09 -43.26
C GLU A 391 -35.52 -14.68 -42.47
N ASN A 392 -35.37 -15.91 -42.01
CA ASN A 392 -36.40 -16.53 -41.18
C ASN A 392 -36.66 -15.71 -39.91
N PHE A 393 -35.57 -15.29 -39.26
CA PHE A 393 -35.68 -14.44 -38.07
C PHE A 393 -36.36 -13.11 -38.35
N LEU A 394 -35.93 -12.42 -39.41
CA LEU A 394 -36.50 -11.12 -39.79
C LEU A 394 -37.98 -11.21 -40.11
N SER A 395 -38.36 -12.28 -40.81
CA SER A 395 -39.76 -12.52 -41.11
C SER A 395 -40.56 -12.74 -39.83
N ALA A 396 -40.06 -13.59 -38.94
CA ALA A 396 -40.70 -13.81 -37.65
C ALA A 396 -40.83 -12.46 -36.94
N PHE A 397 -39.76 -11.68 -36.95
CA PHE A 397 -39.72 -10.39 -36.25
C PHE A 397 -40.69 -9.35 -36.81
N ARG A 398 -40.61 -9.14 -38.13
CA ARG A 398 -41.43 -8.10 -38.75
C ARG A 398 -42.88 -8.50 -38.95
N ASP A 399 -43.12 -9.74 -39.40
CA ASP A 399 -44.45 -10.17 -39.78
C ASP A 399 -45.07 -11.19 -38.81
N GLY A 400 -44.37 -11.49 -37.73
CA GLY A 400 -44.95 -12.36 -36.72
C GLY A 400 -44.83 -13.85 -36.98
N MET A 401 -45.24 -14.64 -35.99
CA MET A 401 -45.13 -16.10 -36.07
C MET A 401 -46.49 -16.80 -36.24
N GLY A 402 -47.57 -16.01 -36.33
CA GLY A 402 -48.91 -16.54 -36.45
C GLY A 402 -49.49 -17.03 -35.14
N SER A 403 -50.70 -17.60 -35.19
CA SER A 403 -51.44 -17.90 -33.96
C SER A 403 -51.10 -19.22 -33.27
N ASN A 404 -50.22 -20.02 -33.87
CA ASN A 404 -49.64 -21.15 -33.15
C ASN A 404 -48.66 -20.69 -32.07
N TYR A 405 -48.13 -19.48 -32.25
CA TYR A 405 -47.21 -18.89 -31.26
C TYR A 405 -47.78 -17.56 -30.78
N SER A 406 -48.78 -17.66 -29.92
CA SER A 406 -49.59 -16.52 -29.52
C SER A 406 -48.81 -15.43 -28.79
N GLY A 407 -47.66 -15.76 -28.22
CA GLY A 407 -46.80 -14.77 -27.60
C GLY A 407 -46.24 -13.76 -28.59
N PHE A 408 -46.07 -14.15 -29.85
CA PHE A 408 -45.64 -13.19 -30.88
C PHE A 408 -46.29 -13.45 -32.23
N SER A 409 -47.60 -13.17 -32.33
CA SER A 409 -48.36 -13.45 -33.55
C SER A 409 -48.32 -12.31 -34.57
N LYS A 410 -48.58 -11.10 -34.12
CA LYS A 410 -48.72 -9.96 -35.02
C LYS A 410 -47.44 -9.57 -35.77
N GLY A 411 -46.31 -9.61 -35.07
CA GLY A 411 -45.09 -9.08 -35.62
C GLY A 411 -44.90 -7.59 -35.35
N PHE A 412 -43.66 -7.13 -35.48
CA PHE A 412 -43.27 -5.78 -35.11
C PHE A 412 -44.13 -4.69 -35.77
N VAL A 413 -44.46 -4.85 -37.05
CA VAL A 413 -45.13 -3.77 -37.75
C VAL A 413 -46.55 -3.56 -37.22
N ASP A 414 -47.31 -4.64 -37.08
CA ASP A 414 -48.67 -4.54 -36.55
C ASP A 414 -48.68 -4.27 -35.04
N LEU A 415 -47.79 -4.94 -34.30
CA LEU A 415 -47.61 -4.73 -32.86
C LEU A 415 -47.52 -3.25 -32.52
N MET A 416 -46.63 -2.53 -33.21
CA MET A 416 -46.32 -1.16 -32.89
C MET A 416 -47.18 -0.15 -33.64
N GLY A 417 -47.95 -0.63 -34.61
CA GLY A 417 -48.82 0.22 -35.39
C GLY A 417 -48.06 1.02 -36.43
N LEU A 418 -47.01 0.42 -36.99
CA LEU A 418 -46.27 1.06 -38.08
C LEU A 418 -46.94 0.74 -39.41
N THR A 419 -46.53 1.44 -40.47
CA THR A 419 -47.02 1.11 -41.79
C THR A 419 -46.20 -0.04 -42.39
N LYS A 420 -44.87 0.02 -42.24
CA LYS A 420 -44.01 -1.10 -42.64
C LYS A 420 -42.55 -0.96 -42.20
N VAL A 421 -41.80 -2.04 -42.34
CA VAL A 421 -40.35 -1.99 -42.13
C VAL A 421 -39.58 -2.46 -43.37
N GLU A 422 -38.61 -1.66 -43.76
CA GLU A 422 -37.81 -1.93 -44.93
C GLU A 422 -36.40 -2.29 -44.47
N PHE A 423 -35.96 -3.49 -44.82
CA PHE A 423 -34.62 -3.96 -44.45
C PHE A 423 -33.65 -3.72 -45.58
N VAL A 424 -32.50 -3.12 -45.27
CA VAL A 424 -31.43 -3.11 -46.25
C VAL A 424 -30.34 -4.08 -45.80
N MET A 425 -30.15 -5.10 -46.62
CA MET A 425 -29.43 -6.29 -46.23
C MET A 425 -27.96 -6.06 -46.41
N CYS A 426 -27.19 -6.31 -45.36
CA CYS A 426 -25.76 -6.07 -45.41
C CYS A 426 -24.96 -7.32 -45.04
N PRO A 427 -24.92 -8.30 -45.97
CA PRO A 427 -24.11 -9.49 -45.68
C PRO A 427 -22.63 -9.18 -45.48
N VAL A 428 -21.97 -9.93 -44.60
CA VAL A 428 -20.54 -9.77 -44.37
C VAL A 428 -19.84 -11.10 -44.68
N GLU A 429 -18.79 -11.07 -45.50
CA GLU A 429 -18.01 -12.25 -45.80
C GLU A 429 -17.08 -12.52 -44.63
N VAL A 430 -17.54 -13.33 -43.67
CA VAL A 430 -16.81 -13.47 -42.42
C VAL A 430 -17.20 -14.82 -41.80
N SER A 431 -16.23 -15.52 -41.23
CA SER A 431 -16.51 -16.83 -40.64
C SER A 431 -16.24 -16.83 -39.14
N SER A 432 -16.89 -17.75 -38.43
CA SER A 432 -16.75 -17.80 -36.98
C SER A 432 -15.32 -18.07 -36.53
N ALA A 433 -14.57 -18.79 -37.36
CA ALA A 433 -13.18 -19.12 -37.05
C ALA A 433 -12.26 -17.91 -37.10
N ASP A 434 -12.72 -16.86 -37.77
CA ASP A 434 -11.94 -15.64 -37.80
C ASP A 434 -12.02 -15.07 -36.39
N ARG A 435 -10.88 -14.88 -35.76
CA ARG A 435 -10.92 -14.23 -34.46
C ARG A 435 -10.08 -12.96 -34.39
N ASN A 436 -9.45 -12.60 -35.49
CA ASN A 436 -8.62 -11.42 -35.49
C ASN A 436 -9.08 -10.32 -36.42
N GLY A 437 -9.84 -10.67 -37.45
CA GLY A 437 -10.29 -9.67 -38.39
C GLY A 437 -11.80 -9.59 -38.60
N ALA A 438 -12.58 -10.13 -37.66
CA ALA A 438 -14.05 -10.09 -37.81
C ALA A 438 -14.60 -8.66 -37.78
N HIS A 439 -14.11 -7.87 -36.83
CA HIS A 439 -14.61 -6.52 -36.65
C HIS A 439 -14.29 -5.65 -37.86
N THR A 440 -13.08 -5.75 -38.41
CA THR A 440 -12.76 -4.93 -39.58
C THR A 440 -13.62 -5.29 -40.77
N LYS A 441 -13.93 -6.58 -40.93
CA LYS A 441 -14.81 -7.03 -42.00
C LYS A 441 -16.25 -6.54 -41.83
N TYR A 442 -16.77 -6.58 -40.61
CA TYR A 442 -18.09 -6.03 -40.35
C TYR A 442 -18.15 -4.53 -40.67
N ASN A 443 -17.16 -3.78 -40.19
CA ASN A 443 -17.19 -2.32 -40.35
C ASN A 443 -16.96 -1.89 -41.81
N SER A 444 -16.13 -2.62 -42.53
CA SER A 444 -15.91 -2.32 -43.93
C SER A 444 -17.20 -2.55 -44.70
N ALA A 445 -17.88 -3.66 -44.40
CA ALA A 445 -19.12 -3.95 -45.10
C ALA A 445 -20.19 -2.89 -44.82
N ILE A 446 -20.30 -2.48 -43.56
CA ILE A 446 -21.24 -1.43 -43.17
C ILE A 446 -20.96 -0.13 -43.91
N GLU A 447 -19.70 0.30 -43.90
CA GLU A 447 -19.33 1.53 -44.61
C GLU A 447 -19.68 1.46 -46.10
N ASP A 448 -19.40 0.32 -46.73
CA ASP A 448 -19.62 0.18 -48.18
C ASP A 448 -21.10 0.19 -48.51
N LYS A 449 -21.90 -0.44 -47.65
CA LYS A 449 -23.34 -0.50 -47.84
C LYS A 449 -24.01 0.86 -47.64
N LEU A 450 -23.66 1.57 -46.57
CA LEU A 450 -24.30 2.85 -46.28
C LEU A 450 -23.91 3.94 -47.29
N ALA A 451 -22.67 3.90 -47.76
CA ALA A 451 -22.19 4.84 -48.79
C ALA A 451 -23.14 4.94 -49.98
N GLY A 452 -23.87 3.87 -50.29
CA GLY A 452 -24.78 3.90 -51.42
C GLY A 452 -26.23 3.59 -51.11
N ALA A 453 -26.65 3.72 -49.85
CA ALA A 453 -27.97 3.25 -49.46
C ALA A 453 -28.92 4.30 -48.89
N GLY A 454 -28.51 5.55 -48.88
CA GLY A 454 -29.36 6.60 -48.32
C GLY A 454 -29.48 6.48 -46.80
N GLU A 455 -30.61 6.87 -46.25
CA GLU A 455 -30.74 7.01 -44.79
C GLU A 455 -31.28 5.74 -44.12
N VAL A 456 -30.60 5.27 -43.07
CA VAL A 456 -31.18 4.22 -42.23
C VAL A 456 -31.42 4.72 -40.79
N HIS A 457 -32.51 4.25 -40.19
CA HIS A 457 -32.97 4.74 -38.88
C HIS A 457 -32.54 3.84 -37.74
N ALA A 458 -32.19 2.61 -38.08
CA ALA A 458 -31.71 1.65 -37.11
C ALA A 458 -30.99 0.52 -37.82
N GLY A 459 -30.28 -0.30 -37.04
CA GLY A 459 -29.57 -1.45 -37.53
C GLY A 459 -29.79 -2.67 -36.66
N ILE A 460 -29.73 -3.84 -37.29
CA ILE A 460 -29.71 -5.10 -36.58
C ILE A 460 -28.38 -5.73 -36.94
N VAL A 461 -27.62 -6.14 -35.94
CA VAL A 461 -26.31 -6.75 -36.20
C VAL A 461 -26.33 -8.16 -35.65
N VAL A 462 -26.12 -9.14 -36.54
CA VAL A 462 -26.09 -10.54 -36.17
C VAL A 462 -24.66 -11.02 -35.92
N LEU A 463 -24.45 -11.65 -34.76
CA LEU A 463 -23.11 -12.02 -34.31
C LEU A 463 -22.95 -13.53 -34.13
N PHE A 464 -21.76 -14.04 -34.46
CA PHE A 464 -21.40 -15.42 -34.21
C PHE A 464 -21.13 -15.51 -32.73
N GLU A 465 -21.55 -16.62 -32.10
CA GLU A 465 -21.25 -16.84 -30.69
C GLU A 465 -19.77 -16.68 -30.36
N ASP A 466 -18.92 -17.22 -31.24
CA ASP A 466 -17.47 -17.22 -31.03
C ASP A 466 -16.84 -15.83 -31.12
N HIS A 467 -17.60 -14.85 -31.59
CA HIS A 467 -17.13 -13.47 -31.68
C HIS A 467 -17.64 -12.59 -30.54
N ALA A 468 -18.70 -13.04 -29.90
CA ALA A 468 -19.41 -12.24 -28.91
C ALA A 468 -18.52 -11.69 -27.80
N ARG A 469 -17.57 -12.50 -27.34
CA ARG A 469 -16.79 -12.11 -26.17
C ARG A 469 -15.29 -11.98 -26.45
N LEU A 470 -14.96 -11.85 -27.72
CA LEU A 470 -13.63 -11.41 -28.12
C LEU A 470 -13.26 -10.14 -27.38
N PRO A 471 -11.97 -9.95 -27.11
CA PRO A 471 -11.47 -8.71 -26.53
C PRO A 471 -11.90 -7.51 -27.38
N ASP A 472 -12.08 -6.35 -26.75
CA ASP A 472 -12.74 -5.22 -27.38
C ASP A 472 -11.99 -4.66 -28.59
N ASP A 473 -10.67 -4.80 -28.62
CA ASP A 473 -9.92 -4.33 -29.79
C ASP A 473 -10.27 -5.07 -31.10
N ARG A 474 -10.94 -6.22 -31.01
N ARG A 474 -10.91 -6.24 -30.99
CA ARG A 474 -11.34 -6.96 -32.22
CA ARG A 474 -11.30 -7.03 -32.16
C ARG A 474 -12.75 -7.56 -32.09
C ARG A 474 -12.72 -7.63 -32.02
N ASN A 475 -13.55 -7.00 -31.19
CA ASN A 475 -14.89 -7.51 -30.94
C ASN A 475 -15.90 -6.80 -31.84
N PRO A 476 -16.58 -7.56 -32.69
CA PRO A 476 -17.51 -6.93 -33.64
C PRO A 476 -18.77 -6.32 -33.03
N TYR A 477 -19.24 -6.81 -31.88
CA TYR A 477 -20.34 -6.16 -31.20
C TYR A 477 -19.97 -4.70 -30.98
N ILE A 478 -18.85 -4.49 -30.31
CA ILE A 478 -18.51 -3.14 -29.87
C ILE A 478 -18.09 -2.20 -31.01
N HIS A 479 -17.40 -2.74 -32.02
CA HIS A 479 -17.01 -1.97 -33.21
C HIS A 479 -18.19 -1.58 -34.08
N THR A 480 -19.10 -2.50 -34.33
CA THR A 480 -20.28 -2.15 -35.11
C THR A 480 -21.16 -1.21 -34.27
N LYS A 481 -21.30 -1.49 -32.97
CA LYS A 481 -22.05 -0.58 -32.09
C LYS A 481 -21.47 0.83 -32.21
N SER A 482 -20.14 0.91 -32.12
CA SER A 482 -19.43 2.17 -32.17
C SER A 482 -19.65 2.91 -33.48
N LEU A 483 -19.34 2.27 -34.59
CA LEU A 483 -19.50 2.87 -35.91
C LEU A 483 -20.95 3.36 -36.14
N LEU A 484 -21.93 2.52 -35.90
CA LEU A 484 -23.30 2.95 -36.16
C LEU A 484 -23.78 4.05 -35.19
N LEU A 485 -23.44 3.97 -33.92
CA LEU A 485 -23.75 5.06 -33.03
C LEU A 485 -23.08 6.36 -33.47
N THR A 486 -21.83 6.29 -33.92
CA THR A 486 -21.13 7.49 -34.38
C THR A 486 -21.91 8.15 -35.51
N LEU A 487 -22.45 7.33 -36.39
CA LEU A 487 -23.23 7.78 -37.53
C LEU A 487 -24.68 8.14 -37.17
N GLY A 488 -25.04 7.93 -35.91
CA GLY A 488 -26.35 8.29 -35.42
C GLY A 488 -27.40 7.21 -35.65
N VAL A 489 -26.96 5.96 -35.74
CA VAL A 489 -27.83 4.82 -36.03
C VAL A 489 -27.76 3.89 -34.83
N PRO A 490 -28.87 3.74 -34.09
CA PRO A 490 -28.80 2.84 -32.93
C PRO A 490 -28.93 1.40 -33.42
N THR A 491 -28.35 0.46 -32.70
CA THR A 491 -28.43 -0.94 -33.10
C THR A 491 -29.09 -1.87 -32.08
N GLN A 492 -29.81 -2.86 -32.58
CA GLN A 492 -30.21 -3.99 -31.74
C GLN A 492 -29.42 -5.18 -32.22
N GLN A 493 -28.50 -5.65 -31.40
CA GLN A 493 -27.69 -6.76 -31.85
C GLN A 493 -28.28 -8.09 -31.36
N VAL A 494 -27.71 -9.20 -31.84
CA VAL A 494 -28.27 -10.52 -31.59
C VAL A 494 -27.27 -11.62 -31.99
N ARG A 495 -27.15 -12.64 -31.14
CA ARG A 495 -26.19 -13.72 -31.38
C ARG A 495 -26.90 -14.84 -32.13
N MET A 496 -26.17 -15.58 -32.95
CA MET A 496 -26.77 -16.68 -33.73
C MET A 496 -27.54 -17.72 -32.89
N PRO A 497 -27.06 -18.07 -31.68
CA PRO A 497 -27.88 -19.06 -30.96
C PRO A 497 -29.27 -18.54 -30.65
N THR A 498 -29.41 -17.22 -30.50
CA THR A 498 -30.73 -16.61 -30.30
C THR A 498 -31.53 -16.64 -31.59
N VAL A 499 -30.88 -16.25 -32.67
CA VAL A 499 -31.49 -16.32 -34.00
C VAL A 499 -32.08 -17.71 -34.23
N LEU A 500 -31.41 -18.73 -33.70
CA LEU A 500 -31.79 -20.13 -33.91
C LEU A 500 -32.66 -20.75 -32.80
N LEU A 501 -33.18 -19.91 -31.90
CA LEU A 501 -34.05 -20.45 -30.85
C LEU A 501 -35.27 -21.21 -31.39
N GLU A 502 -35.63 -22.30 -30.72
CA GLU A 502 -36.89 -23.00 -30.98
C GLU A 502 -38.02 -21.99 -30.82
N PRO A 503 -39.09 -22.15 -31.62
CA PRO A 503 -40.20 -21.19 -31.71
C PRO A 503 -40.86 -20.80 -30.37
N LYS A 504 -40.95 -21.74 -29.44
CA LYS A 504 -41.58 -21.48 -28.16
C LYS A 504 -40.77 -20.48 -27.33
N SER A 505 -39.44 -20.51 -27.48
CA SER A 505 -38.58 -19.53 -26.81
C SER A 505 -38.46 -18.27 -27.64
N LEU A 506 -38.43 -18.44 -28.97
CA LEU A 506 -38.23 -17.32 -29.88
C LEU A 506 -39.29 -16.25 -29.71
N GLN A 507 -40.53 -16.68 -29.44
CA GLN A 507 -41.63 -15.71 -29.36
C GLN A 507 -41.39 -14.70 -28.24
N TYR A 508 -40.76 -15.14 -27.16
CA TYR A 508 -40.49 -14.24 -26.03
C TYR A 508 -39.28 -13.34 -26.31
N THR A 509 -38.23 -13.94 -26.85
CA THR A 509 -37.11 -13.19 -27.39
C THR A 509 -37.58 -12.02 -28.25
N LEU A 510 -38.52 -12.29 -29.15
CA LEU A 510 -38.97 -11.28 -30.11
C LEU A 510 -39.82 -10.20 -29.46
N GLN A 511 -40.53 -10.53 -28.38
CA GLN A 511 -41.18 -9.47 -27.59
C GLN A 511 -40.14 -8.46 -27.08
N ASN A 512 -39.09 -8.96 -26.45
CA ASN A 512 -38.08 -8.08 -25.85
C ASN A 512 -37.27 -7.34 -26.92
N PHE A 513 -37.00 -8.05 -28.01
CA PHE A 513 -36.32 -7.49 -29.15
C PHE A 513 -37.11 -6.32 -29.74
N SER A 514 -38.43 -6.49 -29.90
CA SER A 514 -39.29 -5.47 -30.50
C SER A 514 -39.43 -4.24 -29.63
N ILE A 515 -39.61 -4.46 -28.33
CA ILE A 515 -39.73 -3.34 -27.39
C ILE A 515 -38.48 -2.50 -27.39
N ALA A 516 -37.32 -3.12 -27.30
CA ALA A 516 -36.08 -2.34 -27.29
C ALA A 516 -35.83 -1.67 -28.64
N THR A 517 -36.15 -2.37 -29.73
CA THR A 517 -35.96 -1.80 -31.06
C THR A 517 -36.84 -0.57 -31.25
N TYR A 518 -38.11 -0.67 -30.83
CA TYR A 518 -39.06 0.44 -30.91
C TYR A 518 -38.52 1.64 -30.17
N ALA A 519 -38.06 1.44 -28.93
CA ALA A 519 -37.47 2.51 -28.14
C ALA A 519 -36.17 3.05 -28.76
N LYS A 520 -35.42 2.19 -29.45
CA LYS A 520 -34.21 2.65 -30.16
C LYS A 520 -34.60 3.57 -31.32
N LEU A 521 -35.81 3.37 -31.85
CA LEU A 521 -36.35 4.26 -32.86
C LEU A 521 -37.04 5.52 -32.30
N ASN A 522 -36.77 5.84 -31.03
CA ASN A 522 -37.36 6.95 -30.27
C ASN A 522 -38.72 6.63 -29.65
N GLY A 523 -39.15 5.37 -29.76
CA GLY A 523 -40.46 5.00 -29.28
C GLY A 523 -40.60 4.98 -27.76
N THR A 524 -41.83 5.10 -27.29
CA THR A 524 -42.16 4.93 -25.87
C THR A 524 -43.21 3.82 -25.77
N PRO A 525 -42.76 2.60 -25.46
CA PRO A 525 -43.63 1.42 -25.48
C PRO A 525 -44.76 1.52 -24.45
N TRP A 526 -44.45 1.94 -23.23
CA TRP A 526 -45.44 2.13 -22.17
C TRP A 526 -44.87 3.00 -21.03
N THR A 527 -45.74 3.44 -20.12
CA THR A 527 -45.26 4.08 -18.91
C THR A 527 -45.91 3.40 -17.74
N VAL A 528 -45.67 3.91 -16.55
CA VAL A 528 -46.31 3.38 -15.36
C VAL A 528 -47.11 4.46 -14.66
N ASN A 529 -48.23 4.05 -14.08
CA ASN A 529 -49.15 4.94 -13.41
C ASN A 529 -48.47 5.74 -12.33
N HIS A 530 -48.88 6.99 -12.21
CA HIS A 530 -48.45 7.85 -11.12
C HIS A 530 -49.47 8.98 -11.00
N ASP A 531 -49.96 9.23 -9.80
CA ASP A 531 -50.84 10.38 -9.66
C ASP A 531 -50.15 11.60 -9.05
N LYS A 532 -50.37 12.74 -9.70
CA LYS A 532 -49.92 14.09 -9.30
C LYS A 532 -49.13 14.26 -8.00
N ALA A 533 -49.86 14.54 -6.92
CA ALA A 533 -49.31 14.79 -5.58
C ALA A 533 -48.68 16.18 -5.42
N ILE A 534 -47.72 16.50 -6.27
CA ILE A 534 -47.08 17.81 -6.24
C ILE A 534 -46.85 18.30 -7.68
N ASN A 535 -46.35 19.53 -7.79
CA ASN A 535 -46.30 20.22 -9.09
C ASN A 535 -45.26 19.73 -10.09
N ASP A 536 -44.14 19.21 -9.61
CA ASP A 536 -43.15 18.60 -10.48
C ASP A 536 -42.26 17.66 -9.69
N GLU A 537 -41.79 16.61 -10.34
CA GLU A 537 -41.02 15.60 -9.65
C GLU A 537 -40.00 15.03 -10.63
N LEU A 538 -38.73 15.14 -10.26
CA LEU A 538 -37.61 14.65 -11.05
C LEU A 538 -36.90 13.56 -10.26
N VAL A 539 -36.63 12.43 -10.92
CA VAL A 539 -35.85 11.39 -10.30
C VAL A 539 -34.61 11.20 -11.16
N VAL A 540 -33.43 11.38 -10.57
CA VAL A 540 -32.20 11.08 -11.30
C VAL A 540 -31.43 9.92 -10.70
N GLY A 541 -30.92 9.06 -11.56
CA GLY A 541 -30.17 7.93 -11.08
C GLY A 541 -28.76 7.96 -11.62
N MET A 542 -27.84 7.41 -10.84
CA MET A 542 -26.50 7.19 -11.31
C MET A 542 -26.10 5.72 -11.16
N GLY A 543 -25.32 5.24 -12.11
CA GLY A 543 -24.93 3.85 -12.13
C GLY A 543 -23.47 3.75 -12.48
N LEU A 544 -22.85 2.65 -12.08
CA LEU A 544 -21.41 2.46 -12.19
C LEU A 544 -21.08 1.26 -13.06
N ALA A 545 -20.07 1.40 -13.91
CA ALA A 545 -19.45 0.23 -14.55
C ALA A 545 -17.95 0.24 -14.29
N GLU A 546 -17.35 -0.95 -14.21
CA GLU A 546 -15.95 -1.10 -13.89
C GLU A 546 -15.31 -2.01 -14.93
N LEU A 547 -14.46 -1.43 -15.76
CA LEU A 547 -14.09 -2.10 -16.98
C LEU A 547 -12.60 -2.44 -16.97
N SER A 548 -12.29 -3.64 -17.44
CA SER A 548 -10.90 -4.06 -17.65
C SER A 548 -10.88 -5.12 -18.73
N GLY A 549 -9.72 -5.32 -19.34
CA GLY A 549 -9.59 -6.32 -20.39
C GLY A 549 -9.45 -7.72 -19.83
N SER A 550 -9.07 -7.80 -18.55
CA SER A 550 -8.91 -9.09 -17.89
C SER A 550 -8.97 -8.91 -16.39
N ARG A 551 -9.11 -10.03 -15.69
CA ARG A 551 -9.20 -10.04 -14.24
C ARG A 551 -7.94 -9.55 -13.55
N THR A 552 -6.85 -9.51 -14.30
CA THR A 552 -5.55 -9.09 -13.77
C THR A 552 -5.36 -7.58 -13.88
N GLU A 553 -5.94 -6.99 -14.92
CA GLU A 553 -5.86 -5.54 -15.13
C GLU A 553 -6.87 -4.79 -14.25
N LYS A 554 -6.43 -3.74 -13.55
CA LYS A 554 -7.29 -3.03 -12.62
C LYS A 554 -8.47 -2.37 -13.34
N ARG A 555 -9.66 -2.53 -12.77
CA ARG A 555 -10.87 -2.03 -13.42
CA ARG A 555 -10.90 -2.03 -13.37
C ARG A 555 -10.96 -0.51 -13.35
N GLN A 556 -11.37 0.09 -14.46
CA GLN A 556 -11.55 1.53 -14.58
C GLN A 556 -13.04 1.85 -14.44
N ARG A 557 -13.36 2.84 -13.62
CA ARG A 557 -14.74 3.19 -13.31
C ARG A 557 -15.34 4.22 -14.23
N PHE A 558 -16.60 3.98 -14.61
CA PHE A 558 -17.33 4.90 -15.45
C PHE A 558 -18.72 5.05 -14.86
N VAL A 559 -19.35 6.20 -15.08
CA VAL A 559 -20.70 6.41 -14.59
C VAL A 559 -21.66 6.78 -15.73
N GLY A 560 -22.95 6.56 -15.49
CA GLY A 560 -24.00 7.06 -16.38
C GLY A 560 -25.08 7.71 -15.51
N ILE A 561 -25.85 8.60 -16.11
CA ILE A 561 -26.94 9.28 -15.42
C ILE A 561 -28.25 9.15 -16.21
N THR A 562 -29.33 8.85 -15.50
CA THR A 562 -30.63 8.67 -16.14
C THR A 562 -31.65 9.53 -15.40
N THR A 563 -32.56 10.18 -16.13
CA THR A 563 -33.59 10.99 -15.49
C THR A 563 -35.02 10.54 -15.86
N VAL A 564 -35.93 10.68 -14.90
CA VAL A 564 -37.34 10.34 -15.07
C VAL A 564 -38.17 11.48 -14.49
N PHE A 565 -39.24 11.88 -15.19
CA PHE A 565 -40.07 13.00 -14.77
C PHE A 565 -41.47 12.49 -14.45
N ALA A 566 -42.12 13.09 -13.46
CA ALA A 566 -43.54 12.82 -13.26
C ALA A 566 -44.28 13.53 -14.39
N GLY A 567 -45.13 12.80 -15.09
CA GLY A 567 -45.91 13.39 -16.18
C GLY A 567 -47.34 13.58 -15.70
N ASP A 568 -48.27 13.67 -16.65
CA ASP A 568 -49.68 13.91 -16.35
C ASP A 568 -50.16 12.89 -15.34
N GLY A 569 -50.44 11.69 -15.81
CA GLY A 569 -50.77 10.59 -14.91
C GLY A 569 -49.75 9.45 -14.95
N SER A 570 -48.54 9.74 -15.39
CA SER A 570 -47.54 8.68 -15.50
C SER A 570 -46.13 9.24 -15.55
N TYR A 571 -45.15 8.37 -15.32
CA TYR A 571 -43.76 8.75 -15.32
C TYR A 571 -43.20 8.77 -16.74
N LEU A 572 -42.31 9.71 -17.04
CA LEU A 572 -41.79 9.82 -18.39
C LEU A 572 -40.26 9.76 -18.37
N LEU A 573 -39.66 9.03 -19.30
CA LEU A 573 -38.22 8.86 -19.30
C LEU A 573 -37.63 10.12 -19.89
N GLY A 574 -36.64 10.71 -19.23
CA GLY A 574 -36.07 11.94 -19.73
C GLY A 574 -34.87 11.69 -20.62
N ASN A 575 -33.94 12.64 -20.62
CA ASN A 575 -32.67 12.46 -21.33
C ASN A 575 -31.65 11.74 -20.46
N VAL A 576 -30.55 11.39 -21.11
CA VAL A 576 -29.59 10.46 -20.57
C VAL A 576 -28.20 11.08 -20.77
N SER A 577 -27.23 10.70 -19.95
CA SER A 577 -25.87 11.26 -20.08
C SER A 577 -25.17 10.82 -21.36
N LYS A 578 -24.21 11.62 -21.81
CA LYS A 578 -23.36 11.24 -22.95
C LYS A 578 -21.90 11.20 -22.53
N GLU A 579 -21.60 11.75 -21.36
CA GLU A 579 -20.26 11.69 -20.80
C GLU A 579 -20.23 10.70 -19.62
N CYS A 580 -19.11 10.02 -19.41
CA CYS A 580 -19.07 8.91 -18.46
C CYS A 580 -17.95 8.90 -17.41
N GLU A 581 -17.14 9.97 -17.34
CA GLU A 581 -15.99 9.99 -16.41
C GLU A 581 -16.38 9.85 -14.93
N TYR A 582 -15.72 8.93 -14.23
CA TYR A 582 -16.01 8.72 -12.81
C TYR A 582 -15.57 9.92 -11.95
N GLU A 583 -14.42 10.49 -12.27
CA GLU A 583 -13.91 11.58 -11.46
C GLU A 583 -14.83 12.81 -11.59
N GLY A 584 -15.17 13.39 -10.44
CA GLY A 584 -16.07 14.53 -10.42
C GLY A 584 -17.52 14.13 -10.67
N TYR A 585 -17.88 12.89 -10.37
CA TYR A 585 -19.24 12.45 -10.61
C TYR A 585 -20.28 13.23 -9.83
N SER A 586 -19.92 13.75 -8.65
CA SER A 586 -20.90 14.51 -7.88
C SER A 586 -21.20 15.88 -8.52
N ASP A 587 -20.19 16.49 -9.14
CA ASP A 587 -20.44 17.70 -9.91
C ASP A 587 -21.37 17.37 -11.06
N ALA A 588 -21.25 16.15 -11.60
CA ALA A 588 -22.05 15.76 -12.74
C ALA A 588 -23.51 15.61 -12.34
N ILE A 589 -23.74 15.09 -11.13
CA ILE A 589 -25.11 14.94 -10.65
C ILE A 589 -25.70 16.32 -10.43
N ARG A 590 -24.89 17.18 -9.84
CA ARG A 590 -25.30 18.54 -9.47
CA ARG A 590 -25.31 18.53 -9.47
C ARG A 590 -25.69 19.35 -10.70
N GLU A 591 -24.86 19.26 -11.75
CA GLU A 591 -25.12 19.98 -12.98
C GLU A 591 -26.31 19.41 -13.75
N SER A 592 -26.49 18.09 -13.69
CA SER A 592 -27.64 17.46 -14.32
C SER A 592 -28.94 17.97 -13.68
N MET A 593 -28.99 17.92 -12.36
CA MET A 593 -30.16 18.37 -11.61
C MET A 593 -30.47 19.86 -11.81
N THR A 594 -29.47 20.73 -11.66
CA THR A 594 -29.70 22.18 -11.77
C THR A 594 -30.07 22.58 -13.19
N GLY A 595 -29.48 21.90 -14.17
CA GLY A 595 -29.81 22.17 -15.56
C GLY A 595 -31.25 21.78 -15.81
N ILE A 596 -31.63 20.63 -15.28
CA ILE A 596 -32.97 20.11 -15.52
C ILE A 596 -34.03 20.94 -14.80
N LEU A 597 -33.74 21.34 -13.56
CA LEU A 597 -34.66 22.17 -12.79
C LEU A 597 -34.94 23.48 -13.51
N ARG A 598 -33.88 24.10 -14.04
CA ARG A 598 -34.02 25.34 -14.82
C ARG A 598 -34.94 25.18 -16.01
N GLU A 599 -34.75 24.11 -16.76
CA GLU A 599 -35.61 23.83 -17.92
C GLU A 599 -37.03 23.48 -17.52
N LEU A 600 -37.18 22.72 -16.44
CA LEU A 600 -38.51 22.29 -15.97
C LEU A 600 -39.32 23.54 -15.59
N LYS A 601 -38.65 24.47 -14.93
CA LYS A 601 -39.31 25.71 -14.50
C LYS A 601 -39.78 26.56 -15.68
N LYS A 602 -38.86 26.83 -16.63
CA LYS A 602 -39.22 27.50 -17.89
C LYS A 602 -40.39 26.82 -18.57
N ARG A 603 -40.27 25.52 -18.80
CA ARG A 603 -41.32 24.76 -19.48
C ARG A 603 -42.66 24.90 -18.75
N ASN A 604 -42.65 24.61 -17.46
CA ASN A 604 -43.90 24.42 -16.75
C ASN A 604 -44.39 25.68 -16.09
N ASN A 605 -43.49 26.65 -15.92
CA ASN A 605 -43.85 27.96 -15.41
C ASN A 605 -44.50 27.83 -14.03
N TRP A 606 -43.72 27.31 -13.08
CA TRP A 606 -44.18 27.05 -11.72
C TRP A 606 -44.76 28.29 -11.06
N ARG A 607 -45.89 28.16 -10.38
CA ARG A 607 -46.47 29.30 -9.66
C ARG A 607 -45.78 29.44 -8.30
N PRO A 608 -45.72 30.68 -7.76
CA PRO A 608 -45.27 30.87 -6.37
C PRO A 608 -46.03 29.92 -5.43
N GLY A 609 -45.30 29.23 -4.56
CA GLY A 609 -45.96 28.32 -3.66
C GLY A 609 -45.99 26.89 -4.19
N ASP A 610 -45.68 26.68 -5.46
CA ASP A 610 -45.63 25.31 -6.01
C ASP A 610 -44.54 24.52 -5.31
N THR A 611 -44.73 23.22 -5.22
CA THR A 611 -43.73 22.38 -4.59
C THR A 611 -43.05 21.47 -5.64
N VAL A 612 -41.73 21.41 -5.58
CA VAL A 612 -40.94 20.60 -6.49
C VAL A 612 -40.17 19.56 -5.67
N ARG A 613 -40.13 18.33 -6.18
CA ARG A 613 -39.41 17.26 -5.51
C ARG A 613 -38.34 16.71 -6.42
N VAL A 614 -37.18 16.49 -5.83
CA VAL A 614 -36.08 15.81 -6.52
C VAL A 614 -35.68 14.59 -5.70
N VAL A 615 -35.69 13.43 -6.36
CA VAL A 615 -35.21 12.18 -5.81
C VAL A 615 -33.93 11.71 -6.52
N PHE A 616 -32.95 11.22 -5.74
CA PHE A 616 -31.74 10.60 -6.29
C PHE A 616 -31.69 9.10 -5.94
N HIS A 617 -31.33 8.27 -6.93
CA HIS A 617 -31.20 6.81 -6.79
C HIS A 617 -29.78 6.32 -7.11
N ALA A 618 -29.23 5.44 -6.26
CA ALA A 618 -27.98 4.75 -6.60
C ALA A 618 -27.86 3.49 -5.77
N HIS A 619 -26.88 2.66 -6.12
CA HIS A 619 -26.65 1.46 -5.34
C HIS A 619 -25.79 1.70 -4.12
N ARG A 620 -25.29 2.93 -3.96
CA ARG A 620 -24.50 3.34 -2.80
C ARG A 620 -24.99 4.71 -2.29
N PRO A 621 -24.74 5.01 -1.01
CA PRO A 621 -25.15 6.32 -0.49
C PRO A 621 -24.21 7.45 -0.91
N LEU A 622 -24.73 8.65 -1.11
CA LEU A 622 -23.86 9.82 -1.35
C LEU A 622 -23.21 10.31 -0.05
N LYS A 623 -22.11 11.03 -0.20
CA LYS A 623 -21.45 11.66 0.95
C LYS A 623 -22.36 12.75 1.44
N ARG A 624 -22.35 12.98 2.75
CA ARG A 624 -23.07 14.10 3.33
C ARG A 624 -22.66 15.41 2.68
N VAL A 625 -21.38 15.55 2.33
CA VAL A 625 -20.92 16.80 1.76
C VAL A 625 -21.47 16.98 0.35
N ASP A 626 -21.72 15.86 -0.33
CA ASP A 626 -22.30 15.94 -1.67
C ASP A 626 -23.78 16.25 -1.58
N VAL A 627 -24.47 15.67 -0.60
CA VAL A 627 -25.86 16.01 -0.40
C VAL A 627 -26.01 17.51 -0.11
N ALA A 628 -25.20 18.05 0.82
CA ALA A 628 -25.26 19.48 1.16
C ALA A 628 -25.09 20.36 -0.05
N SER A 629 -24.07 20.05 -0.84
CA SER A 629 -23.75 20.81 -2.03
C SER A 629 -24.85 20.71 -3.10
N ILE A 630 -25.42 19.52 -3.25
CA ILE A 630 -26.48 19.31 -4.25
C ILE A 630 -27.76 20.02 -3.82
N VAL A 631 -28.10 19.90 -2.54
CA VAL A 631 -29.27 20.57 -1.98
C VAL A 631 -29.13 22.10 -2.06
N PHE A 632 -27.96 22.63 -1.72
CA PHE A 632 -27.73 24.08 -1.81
C PHE A 632 -27.95 24.59 -3.23
N GLU A 633 -27.28 23.97 -4.20
CA GLU A 633 -27.36 24.38 -5.61
C GLU A 633 -28.74 24.28 -6.24
N CYS A 634 -29.48 23.23 -5.95
CA CYS A 634 -30.84 23.10 -6.47
C CYS A 634 -31.76 24.13 -5.82
N THR A 635 -31.55 24.36 -4.53
CA THR A 635 -32.40 25.30 -3.81
C THR A 635 -32.17 26.70 -4.37
N ARG A 636 -30.90 27.01 -4.61
CA ARG A 636 -30.55 28.31 -5.17
C ARG A 636 -31.11 28.40 -6.59
N GLU A 637 -30.97 27.33 -7.37
CA GLU A 637 -31.46 27.37 -8.74
C GLU A 637 -32.98 27.57 -8.84
N ILE A 638 -33.76 26.81 -8.08
CA ILE A 638 -35.20 27.01 -8.15
C ILE A 638 -35.61 28.37 -7.54
N GLY A 639 -34.86 28.83 -6.53
CA GLY A 639 -35.13 30.10 -5.89
C GLY A 639 -36.25 30.02 -4.86
N SER A 640 -36.58 31.16 -4.26
CA SER A 640 -37.46 31.20 -3.10
C SER A 640 -38.97 31.20 -3.40
N ASP A 641 -39.35 31.31 -4.67
CA ASP A 641 -40.79 31.29 -5.00
C ASP A 641 -41.43 29.92 -4.82
N GLN A 642 -40.63 28.86 -4.81
CA GLN A 642 -41.17 27.50 -4.72
C GLN A 642 -40.62 26.74 -3.53
N ASN A 643 -41.39 25.75 -3.06
CA ASN A 643 -40.89 24.81 -2.06
C ASN A 643 -40.15 23.64 -2.73
N ILE A 644 -38.99 23.26 -2.19
CA ILE A 644 -38.31 22.09 -2.72
C ILE A 644 -38.09 20.98 -1.68
N GLN A 645 -38.44 19.76 -2.08
CA GLN A 645 -38.23 18.55 -1.31
C GLN A 645 -37.18 17.67 -2.01
N MET A 646 -36.20 17.19 -1.27
CA MET A 646 -35.13 16.38 -1.85
C MET A 646 -34.86 15.08 -1.09
N ALA A 647 -34.81 13.97 -1.80
CA ALA A 647 -34.52 12.67 -1.17
C ALA A 647 -33.37 11.94 -1.85
N PHE A 648 -32.50 11.34 -1.03
CA PHE A 648 -31.39 10.59 -1.57
C PHE A 648 -31.47 9.15 -1.09
N VAL A 649 -31.59 8.24 -2.04
CA VAL A 649 -32.00 6.87 -1.77
C VAL A 649 -30.93 5.91 -2.23
N THR A 650 -30.58 4.92 -1.40
CA THR A 650 -29.83 3.81 -1.93
C THR A 650 -30.63 2.52 -1.99
N VAL A 651 -30.43 1.81 -3.09
CA VAL A 651 -31.09 0.54 -3.31
C VAL A 651 -30.02 -0.54 -3.15
N SER A 652 -30.22 -1.42 -2.16
CA SER A 652 -29.26 -2.48 -1.85
CA SER A 652 -29.26 -2.46 -1.85
C SER A 652 -29.87 -3.82 -2.19
N HIS A 653 -29.05 -4.72 -2.76
CA HIS A 653 -29.49 -6.07 -3.10
C HIS A 653 -28.95 -7.18 -2.15
N ASP A 654 -27.72 -7.03 -1.70
CA ASP A 654 -26.99 -8.08 -0.98
C ASP A 654 -26.83 -7.77 0.52
N HIS A 655 -27.96 -7.70 1.22
CA HIS A 655 -28.02 -7.40 2.66
C HIS A 655 -28.50 -8.69 3.35
N PRO A 656 -28.55 -8.72 4.70
CA PRO A 656 -28.86 -10.02 5.29
C PRO A 656 -30.34 -10.23 5.61
N PHE A 657 -31.24 -9.48 4.98
CA PHE A 657 -32.67 -9.52 5.32
C PHE A 657 -33.51 -10.35 4.34
N VAL A 658 -34.38 -11.19 4.87
CA VAL A 658 -35.34 -11.86 4.00
C VAL A 658 -36.76 -11.89 4.57
N LEU A 659 -37.74 -11.79 3.67
CA LEU A 659 -39.14 -11.76 4.03
C LEU A 659 -39.82 -13.11 3.71
N ILE A 660 -40.55 -13.63 4.69
CA ILE A 660 -41.28 -14.89 4.55
C ILE A 660 -42.79 -14.65 4.74
N ASP A 661 -43.59 -15.03 3.75
CA ASP A 661 -45.04 -14.94 3.89
C ASP A 661 -45.65 -16.34 4.05
N ARG A 662 -45.85 -16.75 5.30
CA ARG A 662 -46.29 -18.12 5.56
C ARG A 662 -47.70 -18.40 5.04
N SER A 663 -48.42 -17.34 4.69
CA SER A 663 -49.75 -17.49 4.13
C SER A 663 -49.72 -17.78 2.63
N GLU A 664 -48.52 -17.73 2.04
CA GLU A 664 -48.41 -17.89 0.58
C GLU A 664 -48.06 -19.34 0.19
N ARG A 665 -48.94 -19.98 -0.57
CA ARG A 665 -48.81 -21.40 -0.89
C ARG A 665 -48.06 -21.64 -2.18
N GLY A 666 -47.83 -20.57 -2.92
CA GLY A 666 -47.09 -20.67 -4.17
C GLY A 666 -48.01 -21.05 -5.31
N LEU A 667 -47.43 -21.31 -6.48
CA LEU A 667 -48.20 -21.65 -7.66
C LEU A 667 -47.61 -22.93 -8.19
N GLU A 668 -48.37 -23.66 -9.01
CA GLU A 668 -47.84 -24.84 -9.66
C GLU A 668 -46.64 -24.44 -10.52
N ALA A 669 -45.60 -25.27 -10.52
CA ALA A 669 -44.36 -24.97 -11.24
C ALA A 669 -44.65 -24.74 -12.73
N TYR A 670 -45.68 -25.40 -13.20
CA TYR A 670 -46.20 -25.26 -14.54
C TYR A 670 -47.53 -25.97 -14.49
N LYS A 671 -48.45 -25.63 -15.38
CA LYS A 671 -49.75 -26.28 -15.42
C LYS A 671 -49.60 -27.74 -15.85
N GLY A 672 -49.98 -28.67 -15.00
CA GLY A 672 -50.47 -28.37 -13.66
C GLY A 672 -49.97 -29.44 -12.70
N SER A 673 -48.80 -29.20 -12.13
CA SER A 673 -48.04 -30.24 -11.42
C SER A 673 -48.23 -30.29 -9.91
N THR A 674 -47.52 -31.23 -9.30
CA THR A 674 -47.48 -31.39 -7.85
C THR A 674 -46.62 -30.30 -7.22
N ALA A 675 -45.41 -30.14 -7.77
CA ALA A 675 -44.44 -29.16 -7.30
C ALA A 675 -45.01 -27.76 -7.34
N ARG A 676 -44.52 -26.91 -6.45
CA ARG A 676 -44.96 -25.54 -6.43
C ARG A 676 -43.74 -24.62 -6.48
N LYS A 677 -43.94 -23.40 -6.96
CA LYS A 677 -42.85 -22.43 -7.00
C LYS A 677 -43.25 -21.23 -6.16
N GLY A 678 -42.26 -20.49 -5.65
CA GLY A 678 -42.55 -19.31 -4.84
C GLY A 678 -43.43 -19.56 -3.61
N VAL A 679 -43.36 -20.75 -3.02
CA VAL A 679 -43.99 -20.98 -1.73
C VAL A 679 -43.39 -20.04 -0.69
N PHE A 680 -44.25 -19.37 0.08
CA PHE A 680 -43.86 -18.40 1.12
C PHE A 680 -43.28 -17.06 0.61
N ALA A 681 -43.36 -16.81 -0.70
CA ALA A 681 -42.84 -15.56 -1.25
C ALA A 681 -43.84 -14.43 -1.08
N PRO A 682 -43.42 -13.34 -0.42
CA PRO A 682 -44.29 -12.17 -0.25
C PRO A 682 -44.73 -11.64 -1.59
N PRO A 683 -45.91 -11.00 -1.62
CA PRO A 683 -46.39 -10.41 -2.87
C PRO A 683 -45.47 -9.27 -3.30
N ARG A 684 -45.47 -9.01 -4.60
CA ARG A 684 -44.71 -7.91 -5.17
C ARG A 684 -45.31 -6.61 -4.66
N GLY A 685 -44.47 -5.75 -4.10
CA GLY A 685 -44.99 -4.49 -3.60
C GLY A 685 -45.17 -4.50 -2.10
N ALA A 686 -44.95 -5.65 -1.47
CA ALA A 686 -44.94 -5.69 -0.01
C ALA A 686 -43.78 -4.84 0.47
N ILE A 687 -44.05 -3.99 1.45
CA ILE A 687 -43.05 -3.08 1.96
C ILE A 687 -42.99 -3.20 3.49
N SER A 688 -41.83 -3.56 4.03
CA SER A 688 -41.69 -3.69 5.48
C SER A 688 -40.73 -2.66 6.04
N ARG A 689 -41.03 -2.23 7.26
CA ARG A 689 -40.24 -1.23 7.95
C ARG A 689 -39.19 -1.91 8.81
N VAL A 690 -37.94 -1.61 8.53
CA VAL A 690 -36.85 -2.07 9.36
C VAL A 690 -36.52 -0.99 10.37
N GLY A 691 -36.43 0.25 9.89
CA GLY A 691 -36.11 1.38 10.75
C GLY A 691 -36.69 2.65 10.18
N ARG A 692 -36.41 3.77 10.81
CA ARG A 692 -36.94 5.04 10.34
C ARG A 692 -36.53 5.35 8.90
N LEU A 693 -35.32 4.98 8.52
CA LEU A 693 -34.78 5.35 7.21
C LEU A 693 -34.77 4.20 6.20
N THR A 694 -35.30 3.04 6.61
CA THR A 694 -35.09 1.83 5.83
C THR A 694 -36.34 1.00 5.63
N ARG A 695 -36.56 0.56 4.40
CA ARG A 695 -37.65 -0.36 4.08
C ARG A 695 -37.13 -1.55 3.29
N LEU A 696 -37.77 -2.69 3.47
CA LEU A 696 -37.61 -3.85 2.61
C LEU A 696 -38.75 -3.87 1.60
N LEU A 697 -38.42 -4.13 0.34
CA LEU A 697 -39.39 -4.08 -0.75
C LEU A 697 -39.36 -5.42 -1.47
N ALA A 698 -40.49 -6.13 -1.52
CA ALA A 698 -40.54 -7.41 -2.22
C ALA A 698 -40.80 -7.14 -3.70
N VAL A 699 -40.05 -7.77 -4.59
CA VAL A 699 -40.24 -7.51 -6.02
C VAL A 699 -40.60 -8.77 -6.79
N ASN A 700 -40.07 -9.92 -6.37
CA ASN A 700 -40.32 -11.17 -7.06
C ASN A 700 -41.46 -12.01 -6.46
N SER A 701 -42.66 -11.80 -6.97
CA SER A 701 -43.83 -12.56 -6.50
C SER A 701 -43.81 -14.01 -7.05
N PRO A 702 -44.68 -14.89 -6.52
CA PRO A 702 -44.72 -16.27 -7.04
C PRO A 702 -44.95 -16.37 -8.56
N GLN A 703 -45.79 -15.51 -9.11
CA GLN A 703 -45.98 -15.45 -10.57
C GLN A 703 -44.65 -15.25 -11.31
N LEU A 704 -43.80 -14.36 -10.80
CA LEU A 704 -42.52 -14.01 -11.45
C LEU A 704 -41.41 -15.01 -11.14
N ILE A 705 -41.58 -15.81 -10.08
CA ILE A 705 -40.58 -16.80 -9.72
C ILE A 705 -40.49 -17.90 -10.78
N LYS A 706 -39.28 -18.26 -11.18
CA LYS A 706 -39.08 -19.04 -12.40
C LYS A 706 -39.47 -20.52 -12.26
N ARG A 707 -39.02 -21.19 -11.21
CA ARG A 707 -39.24 -22.64 -11.10
C ARG A 707 -39.33 -23.11 -9.66
N ALA A 708 -39.73 -24.37 -9.50
CA ALA A 708 -39.95 -24.96 -8.19
C ALA A 708 -38.72 -24.83 -7.30
N ASN A 709 -37.56 -24.99 -7.91
CA ASN A 709 -36.31 -24.94 -7.16
C ASN A 709 -35.73 -23.54 -6.95
N THR A 710 -36.34 -22.53 -7.57
CA THR A 710 -35.94 -21.13 -7.32
C THR A 710 -36.01 -20.82 -5.83
N PRO A 711 -34.93 -20.29 -5.25
CA PRO A 711 -34.92 -19.99 -3.82
C PRO A 711 -35.97 -18.94 -3.46
N LEU A 712 -36.34 -18.89 -2.18
CA LEU A 712 -37.12 -17.79 -1.65
C LEU A 712 -36.41 -16.51 -2.06
N PRO A 713 -37.14 -15.60 -2.69
CA PRO A 713 -36.48 -14.40 -3.19
C PRO A 713 -35.97 -13.50 -2.07
N THR A 714 -35.08 -12.59 -2.40
CA THR A 714 -34.55 -11.62 -1.45
C THR A 714 -35.07 -10.24 -1.79
N PRO A 715 -35.61 -9.51 -0.80
CA PRO A 715 -36.21 -8.20 -1.11
C PRO A 715 -35.10 -7.15 -1.34
N LEU A 716 -35.43 -6.01 -1.96
CA LEU A 716 -34.51 -4.90 -2.04
C LEU A 716 -34.57 -4.13 -0.73
N LEU A 717 -33.41 -3.68 -0.25
CA LEU A 717 -33.38 -2.75 0.88
C LEU A 717 -33.31 -1.32 0.32
N VAL A 718 -34.27 -0.51 0.73
CA VAL A 718 -34.35 0.90 0.32
C VAL A 718 -34.00 1.78 1.51
N SER A 719 -32.94 2.59 1.39
CA SER A 719 -32.46 3.42 2.51
C SER A 719 -32.38 4.91 2.16
N LEU A 720 -33.03 5.72 2.99
CA LEU A 720 -33.05 7.17 2.81
C LEU A 720 -31.83 7.82 3.46
N HIS A 721 -31.15 8.70 2.74
CA HIS A 721 -30.01 9.41 3.29
C HIS A 721 -30.52 10.31 4.43
N PRO A 722 -29.84 10.29 5.59
CA PRO A 722 -30.34 11.04 6.75
C PRO A 722 -30.43 12.55 6.53
N ASP A 723 -29.63 13.07 5.61
CA ASP A 723 -29.70 14.51 5.34
C ASP A 723 -30.81 14.89 4.36
N SER A 724 -31.55 13.90 3.85
CA SER A 724 -32.70 14.17 2.97
C SER A 724 -33.76 15.09 3.62
N THR A 725 -34.30 16.04 2.84
CA THR A 725 -35.39 16.87 3.35
C THR A 725 -36.79 16.30 3.10
N PHE A 726 -36.92 15.38 2.15
CA PHE A 726 -38.16 14.64 1.97
C PHE A 726 -37.97 13.28 2.64
N LYS A 727 -38.91 12.89 3.50
CA LYS A 727 -38.67 11.78 4.44
C LYS A 727 -39.53 10.53 4.27
N ASP A 728 -40.44 10.53 3.31
CA ASP A 728 -41.40 9.43 3.18
C ASP A 728 -40.76 8.26 2.42
N VAL A 729 -40.09 7.36 3.15
CA VAL A 729 -39.37 6.24 2.52
C VAL A 729 -40.32 5.14 2.03
N ASP A 730 -41.53 5.06 2.59
CA ASP A 730 -42.57 4.21 2.04
C ASP A 730 -42.94 4.62 0.61
N TYR A 731 -43.23 5.91 0.41
CA TYR A 731 -43.42 6.45 -0.94
C TYR A 731 -42.23 6.11 -1.85
N LEU A 732 -41.03 6.45 -1.38
CA LEU A 732 -39.80 6.23 -2.16
C LEU A 732 -39.58 4.74 -2.50
N ALA A 733 -39.92 3.83 -1.58
CA ALA A 733 -39.84 2.40 -1.86
C ALA A 733 -40.80 2.00 -2.99
N GLU A 734 -42.06 2.48 -2.93
CA GLU A 734 -43.04 2.18 -3.99
C GLU A 734 -42.66 2.80 -5.36
N GLN A 735 -42.13 4.02 -5.32
CA GLN A 735 -41.60 4.67 -6.52
C GLN A 735 -40.49 3.81 -7.16
N ALA A 736 -39.58 3.27 -6.34
CA ALA A 736 -38.56 2.34 -6.82
C ALA A 736 -39.18 1.11 -7.48
N LEU A 737 -40.25 0.60 -6.88
CA LEU A 737 -41.00 -0.53 -7.43
C LEU A 737 -41.52 -0.20 -8.83
N LYS A 738 -42.28 0.88 -8.95
CA LYS A 738 -42.72 1.33 -10.27
C LYS A 738 -41.61 1.45 -11.33
N PHE A 739 -40.46 1.97 -10.94
CA PHE A 739 -39.37 2.24 -11.92
C PHE A 739 -38.72 0.95 -12.43
N THR A 740 -38.95 -0.11 -11.66
CA THR A 740 -38.52 -1.44 -11.97
C THR A 740 -39.37 -1.96 -13.15
N SER A 741 -40.59 -1.43 -13.26
CA SER A 741 -41.51 -1.83 -14.35
C SER A 741 -41.36 -0.96 -15.59
N LEU A 742 -40.55 0.08 -15.48
CA LEU A 742 -40.35 1.00 -16.59
C LEU A 742 -39.32 0.52 -17.61
N SER A 743 -38.65 -0.60 -17.35
CA SER A 743 -37.57 -1.04 -18.26
C SER A 743 -38.02 -1.46 -19.66
N TRP A 744 -37.42 -0.89 -20.70
CA TRP A 744 -37.76 -1.28 -22.07
C TRP A 744 -36.80 -2.31 -22.71
N ARG A 745 -35.96 -2.90 -21.88
CA ARG A 745 -35.11 -4.02 -22.30
C ARG A 745 -35.93 -5.30 -22.33
N SER A 746 -37.03 -5.31 -21.59
CA SER A 746 -37.80 -6.54 -21.43
C SER A 746 -39.25 -6.28 -21.09
N THR A 747 -40.07 -7.29 -21.34
CA THR A 747 -41.45 -7.24 -20.95
C THR A 747 -41.56 -7.51 -19.44
N LEU A 748 -40.63 -8.28 -18.90
CA LEU A 748 -40.62 -8.58 -17.47
C LEU A 748 -39.89 -7.46 -16.74
N PRO A 749 -40.22 -7.23 -15.47
CA PRO A 749 -39.59 -6.10 -14.78
C PRO A 749 -38.08 -6.29 -14.53
N ALA A 750 -37.36 -5.19 -14.29
CA ALA A 750 -35.93 -5.25 -14.03
C ALA A 750 -35.64 -5.49 -12.54
N ALA A 751 -34.42 -5.90 -12.26
CA ALA A 751 -33.99 -6.19 -10.88
C ALA A 751 -33.83 -4.93 -10.06
N THR A 752 -33.76 -3.78 -10.70
CA THR A 752 -33.48 -2.53 -10.01
C THR A 752 -34.10 -1.41 -10.84
N PRO A 753 -34.45 -0.27 -10.22
CA PRO A 753 -35.16 0.77 -10.98
C PRO A 753 -34.36 1.27 -12.17
N VAL A 754 -35.03 1.65 -13.25
CA VAL A 754 -34.31 2.06 -14.48
C VAL A 754 -33.40 3.28 -14.30
N THR A 755 -33.69 4.11 -13.30
CA THR A 755 -32.81 5.25 -13.00
C THR A 755 -31.37 4.78 -12.70
N ILE A 756 -31.24 3.60 -12.09
CA ILE A 756 -29.92 3.01 -11.84
C ILE A 756 -29.52 2.08 -12.99
N PHE A 757 -30.47 1.22 -13.40
CA PHE A 757 -30.22 0.17 -14.36
C PHE A 757 -29.77 0.70 -15.71
N TYR A 758 -30.54 1.61 -16.29
CA TYR A 758 -30.16 2.26 -17.54
C TYR A 758 -28.79 2.95 -17.41
N SER A 759 -28.54 3.59 -16.26
CA SER A 759 -27.27 4.26 -16.01
C SER A 759 -26.10 3.29 -16.06
N GLU A 760 -26.28 2.09 -15.50
CA GLU A 760 -25.24 1.07 -15.61
C GLU A 760 -24.99 0.66 -17.06
N ARG A 761 -26.06 0.43 -17.82
CA ARG A 761 -25.90 0.03 -19.24
C ARG A 761 -25.18 1.13 -20.03
N ILE A 762 -25.56 2.39 -19.80
CA ILE A 762 -24.90 3.54 -20.41
C ILE A 762 -23.42 3.65 -20.03
N ALA A 763 -23.12 3.52 -18.74
CA ALA A 763 -21.75 3.65 -18.26
C ALA A 763 -20.87 2.56 -18.89
N GLU A 764 -21.41 1.35 -18.99
CA GLU A 764 -20.64 0.25 -19.54
C GLU A 764 -20.34 0.47 -21.03
N LEU A 765 -21.38 0.77 -21.80
CA LEU A 765 -21.24 1.04 -23.22
C LEU A 765 -20.31 2.22 -23.49
N LEU A 766 -20.60 3.37 -22.87
CA LEU A 766 -19.78 4.55 -23.14
C LEU A 766 -18.34 4.35 -22.68
N GLY A 767 -18.17 3.69 -21.55
CA GLY A 767 -16.87 3.30 -21.04
C GLY A 767 -16.09 2.42 -22.02
N ARG A 768 -16.76 1.43 -22.59
CA ARG A 768 -16.11 0.58 -23.61
C ARG A 768 -15.84 1.35 -24.90
N LEU A 769 -16.76 2.22 -25.29
CA LEU A 769 -16.64 2.92 -26.56
C LEU A 769 -15.46 3.90 -26.54
N LYS A 770 -15.15 4.39 -25.35
CA LYS A 770 -14.09 5.36 -25.16
C LYS A 770 -12.75 4.84 -25.68
N SER A 771 -12.60 3.52 -25.73
CA SER A 771 -11.36 2.89 -26.17
C SER A 771 -11.38 2.36 -27.59
N ILE A 772 -12.48 2.55 -28.31
CA ILE A 772 -12.61 2.02 -29.65
C ILE A 772 -12.19 3.14 -30.63
N PRO A 773 -11.23 2.86 -31.51
CA PRO A 773 -10.80 3.96 -32.39
C PRO A 773 -11.89 4.39 -33.33
N ASN A 774 -11.94 5.71 -33.57
CA ASN A 774 -12.94 6.34 -34.46
C ASN A 774 -14.32 6.46 -33.80
N TRP A 775 -14.42 6.13 -32.51
CA TRP A 775 -15.67 6.39 -31.78
C TRP A 775 -15.88 7.90 -31.62
N SER A 776 -17.06 8.40 -31.97
CA SER A 776 -17.44 9.75 -31.51
C SER A 776 -18.86 9.80 -30.93
N SER A 777 -18.98 10.45 -29.78
CA SER A 777 -20.25 10.72 -29.15
C SER A 777 -21.04 11.88 -29.78
N ALA A 778 -20.51 12.47 -30.84
CA ALA A 778 -21.12 13.66 -31.45
C ALA A 778 -22.63 13.53 -31.75
N ASN A 779 -23.08 12.33 -32.13
CA ASN A 779 -24.50 12.15 -32.42
C ASN A 779 -25.38 11.78 -31.22
N LEU A 780 -24.79 11.48 -30.06
CA LEU A 780 -25.61 11.08 -28.92
C LEU A 780 -26.67 12.14 -28.53
N ASN A 781 -26.34 13.42 -28.68
CA ASN A 781 -27.30 14.47 -28.41
C ASN A 781 -27.86 15.11 -29.65
N ILE A 782 -27.62 14.50 -30.81
CA ILE A 782 -28.21 15.01 -32.02
C ILE A 782 -29.16 13.96 -32.58
N LYS A 783 -28.71 13.15 -33.53
CA LYS A 783 -29.60 12.12 -34.05
C LYS A 783 -30.14 11.16 -33.00
N LEU A 784 -29.39 10.97 -31.90
CA LEU A 784 -29.78 9.95 -30.92
C LEU A 784 -30.37 10.53 -29.63
N LYS A 785 -30.69 11.81 -29.65
CA LYS A 785 -31.14 12.50 -28.43
C LYS A 785 -32.36 11.82 -27.80
N TRP A 786 -33.27 11.33 -28.64
CA TRP A 786 -34.49 10.69 -28.12
C TRP A 786 -34.43 9.18 -28.28
N SER A 787 -33.32 8.66 -28.78
CA SER A 787 -33.18 7.22 -28.99
C SER A 787 -32.74 6.54 -27.71
N ARG A 788 -33.39 5.43 -27.39
CA ARG A 788 -33.00 4.65 -26.22
CA ARG A 788 -33.01 4.68 -26.21
C ARG A 788 -31.93 3.66 -26.66
N TRP A 789 -30.80 4.20 -27.11
CA TRP A 789 -29.74 3.45 -27.78
C TRP A 789 -28.98 2.51 -26.88
N PHE A 790 -29.14 2.68 -25.57
CA PHE A 790 -28.40 1.94 -24.56
C PHE A 790 -29.12 0.68 -24.10
N LEU A 791 -30.31 0.41 -24.61
CA LEU A 791 -31.09 -0.76 -24.15
C LEU A 791 -30.52 -2.09 -24.60
N ARG D 34 1.97 7.68 22.30
CA ARG D 34 2.85 6.61 21.83
C ARG D 34 4.00 6.35 22.81
N GLN D 35 4.80 5.33 22.51
CA GLN D 35 5.90 4.94 23.37
C GLN D 35 6.98 4.12 22.64
N LEU D 36 8.24 4.50 22.82
CA LEU D 36 9.38 3.77 22.29
C LEU D 36 10.21 3.16 23.43
N VAL D 37 10.59 1.90 23.27
CA VAL D 37 11.31 1.18 24.32
C VAL D 37 12.82 1.19 24.05
N SER D 38 13.64 1.37 25.09
CA SER D 38 15.10 1.40 24.95
C SER D 38 15.74 0.05 25.21
N ASN D 39 17.04 -0.04 24.96
CA ASN D 39 17.79 -1.27 25.21
C ASN D 39 18.53 -1.23 26.54
N GLY D 40 18.03 -0.40 27.46
CA GLY D 40 18.66 -0.24 28.76
C GLY D 40 17.73 -0.34 29.96
N PHE D 41 18.32 -0.52 31.14
CA PHE D 41 17.53 -0.69 32.37
C PHE D 41 17.88 0.34 33.43
N GLU D 42 16.85 0.81 34.14
CA GLU D 42 17.08 1.66 35.29
C GLU D 42 17.98 0.93 36.26
N VAL D 43 18.84 1.68 36.92
CA VAL D 43 19.67 1.16 37.99
C VAL D 43 19.29 1.96 39.21
N ASN D 44 18.76 1.28 40.23
CA ASN D 44 18.45 1.96 41.47
C ASN D 44 19.69 2.05 42.31
N LEU D 45 20.08 3.27 42.65
CA LEU D 45 21.31 3.50 43.39
C LEU D 45 20.99 4.15 44.72
N PRO D 46 21.84 3.91 45.74
CA PRO D 46 21.69 4.63 47.02
C PRO D 46 21.65 6.14 46.79
N ASP D 47 20.80 6.83 47.53
CA ASP D 47 20.65 8.27 47.35
C ASP D 47 21.95 9.00 47.65
N GLN D 48 22.76 8.39 48.51
CA GLN D 48 23.94 9.03 49.03
C GLN D 48 25.03 7.99 49.15
N VAL D 49 26.28 8.45 49.08
CA VAL D 49 27.39 7.58 49.38
C VAL D 49 28.48 8.43 50.03
N GLU D 50 29.17 7.84 51.00
CA GLU D 50 30.23 8.56 51.69
C GLU D 50 31.52 8.45 50.90
N VAL D 51 32.20 9.57 50.74
CA VAL D 51 33.42 9.64 49.95
C VAL D 51 34.44 10.47 50.74
N ILE D 52 35.71 10.15 50.58
CA ILE D 52 36.78 10.99 51.11
C ILE D 52 37.45 11.66 49.93
N VAL D 53 37.59 12.99 49.99
CA VAL D 53 38.12 13.74 48.87
C VAL D 53 39.42 14.43 49.27
N ARG D 54 40.42 14.38 48.41
CA ARG D 54 41.63 15.14 48.65
C ARG D 54 42.05 15.92 47.41
N ASP D 55 42.59 17.11 47.63
CA ASP D 55 43.18 17.89 46.56
C ASP D 55 44.31 17.09 45.97
N LEU D 56 44.31 16.99 44.65
CA LEU D 56 45.29 16.21 43.91
C LEU D 56 45.54 16.95 42.59
N PRO D 57 46.24 18.09 42.66
CA PRO D 57 46.44 18.96 41.49
C PRO D 57 47.16 18.27 40.34
N ASP D 58 48.08 17.36 40.66
CA ASP D 58 48.79 16.61 39.64
C ASP D 58 48.18 15.23 39.42
N PRO D 59 47.58 15.02 38.24
CA PRO D 59 46.96 13.78 37.77
C PRO D 59 47.93 12.60 37.75
N SER D 60 49.21 12.90 37.62
CA SER D 60 50.23 11.85 37.57
C SER D 60 50.29 11.03 38.86
N LYS D 61 49.73 11.57 39.94
CA LYS D 61 49.75 10.89 41.23
C LYS D 61 48.60 9.90 41.37
N VAL D 62 47.68 9.91 40.41
CA VAL D 62 46.46 9.12 40.53
C VAL D 62 46.75 7.62 40.48
N LYS D 63 47.68 7.24 39.61
CA LYS D 63 47.91 5.82 39.30
C LYS D 63 48.47 5.04 40.49
N GLU D 64 49.47 5.60 41.14
CA GLU D 64 50.12 4.96 42.28
C GLU D 64 49.14 4.85 43.43
N GLU D 65 48.25 5.83 43.54
CA GLU D 65 47.23 5.81 44.57
C GLU D 65 46.18 4.73 44.30
N ARG D 66 45.72 4.63 43.04
CA ARG D 66 44.74 3.60 42.70
C ARG D 66 45.30 2.21 42.98
N THR D 67 46.60 2.02 42.68
CA THR D 67 47.28 0.76 42.95
C THR D 67 47.38 0.48 44.45
N ARG D 68 47.83 1.48 45.21
CA ARG D 68 47.93 1.36 46.66
C ARG D 68 46.61 0.90 47.27
N LEU D 69 45.51 1.46 46.78
CA LEU D 69 44.19 1.25 47.38
C LEU D 69 43.39 0.09 46.75
N MET D 70 44.03 -0.60 45.81
CA MET D 70 43.39 -1.68 45.02
C MET D 70 42.65 -2.71 45.88
N GLY D 71 41.37 -2.93 45.60
CA GLY D 71 40.61 -3.93 46.31
C GLY D 71 39.79 -3.40 47.48
N TYR D 72 40.19 -2.28 48.04
CA TYR D 72 39.50 -1.71 49.21
C TYR D 72 38.79 -0.39 48.92
N TRP D 73 39.26 0.32 47.90
CA TRP D 73 38.68 1.61 47.50
C TRP D 73 38.51 1.72 46.00
N PHE D 74 37.36 2.22 45.59
CA PHE D 74 37.19 2.74 44.24
C PHE D 74 37.67 4.19 44.25
N VAL D 75 38.46 4.53 43.24
CA VAL D 75 39.15 5.81 43.19
C VAL D 75 38.76 6.52 41.91
N HIS D 76 38.60 7.83 41.94
CA HIS D 76 38.15 8.56 40.76
C HIS D 76 38.65 10.00 40.78
N TRP D 77 39.37 10.40 39.75
CA TRP D 77 39.90 11.76 39.71
C TRP D 77 38.95 12.67 38.93
N PHE D 78 38.82 13.90 39.39
CA PHE D 78 37.88 14.83 38.80
C PHE D 78 38.14 16.23 39.33
N ASP D 79 38.37 17.17 38.40
CA ASP D 79 38.52 18.58 38.72
C ASP D 79 39.59 18.87 39.77
N GLY D 80 40.71 18.16 39.68
CA GLY D 80 41.84 18.40 40.57
C GLY D 80 41.69 17.76 41.93
N LYS D 81 40.67 16.91 42.08
CA LYS D 81 40.39 16.27 43.35
C LYS D 81 40.23 14.75 43.22
N LEU D 82 40.81 14.02 44.17
CA LEU D 82 40.73 12.56 44.14
C LEU D 82 39.63 12.14 45.10
N PHE D 83 38.60 11.50 44.53
CA PHE D 83 37.49 10.98 45.30
C PHE D 83 37.73 9.49 45.59
N HIS D 84 37.46 9.08 46.82
CA HIS D 84 37.69 7.70 47.20
C HIS D 84 36.38 7.11 47.73
N LEU D 85 35.94 6.01 47.15
CA LEU D 85 34.78 5.30 47.69
C LEU D 85 35.24 3.97 48.27
N ARG D 86 35.05 3.79 49.57
CA ARG D 86 35.41 2.51 50.18
C ARG D 86 34.48 1.42 49.64
N ILE D 87 35.06 0.29 49.25
CA ILE D 87 34.28 -0.77 48.65
C ILE D 87 34.38 -2.06 49.46
N LYS D 88 35.28 -2.04 50.45
CA LYS D 88 35.49 -3.15 51.36
C LYS D 88 36.16 -2.64 52.62
N ALA D 89 35.73 -3.14 53.79
CA ALA D 89 36.34 -2.75 55.05
C ALA D 89 37.76 -3.32 55.15
N GLY D 90 38.63 -2.61 55.86
CA GLY D 90 40.02 -2.99 55.92
C GLY D 90 40.91 -1.96 55.26
N GLY D 91 42.20 -1.98 55.61
CA GLY D 91 43.15 -0.98 55.16
C GLY D 91 43.42 -1.17 53.69
N PRO D 92 44.17 -0.26 53.06
CA PRO D 92 44.84 0.93 53.58
C PRO D 92 43.85 2.04 53.90
N ASN D 93 44.31 3.03 54.67
CA ASN D 93 43.51 4.19 55.03
C ASN D 93 43.75 5.34 54.06
N VAL D 94 42.79 6.26 53.98
CA VAL D 94 42.92 7.41 53.09
C VAL D 94 42.78 8.72 53.85
N ASP D 95 43.74 9.62 53.64
CA ASP D 95 43.68 10.98 54.19
C ASP D 95 42.81 11.88 53.34
N GLY D 96 42.07 12.79 53.98
CA GLY D 96 41.26 13.76 53.25
C GLY D 96 39.95 14.09 53.93
N GLU D 97 39.10 14.85 53.25
CA GLU D 97 37.83 15.26 53.85
C GLU D 97 36.68 14.33 53.50
N HIS D 98 35.99 13.88 54.54
CA HIS D 98 34.80 13.05 54.38
C HIS D 98 33.62 13.89 53.93
N ARG D 99 32.90 13.42 52.91
CA ARG D 99 31.73 14.11 52.38
C ARG D 99 30.68 13.11 51.93
N ALA D 100 29.42 13.53 51.89
CA ALA D 100 28.36 12.70 51.36
C ALA D 100 28.11 13.18 49.93
N ILE D 101 28.08 12.24 48.98
CA ILE D 101 27.78 12.60 47.60
C ILE D 101 26.38 12.08 47.30
N ARG D 102 25.45 12.99 47.00
CA ARG D 102 24.08 12.60 46.69
C ARG D 102 24.00 12.20 45.23
N THR D 103 23.43 11.04 44.98
CA THR D 103 23.44 10.48 43.64
C THR D 103 22.66 11.38 42.69
N ALA D 104 21.54 11.91 43.17
CA ALA D 104 20.68 12.77 42.36
C ALA D 104 21.45 13.96 41.80
N GLU D 105 22.44 14.44 42.56
CA GLU D 105 23.15 15.65 42.20
C GLU D 105 24.43 15.34 41.44
N HIS D 106 25.07 14.22 41.79
CA HIS D 106 26.34 13.87 41.19
C HIS D 106 26.41 12.39 40.80
N PRO D 107 25.68 12.02 39.74
CA PRO D 107 25.61 10.62 39.31
C PRO D 107 26.91 10.08 38.69
N TRP D 108 27.84 10.95 38.32
CA TRP D 108 29.09 10.54 37.66
C TRP D 108 29.91 9.57 38.51
N LEU D 109 29.88 9.76 39.82
CA LEU D 109 30.67 8.96 40.76
C LEU D 109 30.26 7.50 40.72
N LEU D 110 28.97 7.24 40.92
CA LEU D 110 28.48 5.88 40.94
C LEU D 110 28.34 5.28 39.54
N ARG D 111 28.20 6.14 38.53
CA ARG D 111 28.23 5.63 37.16
C ARG D 111 29.59 4.97 36.90
N ALA D 112 30.66 5.67 37.25
CA ALA D 112 32.00 5.14 37.07
C ALA D 112 32.22 3.86 37.86
N ARG D 113 31.79 3.86 39.13
CA ARG D 113 31.98 2.68 39.97
C ARG D 113 31.20 1.51 39.38
N LEU D 114 30.04 1.81 38.82
CA LEU D 114 29.17 0.78 38.27
C LEU D 114 29.86 0.04 37.12
N ASP D 115 30.72 0.76 36.38
CA ASP D 115 31.54 0.16 35.33
C ASP D 115 32.39 -1.01 35.87
N ASP D 116 33.04 -0.80 37.01
CA ASP D 116 33.81 -1.86 37.64
C ASP D 116 32.91 -2.95 38.26
N ALA D 117 31.77 -2.54 38.81
CA ALA D 117 30.92 -3.46 39.53
C ALA D 117 30.19 -4.42 38.60
N LEU D 118 29.89 -3.98 37.39
CA LEU D 118 29.26 -4.85 36.41
C LEU D 118 30.17 -6.00 36.05
N GLU D 119 31.47 -5.71 35.89
CA GLU D 119 32.44 -6.74 35.60
C GLU D 119 32.61 -7.69 36.80
N GLU D 120 32.69 -7.12 37.99
CA GLU D 120 32.70 -7.93 39.22
C GLU D 120 31.44 -8.78 39.31
N ALA D 121 30.32 -8.20 38.92
CA ALA D 121 29.03 -8.89 39.01
C ALA D 121 28.93 -10.13 38.14
N LEU D 122 29.80 -10.24 37.14
CA LEU D 122 29.74 -11.37 36.21
C LEU D 122 31.07 -12.11 36.14
N PRO D 123 31.40 -12.85 37.20
CA PRO D 123 32.70 -13.51 37.34
C PRO D 123 33.01 -14.51 36.22
N LYS D 124 32.01 -15.20 35.70
CA LYS D 124 32.27 -16.26 34.73
C LYS D 124 32.45 -15.76 33.30
N TYR D 125 32.13 -14.49 33.06
CA TYR D 125 32.28 -13.90 31.74
C TYR D 125 33.41 -12.87 31.72
N ALA D 126 34.60 -13.29 31.33
CA ALA D 126 35.74 -12.37 31.29
C ALA D 126 35.57 -11.31 30.20
N ALA D 127 35.99 -10.10 30.53
CA ALA D 127 35.88 -8.97 29.60
C ALA D 127 36.86 -9.07 28.44
N VAL D 128 36.32 -8.99 27.22
CA VAL D 128 37.16 -8.83 26.04
C VAL D 128 37.47 -7.35 25.83
N LYS D 129 36.59 -6.47 26.28
CA LYS D 129 36.86 -5.03 26.32
C LYS D 129 36.38 -4.49 27.65
N LYS D 130 36.94 -3.35 28.07
CA LYS D 130 36.47 -2.69 29.29
C LYS D 130 35.80 -1.36 28.97
N ARG D 131 34.99 -0.89 29.93
CA ARG D 131 34.26 0.39 29.86
C ARG D 131 34.11 0.92 28.44
N PRO D 132 33.17 0.34 27.66
CA PRO D 132 32.11 -0.58 28.08
C PRO D 132 32.52 -2.06 28.27
N PHE D 133 32.29 -2.57 29.47
CA PHE D 133 32.39 -4.00 29.77
C PHE D 133 31.74 -4.82 28.68
N THR D 134 32.57 -5.63 27.99
CA THR D 134 32.13 -6.39 26.83
C THR D 134 32.55 -7.84 27.02
N PHE D 135 31.68 -8.77 26.65
CA PHE D 135 31.97 -10.18 26.88
C PHE D 135 31.27 -11.08 25.86
N LEU D 136 31.66 -12.36 25.85
CA LEU D 136 31.17 -13.34 24.89
C LEU D 136 30.13 -14.30 25.45
N ALA D 137 29.32 -14.87 24.56
CA ALA D 137 28.43 -15.96 24.94
C ALA D 137 29.27 -17.19 25.29
N GLN D 138 28.96 -17.80 26.44
CA GLN D 138 29.70 -18.96 26.92
C GLN D 138 29.57 -20.14 25.97
N LYS D 139 28.34 -20.42 25.55
CA LYS D 139 28.04 -21.61 24.78
C LYS D 139 28.05 -21.38 23.28
N ASP D 140 27.31 -20.38 22.82
CA ASP D 140 27.01 -20.22 21.40
C ASP D 140 28.22 -20.05 20.47
N GLU D 141 28.07 -20.61 19.27
CA GLU D 141 28.98 -20.43 18.14
C GLU D 141 28.07 -20.63 16.94
N LEU D 142 27.96 -19.63 16.08
CA LEU D 142 26.86 -19.59 15.10
C LEU D 142 27.13 -20.30 13.78
N ILE D 143 28.39 -20.60 13.48
CA ILE D 143 28.71 -21.23 12.20
C ILE D 143 28.40 -22.72 12.22
N ASP D 144 28.64 -23.36 13.35
CA ASP D 144 28.26 -24.75 13.55
C ASP D 144 26.75 -24.89 13.36
N ALA D 145 25.99 -23.95 13.91
CA ALA D 145 24.54 -23.92 13.77
C ALA D 145 24.12 -23.59 12.34
N ALA D 146 24.95 -22.82 11.64
CA ALA D 146 24.65 -22.40 10.28
C ALA D 146 24.82 -23.55 9.28
N ALA D 147 25.98 -24.18 9.29
CA ALA D 147 26.25 -25.29 8.38
C ALA D 147 25.27 -26.46 8.60
N THR D 148 24.85 -26.65 9.85
CA THR D 148 23.96 -27.74 10.17
C THR D 148 22.54 -27.46 9.65
N ALA D 149 22.12 -26.20 9.70
CA ALA D 149 20.81 -25.81 9.19
C ALA D 149 20.75 -25.84 7.66
N ALA D 150 21.89 -25.60 7.02
CA ALA D 150 21.98 -25.65 5.57
C ALA D 150 22.57 -26.98 5.10
N GLY D 151 22.86 -27.85 6.06
CA GLY D 151 23.36 -29.19 5.78
C GLY D 151 24.74 -29.25 5.16
N LEU D 152 25.70 -28.58 5.78
CA LEU D 152 27.08 -28.58 5.27
C LEU D 152 28.10 -28.95 6.36
N SER D 153 29.28 -29.38 5.96
CA SER D 153 30.32 -29.79 6.90
C SER D 153 31.72 -29.78 6.28
N HIS D 154 32.73 -29.56 7.10
CA HIS D 154 34.12 -29.57 6.65
C HIS D 154 35.07 -29.77 7.83
N ARG D 155 36.27 -30.25 7.53
CA ARG D 155 37.27 -30.51 8.55
C ARG D 155 37.66 -29.25 9.29
N LEU D 156 38.07 -28.24 8.54
CA LEU D 156 38.50 -26.96 9.12
C LEU D 156 37.35 -26.07 9.56
N LEU D 157 36.11 -26.45 9.22
CA LEU D 157 34.94 -25.63 9.51
C LEU D 157 34.82 -25.22 10.98
N ASN D 158 35.19 -26.13 11.88
CA ASN D 158 35.07 -25.91 13.32
C ASN D 158 35.96 -24.79 13.84
N SER D 159 36.98 -24.43 13.09
CA SER D 159 37.94 -23.40 13.52
C SER D 159 37.56 -21.99 13.04
N PHE D 160 36.42 -21.91 12.37
CA PHE D 160 35.79 -20.62 12.05
C PHE D 160 34.69 -20.40 13.07
N LYS D 161 34.70 -19.26 13.72
CA LYS D 161 33.81 -19.01 14.84
C LYS D 161 33.09 -17.65 14.76
N VAL D 162 31.77 -17.68 14.92
CA VAL D 162 31.01 -16.46 15.10
C VAL D 162 30.28 -16.56 16.42
N ILE D 163 30.84 -15.90 17.44
CA ILE D 163 30.31 -15.95 18.80
C ILE D 163 29.61 -14.64 19.20
N PRO D 164 28.38 -14.74 19.72
CA PRO D 164 27.60 -13.59 20.18
C PRO D 164 28.36 -12.77 21.21
N ARG D 165 28.34 -11.44 21.10
CA ARG D 165 29.12 -10.57 21.96
C ARG D 165 28.20 -9.54 22.62
N PHE D 166 28.44 -9.24 23.90
CA PHE D 166 27.56 -8.33 24.64
C PHE D 166 28.34 -7.21 25.32
N ALA D 167 27.76 -6.02 25.36
CA ALA D 167 28.36 -4.91 26.07
C ALA D 167 27.35 -4.26 26.98
N LEU D 168 27.81 -3.86 28.17
CA LEU D 168 26.95 -3.21 29.14
C LEU D 168 27.49 -1.81 29.44
N SER D 169 26.75 -0.80 29.01
CA SER D 169 27.20 0.57 29.16
C SER D 169 26.34 1.30 30.19
N PRO D 170 26.94 1.67 31.33
CA PRO D 170 26.23 2.57 32.24
C PRO D 170 26.23 3.98 31.67
N LYS D 171 25.03 4.55 31.52
CA LYS D 171 24.86 5.87 30.91
C LYS D 171 23.94 6.73 31.74
N ILE D 172 24.31 8.00 31.87
CA ILE D 172 23.47 8.97 32.55
C ILE D 172 22.45 9.49 31.54
N TYR D 173 21.20 9.57 31.96
CA TYR D 173 20.11 10.01 31.09
C TYR D 173 19.11 10.80 31.96
N GLU D 174 18.11 11.41 31.34
CA GLU D 174 17.16 12.25 32.07
C GLU D 174 15.72 11.79 31.87
N PRO D 175 15.13 11.13 32.87
CA PRO D 175 13.71 10.76 32.77
C PRO D 175 12.89 11.98 32.37
N VAL D 176 13.13 13.10 33.06
CA VAL D 176 12.51 14.38 32.77
C VAL D 176 13.59 15.44 32.92
N ASP D 177 13.35 16.61 32.34
CA ASP D 177 14.28 17.73 32.45
C ASP D 177 14.65 17.96 33.92
N GLY D 178 15.93 18.14 34.20
CA GLY D 178 16.35 18.50 35.53
C GLY D 178 16.70 17.34 36.45
N THR D 179 16.13 16.17 36.21
CA THR D 179 16.47 15.00 37.01
C THR D 179 17.33 14.01 36.22
N THR D 180 18.44 13.61 36.81
CA THR D 180 19.36 12.66 36.17
C THR D 180 19.19 11.27 36.77
N ARG D 181 19.34 10.25 35.94
CA ARG D 181 19.38 8.88 36.41
C ARG D 181 20.51 8.10 35.74
N VAL D 182 20.80 6.92 36.26
CA VAL D 182 21.76 6.02 35.65
C VAL D 182 21.09 4.74 35.15
N GLY D 183 21.36 4.40 33.89
CA GLY D 183 20.86 3.18 33.29
C GLY D 183 21.96 2.31 32.70
N VAL D 184 21.66 1.04 32.49
CA VAL D 184 22.63 0.11 31.89
C VAL D 184 22.09 -0.33 30.56
N PHE D 185 22.81 0.05 29.51
CA PHE D 185 22.34 -0.17 28.16
C PHE D 185 23.03 -1.34 27.53
N VAL D 186 22.24 -2.18 26.87
CA VAL D 186 22.68 -3.49 26.42
C VAL D 186 22.87 -3.47 24.92
N THR D 187 24.06 -3.78 24.44
CA THR D 187 24.29 -3.86 23.00
C THR D 187 24.84 -5.23 22.62
N ILE D 188 24.53 -5.66 21.40
CA ILE D 188 24.88 -7.00 20.94
C ILE D 188 25.58 -6.98 19.58
N GLY D 189 26.66 -7.75 19.45
CA GLY D 189 27.38 -7.89 18.19
C GLY D 189 27.88 -9.32 18.00
N MET D 190 28.77 -9.52 17.04
CA MET D 190 29.34 -10.84 16.78
C MET D 190 30.85 -10.80 16.67
N ARG D 191 31.53 -11.55 17.51
CA ARG D 191 32.96 -11.70 17.36
C ARG D 191 33.26 -12.78 16.29
N TYR D 192 33.78 -12.35 15.14
CA TYR D 192 34.25 -13.28 14.09
C TYR D 192 35.72 -13.56 14.31
N ASP D 193 36.07 -14.84 14.32
CA ASP D 193 37.46 -15.23 14.49
C ASP D 193 37.78 -16.53 13.77
N ILE D 194 38.93 -16.54 13.08
CA ILE D 194 39.47 -17.74 12.46
C ILE D 194 40.67 -18.18 13.29
N GLU D 195 40.45 -19.17 14.16
CA GLU D 195 41.54 -19.65 15.01
C GLU D 195 42.48 -20.57 14.23
N ALA D 196 41.94 -21.15 13.16
CA ALA D 196 42.68 -22.06 12.26
C ALA D 196 44.11 -21.62 11.98
N SER D 197 45.04 -22.58 11.94
CA SER D 197 46.45 -22.27 11.69
C SER D 197 46.72 -22.01 10.21
N LEU D 198 47.61 -21.06 9.93
CA LEU D 198 47.96 -20.71 8.56
C LEU D 198 48.50 -21.93 7.81
N ARG D 199 49.28 -22.74 8.53
CA ARG D 199 49.88 -23.95 7.98
C ARG D 199 48.84 -24.84 7.30
N ASP D 200 47.73 -25.09 8.00
CA ASP D 200 46.70 -26.00 7.50
C ASP D 200 45.85 -25.38 6.38
N LEU D 201 45.80 -24.05 6.33
CA LEU D 201 45.05 -23.33 5.30
C LEU D 201 45.83 -23.30 3.98
N LEU D 202 47.15 -23.25 4.08
CA LEU D 202 48.03 -23.47 2.93
C LEU D 202 47.67 -24.81 2.30
N GLU D 203 47.83 -25.87 3.10
CA GLU D 203 47.66 -27.24 2.65
C GLU D 203 46.22 -27.61 2.30
N ALA D 204 45.35 -26.61 2.17
CA ALA D 204 43.96 -26.87 1.83
C ALA D 204 43.55 -26.19 0.54
N GLY D 205 44.44 -25.37 -0.02
CA GLY D 205 44.19 -24.72 -1.29
C GLY D 205 43.96 -23.23 -1.22
N ILE D 206 44.26 -22.64 -0.07
CA ILE D 206 44.05 -21.20 0.14
C ILE D 206 45.34 -20.41 -0.04
N ASP D 207 45.28 -19.41 -0.92
CA ASP D 207 46.39 -18.52 -1.19
C ASP D 207 46.41 -17.37 -0.18
N LEU D 208 47.27 -17.50 0.84
CA LEU D 208 47.30 -16.57 1.96
C LEU D 208 47.93 -15.25 1.59
N ARG D 209 48.76 -15.27 0.55
CA ARG D 209 49.49 -14.09 0.09
C ARG D 209 48.59 -12.88 -0.13
N GLY D 210 48.82 -11.83 0.65
CA GLY D 210 47.99 -10.64 0.56
C GLY D 210 46.97 -10.51 1.69
N MET D 211 46.92 -11.53 2.55
CA MET D 211 46.00 -11.51 3.69
C MET D 211 46.55 -10.77 4.89
N TYR D 212 45.67 -10.12 5.63
CA TYR D 212 46.06 -9.44 6.85
C TYR D 212 46.09 -10.40 8.03
N VAL D 213 47.19 -10.33 8.78
CA VAL D 213 47.42 -11.26 9.88
C VAL D 213 47.58 -10.52 11.22
N VAL D 214 46.92 -11.05 12.25
CA VAL D 214 46.90 -10.42 13.57
C VAL D 214 47.59 -11.35 14.57
N ARG D 215 48.07 -10.80 15.69
CA ARG D 215 48.61 -11.62 16.78
C ARG D 215 47.57 -12.58 17.34
N ARG D 216 48.01 -13.74 17.82
CA ARG D 216 47.11 -14.67 18.50
C ARG D 216 46.86 -14.22 19.94
N LYS D 217 47.85 -13.55 20.52
CA LYS D 217 47.77 -13.02 21.88
C LYS D 217 49.03 -12.22 22.21
N ARG D 218 48.93 -11.13 22.97
CA ARG D 218 47.67 -10.57 23.45
C ARG D 218 47.88 -9.09 23.72
N GLN D 219 49.06 -8.75 24.23
CA GLN D 219 49.41 -7.37 24.56
C GLN D 219 50.83 -7.03 24.11
N ARG D 223 50.34 -3.94 20.04
CA ARG D 223 49.43 -3.82 18.90
C ARG D 223 48.83 -5.17 18.54
N GLY D 224 47.98 -5.19 17.51
CA GLY D 224 47.35 -6.41 17.09
C GLY D 224 47.67 -6.72 15.64
N LEU D 225 47.46 -5.75 14.76
CA LEU D 225 47.73 -5.94 13.35
C LEU D 225 49.23 -6.15 13.20
N LEU D 226 49.61 -7.15 12.40
CA LEU D 226 51.02 -7.47 12.21
C LEU D 226 51.51 -7.07 10.83
N GLY D 227 50.69 -7.28 9.82
CA GLY D 227 51.07 -6.94 8.48
C GLY D 227 50.34 -7.83 7.51
N ARG D 228 50.82 -7.85 6.27
CA ARG D 228 50.20 -8.64 5.24
C ARG D 228 51.10 -9.85 4.95
N VAL D 229 50.51 -10.92 4.44
CA VAL D 229 51.23 -12.19 4.26
C VAL D 229 52.15 -12.18 3.04
N SER D 233 57.68 -19.85 5.25
CA SER D 233 58.83 -20.74 5.14
C SER D 233 58.76 -21.84 6.19
N ASP D 234 59.60 -21.73 7.22
CA ASP D 234 59.65 -22.71 8.30
C ASP D 234 58.39 -22.63 9.15
N ASP D 235 58.58 -22.36 10.43
CA ASP D 235 57.48 -21.98 11.30
C ASP D 235 57.45 -20.46 11.28
N MET D 236 57.46 -19.87 10.08
CA MET D 236 57.68 -18.45 9.92
C MET D 236 56.88 -17.79 8.79
N VAL D 237 56.16 -16.71 9.13
CA VAL D 237 55.44 -15.92 8.14
C VAL D 237 56.29 -14.73 7.67
N GLN D 238 56.40 -14.58 6.35
CA GLN D 238 57.10 -13.44 5.78
C GLN D 238 56.10 -12.31 5.49
N LEU D 239 56.31 -11.17 6.14
CA LEU D 239 55.32 -10.10 6.12
C LEU D 239 55.73 -8.94 5.22
N PHE D 240 54.74 -8.34 4.56
CA PHE D 240 54.90 -7.03 3.95
C PHE D 240 53.83 -6.08 4.47
N GLU D 241 54.01 -4.80 4.19
CA GLU D 241 53.22 -3.75 4.82
C GLU D 241 53.16 -4.03 6.32
N GLU D 242 54.30 -4.39 6.89
CA GLU D 242 54.38 -4.77 8.28
C GLU D 242 54.16 -3.58 9.19
N THR D 243 53.53 -3.83 10.33
CA THR D 243 53.26 -2.78 11.32
C THR D 243 54.48 -2.57 12.21
N ASP D 244 55.31 -3.61 12.28
CA ASP D 244 56.53 -3.54 13.06
C ASP D 244 57.57 -4.45 12.41
N LEU D 245 57.58 -5.73 12.80
CA LEU D 245 58.56 -6.69 12.28
C LEU D 245 58.16 -7.29 10.93
N ALA D 246 59.16 -7.63 10.11
CA ALA D 246 58.90 -8.18 8.78
C ALA D 246 58.61 -9.68 8.83
N SER D 247 58.81 -10.27 10.01
CA SER D 247 58.66 -11.71 10.18
C SER D 247 58.15 -12.07 11.57
N VAL D 248 57.19 -12.98 11.62
CA VAL D 248 56.69 -13.52 12.88
C VAL D 248 56.56 -15.03 12.72
N ASN D 249 56.67 -15.77 13.82
CA ASN D 249 56.44 -17.22 13.82
C ASN D 249 54.98 -17.52 13.49
N VAL D 250 54.75 -18.53 12.64
CA VAL D 250 53.39 -18.91 12.24
C VAL D 250 52.51 -19.26 13.44
N ASN D 251 53.16 -19.68 14.52
CA ASN D 251 52.48 -20.01 15.78
C ASN D 251 51.94 -18.80 16.52
N ASP D 252 52.46 -17.61 16.19
CA ASP D 252 52.08 -16.40 16.90
C ASP D 252 51.13 -15.49 16.12
N ALA D 253 50.51 -16.03 15.07
CA ALA D 253 49.75 -15.17 14.16
C ALA D 253 48.56 -15.87 13.50
N LYS D 254 47.45 -15.15 13.36
CA LYS D 254 46.29 -15.68 12.68
C LYS D 254 45.74 -14.68 11.67
N LEU D 255 44.89 -15.15 10.77
CA LEU D 255 44.17 -14.26 9.88
C LEU D 255 43.23 -13.40 10.74
N GLU D 256 43.17 -12.12 10.43
CA GLU D 256 42.25 -11.23 11.13
C GLU D 256 40.84 -11.66 10.73
N GLY D 257 39.92 -11.62 11.68
CA GLY D 257 38.56 -12.09 11.44
C GLY D 257 37.72 -11.20 10.55
N SER D 258 38.29 -10.74 9.44
CA SER D 258 37.59 -9.89 8.49
C SER D 258 36.60 -10.68 7.64
N LYS D 259 35.61 -9.98 7.07
CA LYS D 259 34.71 -10.61 6.11
C LYS D 259 35.53 -11.14 4.93
N GLU D 260 36.51 -10.34 4.49
CA GLU D 260 37.33 -10.73 3.36
C GLU D 260 38.02 -12.08 3.58
N ASN D 261 38.54 -12.30 4.79
CA ASN D 261 39.19 -13.58 5.10
C ASN D 261 38.20 -14.72 5.25
N PHE D 262 37.01 -14.43 5.76
CA PHE D 262 35.98 -15.46 5.82
C PHE D 262 35.55 -15.84 4.41
N THR D 263 35.16 -14.82 3.62
CA THR D 263 34.68 -15.07 2.28
C THR D 263 35.79 -15.50 1.31
N ARG D 264 37.03 -15.58 1.80
CA ARG D 264 38.13 -16.11 0.97
C ARG D 264 38.45 -17.55 1.33
N CYS D 265 38.50 -17.86 2.62
CA CYS D 265 38.74 -19.22 3.07
C CYS D 265 37.55 -20.11 2.81
N LEU D 266 36.38 -19.67 3.27
CA LEU D 266 35.14 -20.44 3.13
C LEU D 266 34.65 -20.53 1.68
N SER D 267 35.19 -19.69 0.80
CA SER D 267 34.84 -19.77 -0.62
C SER D 267 35.71 -20.84 -1.29
N ALA D 268 36.90 -21.04 -0.75
CA ALA D 268 37.77 -22.11 -1.21
C ALA D 268 37.25 -23.45 -0.67
N LEU D 269 37.36 -23.63 0.64
CA LEU D 269 37.06 -24.91 1.30
C LEU D 269 35.68 -25.51 0.99
N LEU D 270 34.76 -24.71 0.46
CA LEU D 270 33.40 -25.17 0.22
C LEU D 270 32.91 -24.85 -1.19
N GLY D 271 33.33 -23.69 -1.69
CA GLY D 271 32.76 -23.10 -2.89
C GLY D 271 32.38 -24.00 -4.05
N HIS D 272 31.11 -23.99 -4.45
CA HIS D 272 30.06 -23.17 -3.82
C HIS D 272 28.69 -23.75 -4.17
N ASN D 273 27.87 -24.23 -3.20
CA ASN D 273 28.17 -24.47 -1.77
C ASN D 273 28.38 -23.30 -0.79
N TYR D 274 29.55 -22.66 -0.87
CA TYR D 274 29.94 -21.58 0.05
C TYR D 274 28.88 -20.52 0.32
N LYS D 275 28.07 -20.20 -0.68
CA LYS D 275 27.02 -19.19 -0.51
C LYS D 275 25.93 -19.65 0.46
N LYS D 276 25.64 -20.95 0.44
CA LYS D 276 24.60 -21.53 1.31
C LYS D 276 24.94 -21.36 2.79
N LEU D 277 26.22 -21.54 3.11
CA LEU D 277 26.71 -21.32 4.47
C LEU D 277 26.41 -19.88 4.94
N LEU D 278 26.93 -18.90 4.22
CA LEU D 278 26.68 -17.50 4.57
C LEU D 278 25.18 -17.18 4.64
N ASN D 279 24.39 -17.78 3.76
CA ASN D 279 22.94 -17.61 3.84
C ASN D 279 22.39 -18.20 5.14
N ALA D 280 23.06 -19.23 5.64
CA ALA D 280 22.66 -19.86 6.90
C ALA D 280 23.14 -19.04 8.08
N LEU D 281 24.40 -18.65 8.05
CA LEU D 281 24.99 -17.80 9.08
C LEU D 281 24.16 -16.53 9.27
N ASP D 282 23.77 -15.93 8.16
CA ASP D 282 22.90 -14.76 8.18
C ASP D 282 21.61 -15.04 8.97
N ASP D 283 21.11 -16.27 8.87
CA ASP D 283 19.92 -16.67 9.62
C ASP D 283 20.17 -16.80 11.11
N GLN D 284 21.27 -17.45 11.48
CA GLN D 284 21.66 -17.57 12.88
C GLN D 284 21.75 -16.18 13.52
N GLU D 285 22.52 -15.30 12.90
CA GLU D 285 22.70 -13.94 13.40
C GLU D 285 21.38 -13.19 13.50
N ALA D 286 20.49 -13.39 12.52
CA ALA D 286 19.20 -12.71 12.52
C ALA D 286 18.34 -13.11 13.73
N GLY D 287 18.75 -14.16 14.41
CA GLY D 287 18.08 -14.63 15.61
C GLY D 287 18.51 -13.87 16.86
N TYR D 288 19.48 -12.99 16.70
CA TYR D 288 19.93 -12.15 17.80
C TYR D 288 19.74 -10.66 17.45
N ARG D 289 19.88 -10.32 16.18
CA ARG D 289 19.98 -8.92 15.75
C ARG D 289 18.63 -8.31 15.39
N THR D 290 17.68 -9.14 14.94
CA THR D 290 16.37 -8.65 14.51
C THR D 290 15.56 -8.11 15.70
N GLY D 291 14.61 -7.22 15.42
CA GLY D 291 13.80 -6.55 16.43
C GLY D 291 13.37 -7.38 17.63
N PRO D 292 12.47 -8.36 17.41
CA PRO D 292 11.92 -9.10 18.55
C PRO D 292 12.98 -9.92 19.24
N ARG D 293 13.84 -10.55 18.44
CA ARG D 293 14.90 -11.39 18.95
C ARG D 293 15.94 -10.57 19.72
N PHE D 294 16.04 -9.28 19.39
CA PHE D 294 16.95 -8.39 20.11
C PHE D 294 16.32 -7.90 21.41
N ASP D 295 15.05 -7.53 21.34
CA ASP D 295 14.28 -7.13 22.50
C ASP D 295 14.33 -8.24 23.54
N ASP D 296 14.15 -9.46 23.07
CA ASP D 296 14.18 -10.66 23.91
C ASP D 296 15.51 -10.80 24.64
N ALA D 297 16.60 -10.66 23.89
CA ALA D 297 17.93 -10.80 24.47
C ALA D 297 18.16 -9.72 25.52
N VAL D 298 17.77 -8.49 25.21
CA VAL D 298 17.92 -7.43 26.18
C VAL D 298 17.13 -7.77 27.46
N ARG D 299 15.92 -8.29 27.26
CA ARG D 299 15.06 -8.71 28.38
C ARG D 299 15.71 -9.78 29.25
N ARG D 300 16.31 -10.80 28.63
CA ARG D 300 17.00 -11.84 29.41
C ARG D 300 18.25 -11.30 30.10
N MET D 301 18.90 -10.32 29.50
CA MET D 301 20.06 -9.69 30.11
C MET D 301 19.66 -8.91 31.37
N GLY D 302 18.53 -8.22 31.29
CA GLY D 302 18.03 -7.47 32.43
C GLY D 302 17.81 -8.41 33.60
N GLU D 303 17.24 -9.57 33.30
CA GLU D 303 16.86 -10.52 34.33
C GLU D 303 18.10 -11.08 35.02
N PHE D 304 19.07 -11.50 34.22
CA PHE D 304 20.34 -11.99 34.75
C PHE D 304 21.03 -10.93 35.63
N LEU D 305 20.93 -9.68 35.23
CA LEU D 305 21.53 -8.57 35.96
C LEU D 305 20.76 -8.18 37.25
N ALA D 306 19.44 -8.36 37.22
CA ALA D 306 18.61 -8.02 38.37
C ALA D 306 18.51 -9.15 39.39
N LYS D 307 19.07 -10.32 39.06
CA LYS D 307 18.98 -11.51 39.90
C LYS D 307 19.45 -11.28 41.34
N LYS D 308 20.61 -10.65 41.46
CA LYS D 308 21.15 -10.31 42.76
C LYS D 308 21.39 -8.81 42.77
N PRO D 309 21.48 -8.20 43.97
CA PRO D 309 21.89 -6.81 44.03
C PRO D 309 23.34 -6.71 43.59
N ILE D 310 23.69 -5.64 42.87
CA ILE D 310 25.06 -5.40 42.45
C ILE D 310 25.84 -4.71 43.55
N ARG D 311 26.96 -5.31 43.94
CA ARG D 311 27.72 -4.77 45.05
C ARG D 311 28.62 -3.61 44.64
N LEU D 312 28.18 -2.39 44.94
CA LEU D 312 29.01 -1.19 44.72
C LEU D 312 30.08 -1.14 45.82
N ALA D 313 29.77 -1.70 46.97
CA ALA D 313 30.70 -1.88 48.08
C ALA D 313 30.21 -3.12 48.82
N ASP D 314 31.02 -3.64 49.73
CA ASP D 314 30.60 -4.83 50.48
C ASP D 314 29.34 -4.57 51.30
N ASN D 315 29.12 -3.30 51.66
CA ASN D 315 27.95 -2.93 52.43
C ASN D 315 27.02 -1.98 51.70
N ILE D 316 27.13 -1.90 50.38
CA ILE D 316 26.34 -0.96 49.58
C ILE D 316 25.90 -1.60 48.28
N ASN D 317 24.58 -1.69 48.08
CA ASN D 317 24.06 -2.34 46.89
C ASN D 317 23.44 -1.39 45.88
N ALA D 318 23.42 -1.84 44.62
CA ALA D 318 22.60 -1.21 43.59
C ALA D 318 21.67 -2.32 43.08
N GLN D 319 20.60 -1.95 42.41
CA GLN D 319 19.64 -2.94 41.91
C GLN D 319 19.14 -2.53 40.54
N VAL D 320 19.27 -3.43 39.57
CA VAL D 320 18.69 -3.22 38.26
C VAL D 320 17.16 -3.30 38.28
N GLY D 321 16.50 -2.31 37.67
CA GLY D 321 15.05 -2.23 37.65
C GLY D 321 14.43 -2.40 36.26
N ASP D 322 13.37 -1.65 36.00
CA ASP D 322 12.63 -1.74 34.74
C ASP D 322 13.38 -1.18 33.53
N ARG D 323 13.04 -1.76 32.38
CA ARG D 323 13.46 -1.25 31.09
C ARG D 323 13.14 0.24 30.97
N ILE D 324 14.13 1.01 30.55
CA ILE D 324 13.93 2.42 30.28
C ILE D 324 13.12 2.61 29.01
N VAL D 325 12.17 3.54 29.06
CA VAL D 325 11.25 3.77 27.96
C VAL D 325 11.26 5.26 27.63
N PHE D 326 10.92 5.62 26.40
CA PHE D 326 10.76 7.03 26.04
C PHE D 326 9.29 7.26 25.70
N SER D 327 8.59 8.00 26.56
CA SER D 327 7.15 8.16 26.39
C SER D 327 6.68 9.52 26.86
N ASN D 328 5.44 9.84 26.52
CA ASN D 328 4.86 11.14 26.85
C ASN D 328 3.85 11.05 27.99
N GLU D 329 3.74 9.87 28.60
CA GLU D 329 2.86 9.69 29.74
C GLU D 329 3.41 10.42 30.97
N GLY D 330 2.49 10.93 31.80
CA GLY D 330 2.87 11.58 33.04
C GLY D 330 3.56 12.91 32.82
N GLN D 331 4.60 13.17 33.60
CA GLN D 331 5.36 14.42 33.49
C GLN D 331 6.34 14.36 32.33
N ALA D 332 6.63 13.15 31.86
CA ALA D 332 7.63 12.95 30.82
C ALA D 332 7.12 13.30 29.42
N ARG D 333 7.95 14.02 28.66
CA ARG D 333 7.69 14.31 27.26
C ARG D 333 8.93 13.92 26.44
N ASN D 334 9.04 12.63 26.12
CA ASN D 334 10.30 12.06 25.65
C ASN D 334 10.26 11.52 24.24
N VAL D 335 9.19 11.78 23.51
CA VAL D 335 9.11 11.26 22.15
C VAL D 335 8.23 12.11 21.27
N ARG D 336 8.69 12.34 20.05
CA ARG D 336 7.84 12.88 19.01
C ARG D 336 8.19 12.28 17.66
N LEU D 337 7.24 12.38 16.74
CA LEU D 337 7.43 11.90 15.37
C LEU D 337 7.47 13.09 14.44
N ALA D 338 8.60 13.28 13.77
CA ALA D 338 8.73 14.37 12.81
C ALA D 338 7.82 14.04 11.64
N PRO D 339 7.18 15.05 11.05
CA PRO D 339 6.37 14.75 9.87
C PRO D 339 7.28 14.33 8.72
N LYS D 340 6.74 13.56 7.78
CA LYS D 340 7.57 13.05 6.69
C LYS D 340 8.25 14.18 5.91
N VAL D 341 9.46 13.92 5.44
CA VAL D 341 10.17 14.89 4.62
C VAL D 341 9.44 15.02 3.28
N GLU D 342 9.31 16.23 2.77
CA GLU D 342 8.79 16.43 1.42
C GLU D 342 9.92 16.74 0.44
N TYR D 343 10.04 15.94 -0.60
CA TYR D 343 10.93 16.26 -1.71
C TYR D 343 10.24 17.31 -2.59
N VAL D 344 10.78 18.53 -2.60
CA VAL D 344 10.12 19.63 -3.31
C VAL D 344 10.71 19.94 -4.69
N PHE D 345 9.82 20.01 -5.69
CA PHE D 345 10.25 20.10 -7.07
C PHE D 345 9.86 21.39 -7.78
N ASP D 346 9.48 22.40 -7.02
CA ASP D 346 9.26 23.72 -7.62
C ASP D 346 9.55 24.83 -6.62
N ARG D 347 9.64 26.06 -7.13
CA ARG D 347 10.04 27.20 -6.32
C ARG D 347 9.04 27.50 -5.21
N THR D 348 7.79 27.07 -5.38
CA THR D 348 6.75 27.34 -4.40
C THR D 348 6.66 26.21 -3.36
N GLY D 349 6.41 25.00 -3.84
CA GLY D 349 6.22 23.87 -2.95
C GLY D 349 5.01 23.06 -3.38
N ALA D 350 4.30 23.56 -4.39
CA ALA D 350 3.10 22.88 -4.91
C ALA D 350 3.44 21.49 -5.43
N LYS D 351 4.52 21.37 -6.18
CA LYS D 351 5.01 20.08 -6.63
C LYS D 351 5.91 19.50 -5.54
N SER D 352 5.39 18.57 -4.76
CA SER D 352 6.17 17.89 -3.75
C SER D 352 5.80 16.42 -3.73
N ALA D 353 6.65 15.61 -3.12
CA ALA D 353 6.37 14.19 -3.04
C ALA D 353 7.08 13.65 -1.83
N GLU D 354 6.83 12.39 -1.54
CA GLU D 354 7.38 11.76 -0.35
C GLU D 354 8.64 10.98 -0.70
N TYR D 355 8.80 10.67 -1.97
CA TYR D 355 9.97 9.94 -2.45
C TYR D 355 10.62 10.72 -3.58
N ALA D 356 11.95 10.69 -3.61
CA ALA D 356 12.70 11.38 -4.64
C ALA D 356 12.27 10.95 -6.04
N TRP D 357 12.43 9.66 -6.34
CA TRP D 357 12.23 9.18 -7.70
C TRP D 357 10.82 9.39 -8.24
N ARG D 358 9.82 9.13 -7.38
CA ARG D 358 8.41 9.33 -7.75
C ARG D 358 8.16 10.78 -8.12
N GLY D 359 8.71 11.69 -7.33
CA GLY D 359 8.53 13.11 -7.57
C GLY D 359 9.27 13.62 -8.80
N LEU D 360 10.39 12.98 -9.12
CA LEU D 360 11.25 13.46 -10.19
C LEU D 360 10.71 12.98 -11.53
N SER D 361 10.26 11.72 -11.57
CA SER D 361 9.53 11.17 -12.70
C SER D 361 8.29 11.99 -13.01
N GLN D 362 7.66 12.53 -11.97
CA GLN D 362 6.37 13.18 -12.11
C GLN D 362 6.47 14.67 -12.48
N PHE D 363 7.43 15.38 -11.90
CA PHE D 363 7.50 16.81 -12.18
C PHE D 363 8.79 17.21 -12.90
N GLY D 364 9.76 16.30 -12.98
CA GLY D 364 11.08 16.67 -13.46
C GLY D 364 11.85 17.44 -12.39
N PRO D 365 13.04 17.95 -12.75
CA PRO D 365 13.93 18.59 -11.77
C PRO D 365 13.45 19.93 -11.22
N PHE D 366 13.74 20.17 -9.95
CA PHE D 366 13.40 21.41 -9.26
C PHE D 366 13.75 22.65 -10.07
N ASP D 367 14.85 22.58 -10.83
CA ASP D 367 15.34 23.75 -11.54
C ASP D 367 15.06 23.68 -13.05
N ARG D 368 14.14 22.82 -13.46
CA ARG D 368 13.78 22.69 -14.88
C ARG D 368 13.65 24.02 -15.64
N PRO D 369 12.88 24.98 -15.11
CA PRO D 369 12.70 26.24 -15.85
C PRO D 369 14.00 26.99 -16.18
N SER D 370 14.99 26.96 -15.29
CA SER D 370 16.16 27.82 -15.45
C SER D 370 17.46 27.09 -15.73
N PHE D 371 17.42 25.76 -15.81
CA PHE D 371 18.62 24.98 -16.03
C PHE D 371 19.31 25.42 -17.32
N ALA D 372 20.61 25.71 -17.22
CA ALA D 372 21.29 26.40 -18.31
C ALA D 372 22.04 25.52 -19.31
N ASN D 373 21.90 24.20 -19.23
CA ASN D 373 22.62 23.35 -20.17
C ASN D 373 21.81 22.17 -20.68
N ARG D 374 20.81 22.48 -21.49
CA ARG D 374 19.90 21.45 -22.00
C ARG D 374 20.48 20.61 -23.14
N SER D 375 21.64 21.01 -23.66
CA SER D 375 22.33 20.17 -24.65
C SER D 375 23.78 19.90 -24.29
N PRO D 376 24.01 19.07 -23.28
CA PRO D 376 25.40 18.80 -22.84
C PRO D 376 26.16 17.93 -23.82
N ARG D 377 27.41 18.28 -24.10
CA ARG D 377 28.36 17.38 -24.74
C ARG D 377 29.11 16.60 -23.67
N ILE D 378 29.03 15.27 -23.73
CA ILE D 378 29.63 14.42 -22.72
C ILE D 378 30.71 13.48 -23.30
N LEU D 379 31.94 13.68 -22.87
CA LEU D 379 33.07 12.81 -23.24
C LEU D 379 32.81 11.45 -22.61
N VAL D 380 33.01 10.37 -23.37
CA VAL D 380 32.90 9.01 -22.81
C VAL D 380 34.22 8.28 -23.01
N VAL D 381 34.87 7.95 -21.90
CA VAL D 381 36.20 7.35 -21.94
C VAL D 381 36.08 5.91 -21.47
N TYR D 382 36.49 4.97 -22.33
CA TYR D 382 36.21 3.57 -22.10
C TYR D 382 37.23 2.70 -22.83
N PRO D 383 37.50 1.49 -22.30
CA PRO D 383 38.46 0.62 -22.97
C PRO D 383 37.89 0.24 -24.33
N SER D 384 38.74 0.27 -25.36
CA SER D 384 38.28 0.05 -26.73
C SER D 384 37.47 -1.26 -26.88
N SER D 385 37.95 -2.32 -26.23
CA SER D 385 37.30 -3.63 -26.30
C SER D 385 35.91 -3.71 -25.65
N THR D 386 35.46 -2.68 -24.96
CA THR D 386 34.16 -2.77 -24.29
C THR D 386 33.11 -1.97 -25.06
N GLN D 387 33.46 -1.61 -26.30
CA GLN D 387 32.66 -0.71 -27.14
C GLN D 387 31.15 -1.00 -27.17
N GLY D 388 30.79 -2.22 -27.54
CA GLY D 388 29.38 -2.58 -27.67
C GLY D 388 28.64 -2.50 -26.36
N LYS D 389 29.28 -3.02 -25.31
CA LYS D 389 28.70 -2.98 -23.97
C LYS D 389 28.48 -1.54 -23.48
N VAL D 390 29.38 -0.65 -23.87
CA VAL D 390 29.28 0.75 -23.44
C VAL D 390 28.13 1.42 -24.18
N GLU D 391 28.01 1.09 -25.47
CA GLU D 391 26.94 1.65 -26.29
C GLU D 391 25.56 1.33 -25.75
N ASN D 392 25.38 0.08 -25.30
CA ASN D 392 24.09 -0.30 -24.70
C ASN D 392 23.82 0.53 -23.46
N PHE D 393 24.84 0.65 -22.61
CA PHE D 393 24.74 1.45 -21.40
C PHE D 393 24.29 2.87 -21.74
N LEU D 394 25.01 3.53 -22.64
CA LEU D 394 24.70 4.91 -23.02
C LEU D 394 23.30 5.07 -23.58
N SER D 395 22.86 4.07 -24.34
CA SER D 395 21.53 4.08 -24.93
C SER D 395 20.46 3.98 -23.85
N ALA D 396 20.62 2.98 -22.98
CA ALA D 396 19.76 2.81 -21.82
C ALA D 396 19.77 4.08 -20.94
N PHE D 397 20.97 4.59 -20.62
CA PHE D 397 21.11 5.85 -19.87
C PHE D 397 20.40 7.06 -20.50
N ARG D 398 20.71 7.36 -21.77
CA ARG D 398 20.17 8.57 -22.41
C ARG D 398 18.72 8.44 -22.88
N ASP D 399 18.39 7.29 -23.46
CA ASP D 399 17.09 7.11 -24.11
C ASP D 399 16.13 6.20 -23.33
N GLY D 400 16.57 5.66 -22.20
CA GLY D 400 15.69 4.88 -21.35
C GLY D 400 15.61 3.41 -21.69
N MET D 401 15.11 2.62 -20.75
CA MET D 401 15.03 1.17 -20.92
C MET D 401 13.65 0.71 -21.38
N GLY D 402 12.68 1.62 -21.36
CA GLY D 402 11.34 1.31 -21.85
C GLY D 402 10.36 0.90 -20.76
N SER D 403 9.10 0.71 -21.16
CA SER D 403 8.00 0.41 -20.23
C SER D 403 8.20 -0.87 -19.43
N ASN D 404 8.91 -1.84 -20.00
CA ASN D 404 9.16 -3.11 -19.31
C ASN D 404 9.93 -2.94 -18.01
N TYR D 405 10.68 -1.84 -17.91
CA TYR D 405 11.41 -1.52 -16.69
C TYR D 405 10.99 -0.14 -16.23
N SER D 406 9.83 -0.08 -15.59
CA SER D 406 9.18 1.19 -15.26
C SER D 406 10.04 2.14 -14.43
N GLY D 407 11.06 1.58 -13.77
CA GLY D 407 11.96 2.36 -12.93
C GLY D 407 12.89 3.29 -13.69
N PHE D 408 13.18 2.96 -14.95
CA PHE D 408 13.96 3.87 -15.78
C PHE D 408 13.56 3.74 -17.25
N SER D 409 12.51 4.45 -17.66
CA SER D 409 11.93 4.26 -18.99
C SER D 409 12.03 5.48 -19.87
N LYS D 410 11.96 6.65 -19.24
CA LYS D 410 12.00 7.90 -20.00
C LYS D 410 13.41 8.15 -20.54
N GLY D 411 14.41 7.86 -19.72
CA GLY D 411 15.78 8.20 -20.05
C GLY D 411 16.17 9.57 -19.51
N PHE D 412 17.48 9.78 -19.41
CA PHE D 412 18.06 11.00 -18.86
C PHE D 412 17.48 12.25 -19.49
N VAL D 413 17.43 12.27 -20.82
CA VAL D 413 16.98 13.46 -21.54
C VAL D 413 15.52 13.82 -21.23
N ASP D 414 14.65 12.81 -21.25
CA ASP D 414 13.24 13.02 -20.98
C ASP D 414 12.97 13.22 -19.49
N LEU D 415 13.67 12.44 -18.66
CA LEU D 415 13.61 12.59 -17.20
C LEU D 415 13.85 14.03 -16.79
N MET D 416 14.96 14.57 -17.28
CA MET D 416 15.44 15.87 -16.84
C MET D 416 14.97 17.06 -17.68
N GLY D 417 14.20 16.78 -18.71
CA GLY D 417 13.70 17.83 -19.58
C GLY D 417 14.79 18.49 -20.42
N LEU D 418 15.75 17.70 -20.86
CA LEU D 418 16.83 18.21 -21.70
C LEU D 418 16.41 18.21 -23.17
N THR D 419 17.04 19.04 -23.98
CA THR D 419 16.81 18.96 -25.43
C THR D 419 17.48 17.70 -25.97
N LYS D 420 18.78 17.54 -25.72
CA LYS D 420 19.46 16.28 -26.02
C LYS D 420 20.83 16.16 -25.36
N VAL D 421 21.42 14.98 -25.47
CA VAL D 421 22.78 14.75 -25.00
C VAL D 421 23.64 14.23 -26.15
N GLU D 422 24.78 14.88 -26.38
CA GLU D 422 25.72 14.43 -27.39
C GLU D 422 26.92 13.75 -26.75
N PHE D 423 27.15 12.49 -27.09
CA PHE D 423 28.28 11.74 -26.54
C PHE D 423 29.48 11.90 -27.45
N VAL D 424 30.63 12.23 -26.85
CA VAL D 424 31.87 12.27 -27.61
C VAL D 424 32.68 11.04 -27.27
N MET D 425 32.68 10.05 -28.15
CA MET D 425 33.34 8.78 -27.85
C MET D 425 34.86 8.88 -27.79
N CYS D 426 35.44 8.37 -26.71
CA CYS D 426 36.88 8.42 -26.51
C CYS D 426 37.48 7.06 -26.13
N PRO D 427 37.51 6.12 -27.09
CA PRO D 427 38.10 4.78 -26.88
C PRO D 427 39.56 4.86 -26.44
N VAL D 428 39.95 3.96 -25.55
CA VAL D 428 41.31 3.83 -25.06
C VAL D 428 41.82 2.42 -25.32
N GLU D 429 42.97 2.31 -25.98
CA GLU D 429 43.62 1.02 -26.16
C GLU D 429 44.24 0.55 -24.86
N VAL D 430 43.46 -0.13 -24.03
CA VAL D 430 43.95 -0.52 -22.73
C VAL D 430 43.37 -1.87 -22.32
N SER D 431 44.19 -2.70 -21.69
CA SER D 431 43.69 -4.02 -21.28
C SER D 431 43.63 -4.10 -19.75
N SER D 432 42.65 -4.82 -19.24
CA SER D 432 42.52 -5.01 -17.79
C SER D 432 43.79 -5.61 -17.16
N ALA D 433 44.52 -6.42 -17.91
CA ALA D 433 45.79 -6.99 -17.44
C ALA D 433 46.89 -5.94 -17.26
N ASP D 434 46.70 -4.76 -17.83
CA ASP D 434 47.68 -3.69 -17.68
C ASP D 434 47.55 -3.13 -16.27
N ARG D 435 48.61 -3.24 -15.47
CA ARG D 435 48.52 -2.75 -14.09
C ARG D 435 49.46 -1.59 -13.81
N ASN D 436 50.27 -1.23 -14.80
CA ASN D 436 51.30 -0.22 -14.58
C ASN D 436 51.16 1.04 -15.44
N GLY D 437 50.38 0.96 -16.51
CA GLY D 437 50.31 2.06 -17.45
C GLY D 437 48.90 2.33 -17.94
N ALA D 438 47.91 1.83 -17.22
CA ALA D 438 46.53 2.07 -17.62
C ALA D 438 46.12 3.55 -17.43
N HIS D 439 46.57 4.17 -16.35
CA HIS D 439 46.24 5.57 -16.12
C HIS D 439 46.82 6.46 -17.21
N THR D 440 48.08 6.21 -17.55
CA THR D 440 48.76 6.95 -18.61
C THR D 440 48.02 6.78 -19.93
N LYS D 441 47.51 5.57 -20.20
CA LYS D 441 46.79 5.35 -21.44
C LYS D 441 45.46 6.11 -21.49
N TYR D 442 44.73 6.11 -20.38
CA TYR D 442 43.48 6.85 -20.31
C TYR D 442 43.70 8.36 -20.54
N ASN D 443 44.69 8.92 -19.84
CA ASN D 443 44.97 10.35 -19.93
C ASN D 443 45.50 10.82 -21.30
N SER D 444 46.30 10.00 -21.95
CA SER D 444 46.73 10.30 -23.32
C SER D 444 45.58 10.31 -24.30
N ALA D 445 44.70 9.33 -24.20
CA ALA D 445 43.49 9.32 -25.03
C ALA D 445 42.67 10.59 -24.81
N ILE D 446 42.47 10.98 -23.55
CA ILE D 446 41.64 12.14 -23.23
C ILE D 446 42.25 13.42 -23.79
N GLU D 447 43.54 13.58 -23.54
CA GLU D 447 44.28 14.74 -24.03
C GLU D 447 44.19 14.83 -25.56
N ASP D 448 44.48 13.73 -26.23
CA ASP D 448 44.45 13.73 -27.70
C ASP D 448 43.05 14.02 -28.24
N LYS D 449 42.03 13.43 -27.61
CA LYS D 449 40.65 13.66 -28.02
C LYS D 449 40.17 15.11 -27.78
N LEU D 450 40.45 15.67 -26.62
CA LEU D 450 39.96 17.02 -26.32
C LEU D 450 40.64 18.12 -27.14
N ALA D 451 41.88 17.90 -27.54
CA ALA D 451 42.63 18.89 -28.32
C ALA D 451 41.91 19.25 -29.62
N GLY D 452 41.36 18.25 -30.29
CA GLY D 452 40.51 18.51 -31.43
C GLY D 452 39.10 17.98 -31.20
N ALA D 453 38.30 18.73 -30.45
CA ALA D 453 36.93 18.29 -30.14
C ALA D 453 36.03 19.42 -29.67
N GLY D 454 36.61 20.50 -29.20
CA GLY D 454 35.83 21.58 -28.64
C GLY D 454 35.37 21.26 -27.22
N GLU D 455 34.69 22.22 -26.60
CA GLU D 455 34.31 22.12 -25.19
C GLU D 455 33.36 20.96 -24.87
N VAL D 456 33.66 20.23 -23.81
CA VAL D 456 32.69 19.26 -23.29
C VAL D 456 32.28 19.72 -21.89
N HIS D 457 31.12 19.28 -21.45
CA HIS D 457 30.50 19.76 -20.21
C HIS D 457 30.63 18.76 -19.07
N ALA D 458 30.80 17.49 -19.43
CA ALA D 458 31.06 16.44 -18.47
C ALA D 458 31.67 15.24 -19.16
N GLY D 459 32.11 14.27 -18.37
CA GLY D 459 32.65 13.04 -18.89
C GLY D 459 32.11 11.84 -18.13
N ILE D 460 32.03 10.71 -18.82
CA ILE D 460 31.74 9.42 -18.22
C ILE D 460 32.98 8.58 -18.46
N VAL D 461 33.54 8.01 -17.40
CA VAL D 461 34.76 7.26 -17.53
C VAL D 461 34.48 5.81 -17.10
N VAL D 462 34.77 4.87 -18.02
CA VAL D 462 34.47 3.46 -17.80
C VAL D 462 35.73 2.71 -17.39
N LEU D 463 35.63 1.97 -16.29
CA LEU D 463 36.80 1.35 -15.66
C LEU D 463 36.67 -0.19 -15.60
N PHE D 464 37.79 -0.88 -15.81
CA PHE D 464 37.89 -2.30 -15.58
C PHE D 464 37.94 -2.49 -14.07
N GLU D 465 37.27 -3.53 -13.57
CA GLU D 465 37.30 -3.85 -12.15
C GLU D 465 38.72 -4.01 -11.61
N ASP D 466 39.60 -4.64 -12.38
CA ASP D 466 40.96 -4.87 -11.92
C ASP D 466 41.81 -3.60 -11.90
N HIS D 467 41.24 -2.50 -12.39
CA HIS D 467 41.89 -1.21 -12.32
C HIS D 467 41.29 -0.36 -11.20
N ALA D 468 40.07 -0.69 -10.80
CA ALA D 468 39.30 0.16 -9.89
C ALA D 468 40.07 0.52 -8.62
N ARG D 469 40.75 -0.46 -8.02
CA ARG D 469 41.35 -0.31 -6.70
C ARG D 469 42.89 -0.24 -6.69
N LEU D 470 43.49 -0.08 -7.87
CA LEU D 470 44.94 0.10 -7.99
C LEU D 470 45.41 1.26 -7.12
N PRO D 471 46.67 1.22 -6.69
CA PRO D 471 47.22 2.35 -5.92
C PRO D 471 47.15 3.65 -6.72
N ASP D 472 46.95 4.75 -6.01
CA ASP D 472 46.68 6.04 -6.62
C ASP D 472 47.74 6.45 -7.66
N ASP D 473 48.98 6.02 -7.47
CA ASP D 473 50.02 6.41 -8.42
C ASP D 473 49.80 5.80 -9.82
N ARG D 474 48.95 4.80 -9.95
CA ARG D 474 48.68 4.22 -11.27
CA ARG D 474 48.69 4.17 -11.24
C ARG D 474 47.20 3.94 -11.46
N ASN D 475 46.37 4.60 -10.65
CA ASN D 475 44.93 4.39 -10.68
C ASN D 475 44.19 5.30 -11.67
N PRO D 476 43.47 4.70 -12.63
CA PRO D 476 42.84 5.46 -13.71
C PRO D 476 41.62 6.25 -13.27
N TYR D 477 40.93 5.79 -12.24
CA TYR D 477 39.82 6.57 -11.67
C TYR D 477 40.36 7.90 -11.23
N ILE D 478 41.40 7.89 -10.39
CA ILE D 478 41.88 9.13 -9.80
C ILE D 478 42.63 10.03 -10.80
N HIS D 479 43.33 9.42 -11.76
CA HIS D 479 44.03 10.20 -12.78
C HIS D 479 43.12 10.88 -13.81
N THR D 480 42.11 10.16 -14.30
CA THR D 480 41.11 10.78 -15.16
C THR D 480 40.28 11.84 -14.41
N LYS D 481 39.87 11.51 -13.18
CA LYS D 481 39.15 12.43 -12.32
C LYS D 481 39.97 13.72 -12.20
N SER D 482 41.25 13.55 -11.91
CA SER D 482 42.17 14.68 -11.77
C SER D 482 42.33 15.50 -13.05
N LEU D 483 42.61 14.80 -14.15
CA LEU D 483 42.86 15.48 -15.42
C LEU D 483 41.62 16.27 -15.81
N LEU D 484 40.46 15.63 -15.73
CA LEU D 484 39.24 16.26 -16.24
C LEU D 484 38.76 17.41 -15.31
N LEU D 485 38.84 17.17 -14.00
CA LEU D 485 38.55 18.26 -13.05
C LEU D 485 39.48 19.45 -13.22
N THR D 486 40.76 19.22 -13.50
CA THR D 486 41.69 20.32 -13.73
C THR D 486 41.22 21.18 -14.91
N LEU D 487 40.67 20.52 -15.93
CA LEU D 487 40.22 21.21 -17.13
C LEU D 487 38.82 21.79 -16.98
N GLY D 488 38.18 21.53 -15.85
CA GLY D 488 36.86 22.07 -15.56
C GLY D 488 35.73 21.17 -16.04
N VAL D 489 35.99 19.88 -16.04
CA VAL D 489 35.04 18.92 -16.58
C VAL D 489 34.71 17.90 -15.50
N PRO D 490 33.47 17.91 -14.98
CA PRO D 490 33.18 16.92 -13.96
C PRO D 490 32.98 15.58 -14.62
N THR D 491 33.26 14.50 -13.90
CA THR D 491 33.04 13.19 -14.45
C THR D 491 32.12 12.35 -13.56
N GLN D 492 31.35 11.48 -14.21
CA GLN D 492 30.65 10.40 -13.52
C GLN D 492 31.29 9.10 -13.94
N GLN D 493 31.99 8.44 -13.03
CA GLN D 493 32.72 7.26 -13.43
C GLN D 493 31.91 5.98 -13.15
N VAL D 494 32.32 4.87 -13.73
CA VAL D 494 31.52 3.63 -13.66
C VAL D 494 32.39 2.42 -13.96
N ARG D 495 32.25 1.36 -13.18
CA ARG D 495 33.04 0.14 -13.38
C ARG D 495 32.34 -0.85 -14.32
N MET D 496 33.11 -1.72 -14.99
CA MET D 496 32.51 -2.63 -15.99
C MET D 496 31.39 -3.56 -15.45
N PRO D 497 31.55 -4.12 -14.23
CA PRO D 497 30.43 -4.88 -13.67
C PRO D 497 29.13 -4.10 -13.58
N THR D 498 29.22 -2.79 -13.39
CA THR D 498 28.01 -1.98 -13.28
C THR D 498 27.41 -1.80 -14.67
N VAL D 499 28.28 -1.60 -15.65
CA VAL D 499 27.86 -1.46 -17.03
C VAL D 499 27.09 -2.72 -17.46
N LEU D 500 27.51 -3.86 -16.91
CA LEU D 500 26.98 -5.18 -17.24
C LEU D 500 25.78 -5.66 -16.44
N LEU D 501 25.28 -4.87 -15.48
CA LEU D 501 24.19 -5.33 -14.62
C LEU D 501 22.96 -5.77 -15.43
N GLU D 502 22.27 -6.80 -14.93
CA GLU D 502 21.02 -7.22 -15.54
C GLU D 502 20.01 -6.09 -15.41
N PRO D 503 19.05 -6.00 -16.35
CA PRO D 503 18.09 -4.89 -16.47
C PRO D 503 17.32 -4.48 -15.21
N LYS D 504 16.93 -5.43 -14.36
CA LYS D 504 16.19 -5.08 -13.14
C LYS D 504 17.02 -4.22 -12.18
N SER D 505 18.33 -4.50 -12.13
CA SER D 505 19.28 -3.73 -11.33
C SER D 505 19.76 -2.47 -12.05
N LEU D 506 19.89 -2.56 -13.38
CA LEU D 506 20.36 -1.42 -14.15
C LEU D 506 19.46 -0.21 -14.01
N GLN D 507 18.15 -0.43 -13.87
CA GLN D 507 17.24 0.71 -13.82
C GLN D 507 17.47 1.57 -12.57
N TYR D 508 17.87 0.96 -11.46
CA TYR D 508 18.10 1.71 -10.23
C TYR D 508 19.44 2.43 -10.31
N THR D 509 20.45 1.70 -10.78
CA THR D 509 21.73 2.27 -11.10
C THR D 509 21.63 3.52 -11.97
N LEU D 510 20.86 3.42 -13.03
CA LEU D 510 20.71 4.56 -13.93
C LEU D 510 19.93 5.72 -13.31
N GLN D 511 19.07 5.42 -12.35
CA GLN D 511 18.38 6.49 -11.63
C GLN D 511 19.44 7.31 -10.90
N ASN D 512 20.26 6.63 -10.12
CA ASN D 512 21.27 7.29 -9.32
C ASN D 512 22.33 7.97 -10.18
N PHE D 513 22.74 7.29 -11.24
CA PHE D 513 23.67 7.80 -12.24
C PHE D 513 23.15 9.11 -12.82
N SER D 514 21.85 9.18 -13.07
CA SER D 514 21.24 10.33 -13.73
C SER D 514 21.15 11.55 -12.83
N ILE D 515 20.72 11.34 -11.59
CA ILE D 515 20.64 12.41 -10.63
C ILE D 515 22.03 13.00 -10.37
N ALA D 516 23.00 12.14 -10.13
CA ALA D 516 24.36 12.62 -9.89
C ALA D 516 24.90 13.40 -11.11
N THR D 517 24.71 12.84 -12.31
CA THR D 517 25.21 13.49 -13.53
C THR D 517 24.55 14.83 -13.76
N TYR D 518 23.25 14.91 -13.52
CA TYR D 518 22.53 16.19 -13.64
C TYR D 518 23.11 17.26 -12.71
N ALA D 519 23.36 16.86 -11.46
CA ALA D 519 23.98 17.74 -10.47
C ALA D 519 25.43 18.05 -10.85
N LYS D 520 26.12 17.11 -11.49
CA LYS D 520 27.46 17.39 -11.99
C LYS D 520 27.43 18.40 -13.14
N LEU D 521 26.30 18.41 -13.87
CA LEU D 521 26.05 19.44 -14.87
C LEU D 521 25.55 20.81 -14.33
N ASN D 522 25.67 21.02 -13.01
CA ASN D 522 25.20 22.20 -12.27
C ASN D 522 23.74 22.13 -11.80
N GLY D 523 23.09 21.00 -11.97
CA GLY D 523 21.66 20.91 -11.73
C GLY D 523 21.23 20.76 -10.27
N THR D 524 20.00 21.15 -10.00
CA THR D 524 19.36 20.90 -8.70
C THR D 524 18.15 20.01 -8.92
N PRO D 525 18.32 18.70 -8.77
CA PRO D 525 17.25 17.74 -9.05
C PRO D 525 16.04 17.92 -8.12
N TRP D 526 16.28 18.14 -6.84
CA TRP D 526 15.21 18.38 -5.88
C TRP D 526 15.71 19.04 -4.60
N THR D 527 14.78 19.66 -3.89
CA THR D 527 15.03 20.31 -2.63
C THR D 527 14.20 19.56 -1.59
N VAL D 528 14.34 19.94 -0.30
CA VAL D 528 13.51 19.43 0.78
C VAL D 528 12.82 20.57 1.54
N ASN D 529 11.55 20.37 1.88
CA ASN D 529 10.71 21.41 2.48
C ASN D 529 11.21 21.95 3.81
N HIS D 530 10.97 23.22 4.05
CA HIS D 530 11.00 23.76 5.40
C HIS D 530 9.95 24.86 5.50
N ASP D 531 9.61 25.27 6.72
CA ASP D 531 8.52 26.23 6.89
C ASP D 531 8.99 27.58 7.43
N LYS D 532 9.92 28.19 6.71
CA LYS D 532 10.36 29.56 6.98
C LYS D 532 10.72 29.84 8.43
N ALA D 533 9.71 30.25 9.20
CA ALA D 533 9.88 30.71 10.57
C ALA D 533 10.71 32.00 10.64
N ILE D 534 12.01 31.87 10.41
CA ILE D 534 12.93 33.00 10.51
C ILE D 534 13.33 33.56 9.14
N ASN D 535 13.98 34.72 9.14
CA ASN D 535 14.29 35.45 7.93
C ASN D 535 15.42 34.89 7.06
N ASP D 536 16.32 34.13 7.68
CA ASP D 536 17.43 33.48 6.98
C ASP D 536 18.12 32.43 7.85
N GLU D 537 18.49 31.32 7.23
CA GLU D 537 19.10 30.24 7.98
C GLU D 537 20.25 29.65 7.19
N LEU D 538 21.41 29.54 7.84
CA LEU D 538 22.59 28.95 7.20
C LEU D 538 23.01 27.71 7.97
N VAL D 539 23.32 26.64 7.26
CA VAL D 539 23.83 25.43 7.91
C VAL D 539 25.16 25.02 7.27
N VAL D 540 26.20 24.93 8.08
CA VAL D 540 27.47 24.51 7.52
C VAL D 540 27.95 23.24 8.20
N GLY D 541 28.37 22.30 7.38
CA GLY D 541 28.87 21.02 7.87
C GLY D 541 30.34 20.88 7.55
N MET D 542 31.02 20.13 8.39
CA MET D 542 32.41 19.79 8.23
C MET D 542 32.55 18.26 8.23
N GLY D 543 33.37 17.74 7.34
CA GLY D 543 33.56 16.31 7.22
C GLY D 543 35.04 16.02 7.13
N LEU D 544 35.46 14.87 7.64
CA LEU D 544 36.87 14.47 7.66
C LEU D 544 37.14 13.30 6.70
N ALA D 545 38.33 13.30 6.09
CA ALA D 545 38.88 12.09 5.51
C ALA D 545 40.30 11.93 6.04
N GLU D 546 40.70 10.68 6.27
CA GLU D 546 42.06 10.38 6.71
C GLU D 546 42.65 9.41 5.70
N LEU D 547 43.63 9.88 4.96
CA LEU D 547 44.12 9.12 3.80
C LEU D 547 45.45 8.45 4.04
N SER D 548 45.68 7.36 3.32
CA SER D 548 46.94 6.65 3.40
C SER D 548 47.07 5.70 2.21
N GLY D 549 48.30 5.43 1.81
CA GLY D 549 48.53 4.47 0.76
C GLY D 549 48.35 3.05 1.24
N SER D 550 48.52 2.83 2.55
CA SER D 550 48.41 1.50 3.13
C SER D 550 48.09 1.56 4.62
N ARG D 551 47.69 0.42 5.18
CA ARG D 551 47.36 0.35 6.61
C ARG D 551 48.54 0.68 7.52
N THR D 552 49.76 0.39 7.06
CA THR D 552 50.97 0.67 7.83
C THR D 552 51.20 2.16 7.95
N GLU D 553 51.21 2.83 6.81
CA GLU D 553 51.49 4.26 6.69
C GLU D 553 50.49 5.11 7.47
N LYS D 554 51.01 5.99 8.33
CA LYS D 554 50.20 6.90 9.12
C LYS D 554 49.31 7.80 8.24
N ARG D 555 48.04 7.93 8.61
CA ARG D 555 47.06 8.68 7.82
C ARG D 555 47.21 10.18 7.95
N GLN D 556 46.93 10.90 6.85
CA GLN D 556 46.87 12.36 6.88
C GLN D 556 45.40 12.80 6.82
N ARG D 557 45.05 13.85 7.55
CA ARG D 557 43.67 14.28 7.63
C ARG D 557 43.34 15.47 6.71
N PHE D 558 42.14 15.45 6.13
CA PHE D 558 41.66 16.49 5.25
C PHE D 558 40.25 16.79 5.65
N VAL D 559 39.82 18.03 5.46
CA VAL D 559 38.49 18.44 5.86
C VAL D 559 37.72 19.08 4.71
N GLY D 560 36.43 18.78 4.63
CA GLY D 560 35.56 19.40 3.66
C GLY D 560 34.52 20.25 4.38
N ILE D 561 33.99 21.24 3.68
CA ILE D 561 32.95 22.12 4.22
C ILE D 561 31.81 22.21 3.20
N THR D 562 30.58 22.00 3.66
CA THR D 562 29.40 22.09 2.80
C THR D 562 28.44 23.08 3.43
N THR D 563 27.82 23.94 2.63
CA THR D 563 26.82 24.87 3.19
C THR D 563 25.45 24.66 2.57
N VAL D 564 24.41 24.86 3.37
CA VAL D 564 23.03 24.72 2.90
C VAL D 564 22.27 25.95 3.40
N PHE D 565 21.36 26.48 2.58
CA PHE D 565 20.65 27.72 2.86
C PHE D 565 19.17 27.48 2.90
N ALA D 566 18.45 28.19 3.76
CA ALA D 566 17.00 28.14 3.71
C ALA D 566 16.57 28.99 2.52
N GLY D 567 15.73 28.44 1.65
CA GLY D 567 15.20 29.21 0.53
C GLY D 567 13.76 29.58 0.82
N ASP D 568 12.98 29.85 -0.23
CA ASP D 568 11.57 30.23 -0.07
C ASP D 568 10.85 29.30 0.88
N GLY D 569 10.54 28.09 0.40
CA GLY D 569 10.03 27.05 1.28
C GLY D 569 10.92 25.84 1.14
N SER D 570 12.20 26.10 0.87
CA SER D 570 13.13 25.08 0.39
C SER D 570 14.53 25.24 0.97
N TYR D 571 15.24 24.13 1.22
CA TYR D 571 16.67 24.19 1.54
C TYR D 571 17.53 24.11 0.28
N LEU D 572 18.30 25.15 -0.02
CA LEU D 572 19.16 25.13 -1.21
C LEU D 572 20.61 24.83 -0.87
N LEU D 573 21.24 24.00 -1.69
CA LEU D 573 22.66 23.72 -1.52
C LEU D 573 23.48 24.95 -1.89
N GLY D 574 24.44 25.31 -1.05
CA GLY D 574 25.25 26.48 -1.33
C GLY D 574 26.59 26.07 -1.87
N ASN D 575 27.57 26.98 -1.78
CA ASN D 575 28.92 26.68 -2.22
C ASN D 575 29.62 25.66 -1.34
N VAL D 576 30.83 25.31 -1.73
CA VAL D 576 31.51 24.16 -1.16
C VAL D 576 33.02 24.42 -1.16
N SER D 577 33.74 23.85 -0.21
CA SER D 577 35.16 24.18 -0.05
C SER D 577 35.99 23.67 -1.23
N LYS D 578 37.13 24.32 -1.46
CA LYS D 578 38.08 23.84 -2.47
C LYS D 578 39.46 23.61 -1.88
N GLU D 579 39.67 24.05 -0.65
CA GLU D 579 40.89 23.68 0.08
C GLU D 579 40.52 22.57 1.07
N CYS D 580 41.49 21.72 1.42
CA CYS D 580 41.19 20.56 2.26
C CYS D 580 42.03 20.49 3.56
N GLU D 581 42.92 21.47 3.73
CA GLU D 581 43.23 22.15 5.01
C GLU D 581 42.99 21.55 6.42
N TYR D 582 43.62 20.46 6.85
CA TYR D 582 43.29 20.03 8.22
C TYR D 582 43.75 20.94 9.36
N GLU D 583 45.01 21.37 9.32
CA GLU D 583 45.50 22.32 10.30
C GLU D 583 44.84 23.69 10.09
N GLY D 584 44.05 24.13 11.07
CA GLY D 584 43.38 25.42 11.00
C GLY D 584 41.96 25.33 10.48
N TYR D 585 41.37 24.15 10.58
CA TYR D 585 40.02 23.93 10.09
C TYR D 585 39.03 24.88 10.80
N SER D 586 39.32 25.15 12.07
CA SER D 586 38.52 26.07 12.87
C SER D 586 38.40 27.42 12.19
N ASP D 587 39.54 27.93 11.73
CA ASP D 587 39.59 29.17 10.98
C ASP D 587 38.74 29.08 9.71
N ALA D 588 38.85 27.96 9.00
CA ALA D 588 38.08 27.73 7.77
C ALA D 588 36.58 27.81 8.02
N ILE D 589 36.15 27.26 9.15
CA ILE D 589 34.75 27.29 9.52
C ILE D 589 34.31 28.72 9.76
N ARG D 590 35.15 29.47 10.45
CA ARG D 590 34.90 30.89 10.72
C ARG D 590 34.83 31.66 9.41
N GLU D 591 35.88 31.54 8.62
CA GLU D 591 36.00 32.25 7.35
C GLU D 591 34.80 31.98 6.46
N SER D 592 34.44 30.71 6.36
CA SER D 592 33.26 30.31 5.58
C SER D 592 31.95 30.97 6.04
N MET D 593 31.68 30.91 7.34
CA MET D 593 30.43 31.44 7.90
C MET D 593 30.30 32.96 7.76
N THR D 594 31.36 33.68 8.09
CA THR D 594 31.29 35.14 8.10
C THR D 594 31.21 35.69 6.68
N GLY D 595 31.93 35.06 5.76
CA GLY D 595 31.90 35.47 4.37
C GLY D 595 30.51 35.30 3.80
N ILE D 596 29.94 34.11 4.03
CA ILE D 596 28.59 33.80 3.60
C ILE D 596 27.53 34.69 4.26
N LEU D 597 27.72 35.00 5.54
CA LEU D 597 26.76 35.84 6.27
C LEU D 597 26.80 37.26 5.70
N ARG D 598 28.00 37.75 5.40
CA ARG D 598 28.20 39.05 4.77
C ARG D 598 27.49 39.15 3.42
N GLU D 599 27.55 38.07 2.64
CA GLU D 599 26.92 38.02 1.34
C GLU D 599 25.39 37.86 1.44
N LEU D 600 24.94 37.13 2.45
CA LEU D 600 23.51 36.89 2.66
C LEU D 600 22.74 38.16 3.01
N LYS D 601 23.34 38.99 3.87
CA LYS D 601 22.73 40.25 4.29
C LYS D 601 22.44 41.14 3.09
N LYS D 602 23.41 41.26 2.20
CA LYS D 602 23.24 42.06 0.99
C LYS D 602 22.31 41.38 -0.01
N ARG D 603 22.33 40.05 -0.05
CA ARG D 603 21.47 39.30 -0.95
C ARG D 603 19.99 39.34 -0.54
N ASN D 604 19.69 38.90 0.69
CA ASN D 604 18.29 38.75 1.11
C ASN D 604 17.68 39.95 1.85
N ASN D 605 18.41 41.06 1.91
CA ASN D 605 17.92 42.29 2.52
C ASN D 605 17.30 42.09 3.90
N TRP D 606 18.15 41.91 4.91
CA TRP D 606 17.70 41.76 6.28
C TRP D 606 17.14 43.07 6.81
N ARG D 607 15.90 43.06 7.26
CA ARG D 607 15.35 44.22 7.97
C ARG D 607 15.69 44.15 9.47
N PRO D 608 15.83 45.32 10.12
CA PRO D 608 16.05 45.37 11.57
C PRO D 608 15.01 44.54 12.32
N GLY D 609 15.45 43.69 13.23
CA GLY D 609 14.53 42.87 14.00
C GLY D 609 14.44 41.44 13.50
N ASP D 610 14.80 41.22 12.24
CA ASP D 610 14.84 39.86 11.67
C ASP D 610 15.75 38.93 12.46
N THR D 611 15.41 37.66 12.47
CA THR D 611 16.23 36.65 13.09
C THR D 611 17.04 35.90 12.04
N VAL D 612 18.30 35.66 12.36
CA VAL D 612 19.20 34.89 11.52
C VAL D 612 19.71 33.70 12.31
N ARG D 613 19.51 32.50 11.78
CA ARG D 613 19.98 31.30 12.45
C ARG D 613 21.13 30.62 11.71
N VAL D 614 22.17 30.26 12.44
CA VAL D 614 23.29 29.54 11.86
C VAL D 614 23.55 28.25 12.62
N VAL D 615 23.62 27.15 11.88
CA VAL D 615 23.80 25.84 12.49
C VAL D 615 25.06 25.19 11.90
N PHE D 616 25.81 24.49 12.76
CA PHE D 616 26.98 23.73 12.35
C PHE D 616 26.75 22.23 12.65
N HIS D 617 27.15 21.37 11.70
CA HIS D 617 27.04 19.90 11.80
C HIS D 617 28.41 19.25 11.65
N ALA D 618 28.70 18.22 12.44
CA ALA D 618 29.91 17.40 12.26
C ALA D 618 29.71 16.11 13.05
N HIS D 619 30.62 15.15 12.88
CA HIS D 619 30.54 13.87 13.61
C HIS D 619 31.23 13.95 14.93
N ARG D 620 31.87 15.08 15.20
CA ARG D 620 32.58 15.31 16.46
C ARG D 620 32.19 16.68 17.01
N PRO D 621 32.26 16.88 18.34
CA PRO D 621 31.92 18.21 18.87
C PRO D 621 33.05 19.21 18.69
N LEU D 622 32.73 20.49 18.54
CA LEU D 622 33.75 21.52 18.45
C LEU D 622 34.22 21.87 19.86
N LYS D 623 35.44 22.41 19.97
CA LYS D 623 35.91 22.95 21.25
C LYS D 623 35.09 24.16 21.63
N ARG D 624 34.93 24.40 22.93
CA ARG D 624 34.22 25.58 23.41
C ARG D 624 34.91 26.85 22.93
N VAL D 625 36.24 26.81 22.89
CA VAL D 625 37.02 27.92 22.38
C VAL D 625 36.69 28.21 20.92
N ASP D 626 36.52 27.15 20.13
CA ASP D 626 36.14 27.30 18.73
C ASP D 626 34.77 27.94 18.63
N VAL D 627 33.85 27.46 19.46
CA VAL D 627 32.47 27.95 19.43
C VAL D 627 32.42 29.43 19.83
N ALA D 628 33.16 29.80 20.87
CA ALA D 628 33.17 31.20 21.31
C ALA D 628 33.70 32.08 20.20
N SER D 629 34.76 31.61 19.56
CA SER D 629 35.35 32.33 18.45
C SER D 629 34.38 32.45 17.25
N ILE D 630 33.68 31.37 16.94
CA ILE D 630 32.73 31.35 15.83
C ILE D 630 31.56 32.29 16.12
N VAL D 631 31.01 32.18 17.32
CA VAL D 631 29.87 33.00 17.71
C VAL D 631 30.24 34.48 17.65
N PHE D 632 31.45 34.82 18.10
CA PHE D 632 31.89 36.21 18.11
C PHE D 632 31.95 36.81 16.71
N GLU D 633 32.67 36.15 15.81
CA GLU D 633 32.80 36.63 14.43
C GLU D 633 31.47 36.76 13.68
N CYS D 634 30.60 35.75 13.82
CA CYS D 634 29.29 35.82 13.14
C CYS D 634 28.43 36.92 13.74
N THR D 635 28.47 37.05 15.07
CA THR D 635 27.64 38.05 15.72
C THR D 635 28.08 39.43 15.27
N ARG D 636 29.39 39.67 15.29
CA ARG D 636 29.91 40.97 14.89
C ARG D 636 29.72 41.22 13.40
N GLU D 637 29.74 40.16 12.59
CA GLU D 637 29.61 40.33 11.14
CA GLU D 637 29.60 40.30 11.14
C GLU D 637 28.18 40.67 10.74
N ILE D 638 27.18 40.04 11.36
CA ILE D 638 25.83 40.39 10.95
C ILE D 638 25.33 41.61 11.70
N GLY D 639 26.00 41.93 12.80
CA GLY D 639 25.75 43.19 13.48
C GLY D 639 24.51 43.18 14.35
N SER D 640 24.22 44.33 14.96
CA SER D 640 23.21 44.38 16.01
C SER D 640 21.81 44.70 15.52
N ASP D 641 21.63 44.96 14.22
CA ASP D 641 20.27 45.13 13.70
C ASP D 641 19.49 43.82 13.73
N GLN D 642 20.20 42.69 13.74
CA GLN D 642 19.50 41.40 13.75
C GLN D 642 19.64 40.63 15.06
N ASN D 643 18.70 39.72 15.30
CA ASN D 643 18.85 38.76 16.39
C ASN D 643 19.51 37.48 15.82
N ILE D 644 20.60 37.02 16.43
CA ILE D 644 21.31 35.82 15.93
C ILE D 644 21.11 34.60 16.81
N GLN D 645 20.72 33.47 16.20
CA GLN D 645 20.63 32.19 16.91
C GLN D 645 21.71 31.24 16.37
N MET D 646 22.51 30.65 17.24
CA MET D 646 23.54 29.74 16.74
C MET D 646 23.55 28.40 17.48
N ALA D 647 23.60 27.32 16.72
CA ALA D 647 23.65 25.96 17.28
C ALA D 647 24.80 25.15 16.69
N PHE D 648 25.44 24.37 17.56
CA PHE D 648 26.52 23.51 17.14
C PHE D 648 26.18 22.06 17.47
N VAL D 649 26.12 21.23 16.43
CA VAL D 649 25.48 19.92 16.53
C VAL D 649 26.45 18.81 16.17
N THR D 650 26.53 17.77 17.00
CA THR D 650 27.18 16.56 16.50
C THR D 650 26.22 15.39 16.29
N VAL D 651 26.49 14.66 15.22
CA VAL D 651 25.72 13.50 14.82
C VAL D 651 26.59 12.28 15.02
N SER D 652 26.12 11.34 15.86
CA SER D 652 26.83 10.11 16.18
C SER D 652 26.07 8.91 15.63
N HIS D 653 26.84 7.93 15.17
CA HIS D 653 26.30 6.67 14.64
C HIS D 653 26.59 5.49 15.59
N ASP D 654 27.74 5.54 16.25
CA ASP D 654 28.27 4.42 17.02
C ASP D 654 28.15 4.67 18.52
N HIS D 655 26.95 4.52 19.07
CA HIS D 655 26.66 4.83 20.46
C HIS D 655 25.95 3.61 21.07
N PRO D 656 25.71 3.61 22.39
CA PRO D 656 25.10 2.40 22.95
C PRO D 656 23.54 2.39 22.99
N PHE D 657 22.89 3.32 22.30
CA PHE D 657 21.43 3.44 22.39
C PHE D 657 20.71 2.82 21.20
N VAL D 658 19.62 2.10 21.47
CA VAL D 658 18.71 1.66 20.40
C VAL D 658 17.22 1.81 20.78
N LEU D 659 16.43 2.15 19.77
CA LEU D 659 15.00 2.40 19.93
C LEU D 659 14.19 1.21 19.41
N ILE D 660 13.28 0.69 20.24
CA ILE D 660 12.42 -0.42 19.88
C ILE D 660 10.95 -0.02 19.92
N ASP D 661 10.28 -0.08 18.77
CA ASP D 661 8.86 0.23 18.65
C ASP D 661 8.06 -1.08 18.60
N ARG D 662 7.67 -1.59 19.78
CA ARG D 662 7.01 -2.90 19.87
C ARG D 662 5.70 -2.96 19.09
N SER D 663 5.14 -1.80 18.77
CA SER D 663 3.91 -1.70 18.02
C SER D 663 4.12 -1.76 16.51
N GLU D 664 5.33 -2.08 16.08
CA GLU D 664 5.62 -2.19 14.64
C GLU D 664 5.61 -3.64 14.16
N ARG D 665 4.62 -4.00 13.36
CA ARG D 665 4.50 -5.38 12.90
C ARG D 665 5.54 -5.70 11.85
N GLY D 666 5.92 -4.67 11.09
CA GLY D 666 6.87 -4.84 10.01
C GLY D 666 6.15 -4.96 8.68
N LEU D 667 6.92 -5.10 7.62
CA LEU D 667 6.38 -5.25 6.27
C LEU D 667 6.85 -6.61 5.78
N GLU D 668 6.35 -7.04 4.63
CA GLU D 668 6.81 -8.29 4.04
C GLU D 668 8.17 -8.08 3.37
N ALA D 669 9.07 -9.04 3.54
CA ALA D 669 10.42 -8.96 2.97
C ALA D 669 10.37 -8.68 1.48
N TYR D 670 9.57 -9.48 0.78
CA TYR D 670 9.28 -9.29 -0.63
C TYR D 670 7.82 -9.63 -0.86
N LYS D 671 7.29 -9.25 -2.03
CA LYS D 671 5.90 -9.55 -2.36
C LYS D 671 5.81 -10.91 -3.05
N GLY D 672 5.22 -11.89 -2.37
CA GLY D 672 4.70 -11.73 -1.02
C GLY D 672 4.83 -13.01 -0.23
N SER D 673 5.41 -12.94 0.96
CA SER D 673 5.69 -14.15 1.73
C SER D 673 5.35 -14.04 3.21
N THR D 674 5.83 -15.01 3.99
CA THR D 674 5.57 -15.05 5.43
C THR D 674 6.59 -14.22 6.19
N ALA D 675 7.86 -14.36 5.82
CA ALA D 675 8.95 -13.63 6.48
C ALA D 675 8.73 -12.12 6.40
N ARG D 676 9.04 -11.42 7.48
CA ARG D 676 8.88 -9.97 7.52
C ARG D 676 10.19 -9.22 7.77
N LYS D 677 10.19 -7.92 7.48
CA LYS D 677 11.35 -7.08 7.70
C LYS D 677 10.96 -5.85 8.51
N GLY D 678 11.94 -5.25 9.18
CA GLY D 678 11.71 -4.02 9.89
C GLY D 678 10.82 -4.16 11.12
N VAL D 679 10.76 -5.36 11.68
CA VAL D 679 9.91 -5.61 12.84
C VAL D 679 10.46 -4.86 14.05
N PHE D 680 9.58 -4.10 14.72
CA PHE D 680 9.95 -3.25 15.86
C PHE D 680 10.78 -2.02 15.45
N ALA D 681 10.94 -1.78 14.15
CA ALA D 681 11.69 -0.59 13.72
C ALA D 681 10.82 0.64 13.86
N PRO D 682 11.29 1.62 14.63
CA PRO D 682 10.55 2.88 14.81
C PRO D 682 10.36 3.57 13.48
N PRO D 683 9.35 4.43 13.38
CA PRO D 683 9.12 5.09 12.09
C PRO D 683 10.21 6.13 11.83
N ARG D 684 10.42 6.45 10.56
CA ARG D 684 11.44 7.42 10.19
C ARG D 684 11.05 8.79 10.68
N GLY D 685 11.96 9.45 11.38
CA GLY D 685 11.65 10.75 11.92
C GLY D 685 11.21 10.72 13.39
N ALA D 686 11.13 9.53 13.98
CA ALA D 686 10.93 9.42 15.44
C ALA D 686 12.12 10.01 16.21
N ILE D 687 11.80 10.75 17.27
CA ILE D 687 12.80 11.53 18.01
C ILE D 687 12.61 11.37 19.52
N SER D 688 13.57 10.73 20.19
CA SER D 688 13.46 10.52 21.62
C SER D 688 14.42 11.42 22.41
N ARG D 689 13.92 11.93 23.54
CA ARG D 689 14.72 12.72 24.47
C ARG D 689 15.53 11.78 25.36
N VAL D 690 16.86 11.92 25.32
CA VAL D 690 17.71 11.15 26.22
C VAL D 690 18.11 12.08 27.35
N GLY D 691 18.35 13.34 27.00
CA GLY D 691 18.73 14.36 27.96
C GLY D 691 18.44 15.74 27.42
N ARG D 692 18.76 16.76 28.20
CA ARG D 692 18.58 18.15 27.76
C ARG D 692 19.23 18.44 26.40
N LEU D 693 20.44 17.92 26.19
CA LEU D 693 21.22 18.28 24.99
C LEU D 693 21.20 17.21 23.91
N THR D 694 20.49 16.10 24.15
CA THR D 694 20.69 14.93 23.32
C THR D 694 19.39 14.30 22.82
N ARG D 695 19.33 13.96 21.54
CA ARG D 695 18.16 13.29 20.98
C ARG D 695 18.54 12.02 20.23
N LEU D 696 17.60 11.08 20.16
CA LEU D 696 17.79 9.88 19.38
C LEU D 696 16.89 10.03 18.14
N LEU D 697 17.47 9.92 16.94
CA LEU D 697 16.75 10.16 15.69
C LEU D 697 16.66 8.87 14.89
N ALA D 698 15.45 8.39 14.62
CA ALA D 698 15.31 7.18 13.81
C ALA D 698 15.26 7.57 12.37
N VAL D 699 15.98 6.83 11.54
CA VAL D 699 16.08 7.19 10.13
C VAL D 699 15.72 6.03 9.19
N ASN D 700 15.99 4.79 9.62
CA ASN D 700 15.66 3.64 8.78
C ASN D 700 14.34 2.99 9.21
N SER D 701 13.25 3.43 8.59
CA SER D 701 11.91 2.87 8.78
C SER D 701 11.84 1.49 8.10
N PRO D 702 10.79 0.69 8.41
CA PRO D 702 10.62 -0.63 7.77
C PRO D 702 10.62 -0.55 6.25
N GLN D 703 10.00 0.48 5.72
CA GLN D 703 9.97 0.77 4.29
C GLN D 703 11.38 0.82 3.67
N LEU D 704 12.35 1.40 4.40
CA LEU D 704 13.72 1.55 3.90
C LEU D 704 14.59 0.34 4.21
N ILE D 705 14.21 -0.41 5.23
CA ILE D 705 14.96 -1.58 5.65
C ILE D 705 15.00 -2.64 4.54
N LYS D 706 16.18 -3.23 4.33
CA LYS D 706 16.46 -3.93 3.09
C LYS D 706 15.84 -5.34 3.00
N ARG D 707 16.16 -6.22 3.95
CA ARG D 707 15.63 -7.59 3.95
C ARG D 707 15.13 -8.08 5.31
N ALA D 708 14.73 -9.35 5.33
CA ALA D 708 14.16 -9.98 6.52
C ALA D 708 15.17 -10.05 7.65
N ASN D 709 16.41 -10.40 7.32
CA ASN D 709 17.46 -10.55 8.32
C ASN D 709 18.21 -9.26 8.64
N THR D 710 17.74 -8.14 8.10
CA THR D 710 18.33 -6.85 8.43
C THR D 710 17.99 -6.57 9.89
N PRO D 711 19.02 -6.40 10.72
CA PRO D 711 18.88 -6.13 12.16
C PRO D 711 18.01 -4.91 12.44
N LEU D 712 17.54 -4.79 13.68
CA LEU D 712 16.89 -3.57 14.14
C LEU D 712 17.90 -2.45 13.90
N PRO D 713 17.46 -1.36 13.25
CA PRO D 713 18.40 -0.26 12.98
C PRO D 713 18.82 0.42 14.28
N THR D 714 19.95 1.09 14.21
CA THR D 714 20.44 1.95 15.28
C THR D 714 20.04 3.38 14.89
N PRO D 715 19.51 4.16 15.85
CA PRO D 715 19.19 5.54 15.48
C PRO D 715 20.45 6.39 15.56
N LEU D 716 20.42 7.58 14.96
CA LEU D 716 21.48 8.56 15.12
C LEU D 716 21.32 9.25 16.46
N LEU D 717 22.43 9.57 17.09
CA LEU D 717 22.40 10.38 18.30
C LEU D 717 22.80 11.80 17.93
N VAL D 718 21.91 12.73 18.24
CA VAL D 718 22.10 14.14 17.89
C VAL D 718 22.39 14.90 19.18
N SER D 719 23.58 15.47 19.30
CA SER D 719 23.97 16.16 20.53
C SER D 719 24.22 17.65 20.27
N LEU D 720 23.63 18.50 21.11
CA LEU D 720 23.78 19.94 21.00
C LEU D 720 24.91 20.43 21.93
N HIS D 721 25.90 21.12 21.36
CA HIS D 721 26.97 21.76 22.12
C HIS D 721 26.36 22.67 23.21
N PRO D 722 26.87 22.56 24.45
CA PRO D 722 26.25 23.31 25.55
C PRO D 722 26.40 24.84 25.43
N ASP D 723 27.37 25.30 24.64
CA ASP D 723 27.56 26.75 24.50
C ASP D 723 26.74 27.34 23.36
N SER D 724 25.88 26.53 22.75
CA SER D 724 24.98 27.01 21.70
C SER D 724 23.99 28.01 22.27
N THR D 725 23.63 29.03 21.50
CA THR D 725 22.63 29.99 21.95
C THR D 725 21.21 29.61 21.51
N PHE D 726 21.13 28.78 20.48
CA PHE D 726 19.86 28.22 20.02
C PHE D 726 19.78 26.80 20.59
N LYS D 727 18.71 26.53 21.32
CA LYS D 727 18.65 25.36 22.18
C LYS D 727 17.64 24.30 21.76
N ASP D 728 16.92 24.52 20.67
CA ASP D 728 15.86 23.58 20.29
C ASP D 728 16.38 22.32 19.60
N VAL D 729 16.82 21.33 20.36
CA VAL D 729 17.46 20.18 19.75
C VAL D 729 16.49 19.26 18.99
N ASP D 730 15.20 19.31 19.33
CA ASP D 730 14.18 18.62 18.53
C ASP D 730 14.12 19.16 17.10
N TYR D 731 14.18 20.48 16.97
CA TYR D 731 14.19 21.11 15.67
C TYR D 731 15.44 20.70 14.90
N LEU D 732 16.58 20.79 15.57
CA LEU D 732 17.86 20.49 14.95
C LEU D 732 17.92 19.04 14.47
N ALA D 733 17.27 18.14 15.20
CA ALA D 733 17.21 16.72 14.82
C ALA D 733 16.36 16.51 13.58
N GLU D 734 15.22 17.18 13.53
CA GLU D 734 14.37 17.06 12.35
C GLU D 734 15.10 17.64 11.12
N GLN D 735 15.83 18.73 11.34
CA GLN D 735 16.61 19.36 10.28
C GLN D 735 17.66 18.38 9.76
N ALA D 736 18.33 17.66 10.68
CA ALA D 736 19.31 16.66 10.29
C ALA D 736 18.68 15.55 9.44
N LEU D 737 17.47 15.15 9.82
CA LEU D 737 16.76 14.13 9.06
C LEU D 737 16.42 14.65 7.66
N LYS D 738 15.89 15.86 7.56
CA LYS D 738 15.64 16.47 6.27
C LYS D 738 16.88 16.47 5.39
N PHE D 739 18.04 16.67 6.00
CA PHE D 739 19.29 16.82 5.24
C PHE D 739 19.83 15.48 4.76
N THR D 740 19.29 14.40 5.30
CA THR D 740 19.66 13.08 4.82
C THR D 740 18.95 12.78 3.48
N SER D 741 17.85 13.50 3.23
CA SER D 741 17.06 13.32 2.01
C SER D 741 17.54 14.23 0.89
N LEU D 742 18.52 15.07 1.20
CA LEU D 742 18.99 16.06 0.24
C LEU D 742 20.12 15.53 -0.66
N SER D 743 20.56 14.30 -0.42
CA SER D 743 21.68 13.76 -1.18
C SER D 743 21.34 13.48 -2.64
N TRP D 744 22.11 14.09 -3.53
CA TRP D 744 21.95 13.83 -4.98
C TRP D 744 22.90 12.75 -5.48
N ARG D 745 23.47 11.99 -4.54
CA ARG D 745 24.20 10.78 -4.85
C ARG D 745 23.25 9.63 -5.17
N SER D 746 22.03 9.75 -4.69
CA SER D 746 21.13 8.61 -4.78
C SER D 746 19.71 9.05 -4.62
N THR D 747 18.81 8.11 -4.87
CA THR D 747 17.39 8.37 -4.79
C THR D 747 16.98 8.07 -3.35
N LEU D 748 17.63 7.08 -2.75
CA LEU D 748 17.44 6.74 -1.33
C LEU D 748 18.20 7.72 -0.47
N PRO D 749 17.72 7.98 0.76
CA PRO D 749 18.37 9.01 1.57
C PRO D 749 19.74 8.53 2.08
N ALA D 750 20.59 9.47 2.49
CA ALA D 750 21.93 9.10 2.96
C ALA D 750 21.94 8.76 4.44
N ALA D 751 23.05 8.19 4.89
CA ALA D 751 23.21 7.73 6.26
C ALA D 751 23.48 8.87 7.24
N THR D 752 23.73 10.07 6.69
CA THR D 752 24.11 11.21 7.49
C THR D 752 23.74 12.44 6.67
N PRO D 753 23.44 13.57 7.33
CA PRO D 753 23.03 14.76 6.58
C PRO D 753 24.10 15.15 5.54
N VAL D 754 23.69 15.72 4.40
CA VAL D 754 24.63 15.98 3.29
C VAL D 754 25.66 17.00 3.70
N THR D 755 25.34 17.76 4.73
CA THR D 755 26.21 18.81 5.18
C THR D 755 27.50 18.17 5.76
N ILE D 756 27.40 16.94 6.30
CA ILE D 756 28.59 16.21 6.69
C ILE D 756 29.04 15.28 5.57
N PHE D 757 28.08 14.58 4.97
CA PHE D 757 28.34 13.61 3.90
C PHE D 757 29.14 14.18 2.71
N TYR D 758 28.64 15.26 2.13
CA TYR D 758 29.32 15.88 0.99
C TYR D 758 30.72 16.31 1.42
N SER D 759 30.82 16.86 2.62
CA SER D 759 32.09 17.31 3.14
C SER D 759 33.13 16.18 3.19
N GLU D 760 32.69 14.98 3.55
CA GLU D 760 33.60 13.82 3.62
C GLU D 760 34.05 13.40 2.23
N ARG D 761 33.11 13.40 1.28
CA ARG D 761 33.41 13.03 -0.11
C ARG D 761 34.39 14.01 -0.72
N ILE D 762 34.23 15.29 -0.38
CA ILE D 762 35.10 16.35 -0.89
C ILE D 762 36.49 16.22 -0.28
N ALA D 763 36.55 15.98 1.03
CA ALA D 763 37.84 15.87 1.73
C ALA D 763 38.63 14.70 1.16
N GLU D 764 37.92 13.64 0.85
CA GLU D 764 38.57 12.44 0.37
C GLU D 764 39.10 12.66 -1.05
N LEU D 765 38.28 13.22 -1.92
CA LEU D 765 38.72 13.47 -3.27
C LEU D 765 39.83 14.50 -3.31
N LEU D 766 39.65 15.67 -2.68
CA LEU D 766 40.72 16.66 -2.71
C LEU D 766 42.00 16.11 -2.08
N GLY D 767 41.86 15.33 -1.01
CA GLY D 767 43.00 14.74 -0.34
C GLY D 767 43.78 13.81 -1.26
N ARG D 768 43.09 12.92 -1.98
CA ARG D 768 43.81 12.05 -2.92
C ARG D 768 44.41 12.87 -4.05
N LEU D 769 43.65 13.85 -4.55
CA LEU D 769 44.07 14.64 -5.71
C LEU D 769 45.36 15.41 -5.43
N LYS D 770 45.51 15.85 -4.19
CA LYS D 770 46.71 16.58 -3.79
C LYS D 770 48.02 15.86 -4.16
N SER D 771 47.99 14.52 -4.17
CA SER D 771 49.18 13.76 -4.54
C SER D 771 49.27 13.36 -6.03
N ILE D 772 48.32 13.81 -6.84
CA ILE D 772 48.36 13.47 -8.25
C ILE D 772 49.13 14.52 -9.04
N PRO D 773 50.20 14.09 -9.72
CA PRO D 773 50.96 15.04 -10.55
C PRO D 773 50.04 15.72 -11.56
N ASN D 774 50.29 17.01 -11.79
CA ASN D 774 49.52 17.82 -12.72
C ASN D 774 48.07 18.15 -12.27
N TRP D 775 47.70 17.77 -11.05
CA TRP D 775 46.42 18.18 -10.51
C TRP D 775 46.45 19.67 -10.21
N SER D 776 45.39 20.39 -10.60
CA SER D 776 45.18 21.77 -10.13
C SER D 776 43.72 22.02 -9.79
N SER D 777 43.49 22.68 -8.66
CA SER D 777 42.14 23.03 -8.21
C SER D 777 41.64 24.32 -8.83
N ALA D 778 42.42 24.89 -9.76
CA ALA D 778 42.11 26.20 -10.35
C ALA D 778 40.68 26.33 -10.86
N ASN D 779 40.11 25.24 -11.38
CA ASN D 779 38.76 25.34 -11.93
C ASN D 779 37.65 25.06 -10.93
N LEU D 780 38.00 24.65 -9.71
CA LEU D 780 36.97 24.29 -8.74
C LEU D 780 36.05 25.47 -8.43
N ASN D 781 36.60 26.68 -8.44
CA ASN D 781 35.75 27.86 -8.26
C ASN D 781 35.55 28.71 -9.51
N ILE D 782 35.85 28.15 -10.68
CA ILE D 782 35.57 28.82 -11.93
C ILE D 782 34.60 27.96 -12.74
N LYS D 783 35.09 27.08 -13.60
CA LYS D 783 34.18 26.26 -14.39
C LYS D 783 33.24 25.38 -13.51
N LEU D 784 33.71 25.00 -12.33
CA LEU D 784 33.03 23.99 -11.50
C LEU D 784 32.35 24.58 -10.28
N LYS D 785 32.30 25.91 -10.21
CA LYS D 785 31.78 26.58 -9.02
C LYS D 785 30.39 26.07 -8.61
N TRP D 786 29.56 25.72 -9.60
CA TRP D 786 28.19 25.28 -9.32
C TRP D 786 27.99 23.80 -9.64
N SER D 787 29.08 23.10 -9.97
CA SER D 787 28.99 21.69 -10.32
C SER D 787 29.09 20.89 -9.04
N ARG D 788 28.23 19.89 -8.87
CA ARG D 788 28.39 19.04 -7.70
C ARG D 788 29.31 17.88 -8.05
N TRP D 789 30.58 18.21 -8.30
CA TRP D 789 31.53 17.31 -8.91
C TRP D 789 32.02 16.22 -7.98
N PHE D 790 31.71 16.33 -6.70
CA PHE D 790 32.20 15.37 -5.71
C PHE D 790 31.20 14.23 -5.47
N LEU D 791 30.05 14.25 -6.13
CA LEU D 791 29.03 13.22 -5.87
C LEU D 791 29.45 11.84 -6.32
MG MG G . -20.86 -25.69 18.82
MG MG H . -33.38 -31.16 6.29
MG MG I . -44.06 24.26 4.39
MG MG J . -48.59 -10.41 -30.87
MG MG K . -22.77 -19.18 -33.70
C ACT L . -32.20 -44.94 -8.72
O ACT L . -30.96 -45.10 -8.72
OXT ACT L . -32.79 -45.15 -7.64
CH3 ACT L . -32.94 -44.50 -9.95
C ACT M . -25.14 -11.57 4.02
O ACT M . -24.47 -11.94 5.01
OXT ACT M . -25.54 -12.46 3.25
CH3 ACT M . -25.47 -10.12 3.79
C ACT N . -53.09 -1.73 -32.41
O ACT N . -52.05 -1.10 -32.67
OXT ACT N . -52.94 -2.84 -31.84
CH3 ACT N . -54.45 -1.20 -32.77
C ACT O . -21.89 6.35 -6.96
O ACT O . -22.56 6.94 -7.84
OXT ACT O . -20.97 5.63 -7.39
CH3 ACT O . -22.17 6.51 -5.50
C ACT P . -45.01 6.54 -6.88
O ACT P . -44.04 6.59 -7.65
OXT ACT P . -46.08 6.94 -7.40
CH3 ACT P . -44.90 6.05 -5.45
C ACT Q . -12.27 10.85 -29.14
O ACT Q . -12.07 12.03 -28.75
OXT ACT Q . -11.49 10.41 -30.01
CH3 ACT Q . -13.40 10.01 -28.59
C ACT R . -10.77 -15.89 9.29
O ACT R . -10.82 -14.64 9.12
OXT ACT R . -11.88 -16.49 9.29
CH3 ACT R . -9.48 -16.62 9.50
C ACT S . -28.32 15.64 -18.43
O ACT S . -28.94 15.40 -19.50
OXT ACT S . -28.50 14.82 -17.50
CH3 ACT S . -27.44 16.83 -18.28
C ACT T . -40.40 -12.34 -21.97
O ACT T . -39.41 -12.21 -21.22
OXT ACT T . -41.35 -13.02 -21.52
CH3 ACT T . -40.47 -11.74 -23.33
C ACT U . -14.97 -10.63 -22.07
O ACT U . -13.86 -10.97 -22.55
OXT ACT U . -15.10 -10.78 -20.84
CH3 ACT U . -16.07 -10.10 -22.93
C ACT V . -44.95 1.04 6.68
O ACT V . -44.52 2.12 7.15
OXT ACT V . -44.16 0.42 5.93
CH3 ACT V . -46.32 0.54 7.01
C ACT W . -42.58 -19.28 -38.08
O ACT W . -43.73 -19.21 -38.57
OXT ACT W . -42.43 -20.17 -37.20
CH3 ACT W . -41.46 -18.37 -38.50
AS CAC X . -49.18 -8.35 3.62
O1 CAC X . -50.09 -9.62 2.85
O2 CAC X . -47.99 -7.75 2.52
C1 CAC X . -50.36 -6.88 4.18
C2 CAC X . -48.32 -9.07 5.23
AS CAC Y . -27.08 -26.05 12.87
O1 CAC Y . -27.85 -25.64 14.37
O2 CAC Y . -28.16 -25.66 11.56
C1 CAC Y . -25.41 -25.02 12.70
C2 CAC Y . -26.67 -27.97 12.83
AS CAC Z . -37.48 -10.27 -45.67
O1 CAC Z . -37.46 -12.01 -45.56
O2 CAC Z . -38.38 -9.76 -47.08
C1 CAC Z . -38.33 -9.56 -44.07
C2 CAC Z . -35.63 -9.61 -45.84
MG MG AA . -29.91 -4.54 -25.39
C ACT BA . -27.80 -11.48 -14.68
O ACT BA . -28.03 -11.82 -15.87
OXT ACT BA . -27.21 -12.33 -13.95
CH3 ACT BA . -28.21 -10.14 -14.15
C ACT CA . -30.43 -11.47 -4.86
O ACT CA . -29.21 -11.15 -4.83
OXT ACT CA . -30.70 -12.63 -4.47
CH3 ACT CA . -31.48 -10.51 -5.34
C ACT DA . -10.17 2.12 6.17
O ACT DA . -10.95 3.10 6.03
OXT ACT DA . -9.57 2.06 7.27
CH3 ACT DA . -9.94 1.12 5.09
C ACT EA . 0.10 7.46 25.62
O ACT EA . -0.12 8.02 24.53
OXT ACT EA . 1.27 7.06 25.81
CH3 ACT EA . -0.98 7.29 26.64
C ACT FA . 21.92 12.88 -30.63
O ACT FA . 22.93 13.57 -30.35
OXT ACT FA . 21.12 12.67 -29.68
CH3 ACT FA . 21.69 12.33 -32.00
C ACT GA . 35.61 18.14 13.21
O ACT GA . 35.88 18.56 12.06
OXT ACT GA . 35.14 16.98 13.28
CH3 ACT GA . 35.81 18.97 14.43
C ACT HA . 22.40 5.55 10.18
O ACT HA . 21.83 6.44 9.48
OXT ACT HA . 23.44 5.04 9.70
CH3 ACT HA . 21.85 5.10 11.50
AS CAC IA . 25.32 5.95 -29.09
O1 CAC IA . 23.91 5.96 -28.08
O2 CAC IA . 24.96 6.74 -30.60
C1 CAC IA . 26.81 6.89 -28.23
C2 CAC IA . 25.84 4.09 -29.45
MG MG JA . 29.79 9.43 -7.27
C1 MPD KA . 41.09 1.43 21.11
C2 MPD KA . 39.88 0.95 20.32
O2 MPD KA . 40.08 1.37 18.95
CM MPD KA . 39.78 -0.57 20.33
C3 MPD KA . 38.61 1.57 20.87
C4 MPD KA . 37.51 1.73 19.82
O4 MPD KA . 36.41 0.94 20.16
C5 MPD KA . 37.07 3.18 19.68
C ACT LA . 33.36 8.21 7.68
O ACT LA . 33.79 8.32 6.50
OXT ACT LA . 32.42 9.00 7.98
CH3 ACT LA . 33.90 7.22 8.67
#